data_2N8G
#
_entry.id   2N8G
#
_entity_poly.entity_id   1
_entity_poly.type   'polypeptide(L)'
_entity_poly.pdbx_seq_one_letter_code
;GAPGGKSRRRRTAFTSEQLLELRKEFHCKKYLSLTERSQIAHALKLSEVQVKIWFQNERAKWKRIKAGNVS
;
_entity_poly.pdbx_strand_id   A
#
# COMPACT_ATOMS: atom_id res chain seq x y z
N GLY A 1 -6.31 -17.54 -12.69
CA GLY A 1 -5.53 -18.66 -12.15
C GLY A 1 -5.36 -18.56 -10.65
N ALA A 2 -5.20 -19.72 -10.00
CA ALA A 2 -5.26 -19.90 -8.55
C ALA A 2 -6.47 -19.17 -7.97
N PRO A 3 -7.70 -19.66 -8.19
CA PRO A 3 -8.92 -19.02 -7.73
C PRO A 3 -9.12 -19.31 -6.24
N GLY A 4 -8.66 -18.38 -5.40
CA GLY A 4 -8.59 -18.52 -3.96
C GLY A 4 -8.52 -17.13 -3.34
N GLY A 5 -7.37 -16.48 -3.43
CA GLY A 5 -7.09 -15.17 -2.85
C GLY A 5 -6.47 -15.32 -1.46
N LYS A 6 -6.30 -14.20 -0.75
CA LYS A 6 -5.65 -14.15 0.56
C LYS A 6 -4.24 -14.79 0.52
N SER A 7 -3.50 -14.57 -0.58
CA SER A 7 -2.19 -15.15 -0.83
C SER A 7 -1.13 -14.06 -1.03
N ARG A 8 0.16 -14.40 -1.08
CA ARG A 8 1.22 -13.46 -1.49
C ARG A 8 1.23 -13.32 -3.01
N ARG A 9 0.25 -12.63 -3.60
CA ARG A 9 0.24 -12.42 -5.06
C ARG A 9 1.23 -11.32 -5.44
N ARG A 10 2.49 -11.69 -5.68
CA ARG A 10 3.58 -10.85 -6.21
C ARG A 10 3.71 -9.48 -5.50
N ARG A 11 4.43 -8.53 -6.08
CA ARG A 11 4.42 -7.11 -5.74
C ARG A 11 4.44 -6.34 -7.06
N THR A 12 4.17 -5.04 -7.02
CA THR A 12 4.55 -4.13 -8.11
C THR A 12 6.07 -3.91 -8.06
N ALA A 13 6.64 -3.33 -9.12
CA ALA A 13 8.01 -2.86 -9.12
C ALA A 13 8.09 -1.56 -8.33
N PHE A 14 8.22 -1.70 -7.01
CA PHE A 14 8.57 -0.67 -6.07
C PHE A 14 9.84 -1.19 -5.39
N THR A 15 10.89 -0.40 -5.31
CA THR A 15 12.09 -0.73 -4.57
C THR A 15 11.86 -0.50 -3.07
N SER A 16 12.79 -0.93 -2.22
CA SER A 16 12.71 -0.74 -0.77
C SER A 16 12.59 0.74 -0.37
N GLU A 17 13.06 1.68 -1.18
CA GLU A 17 12.88 3.11 -0.90
C GLU A 17 11.40 3.45 -1.00
N GLN A 18 10.82 3.03 -2.12
CA GLN A 18 9.44 3.28 -2.48
C GLN A 18 8.52 2.56 -1.51
N LEU A 19 8.96 1.43 -0.94
CA LEU A 19 8.23 0.70 0.08
C LEU A 19 8.33 1.37 1.44
N LEU A 20 9.32 2.23 1.69
CA LEU A 20 9.64 2.70 3.03
C LEU A 20 8.62 3.74 3.45
N GLU A 21 8.50 4.78 2.63
CA GLU A 21 7.64 5.94 2.85
C GLU A 21 6.20 5.47 2.92
N LEU A 22 5.82 4.58 1.99
CA LEU A 22 4.47 4.01 1.88
C LEU A 22 4.05 3.34 3.17
N ARG A 23 4.95 2.54 3.74
CA ARG A 23 4.63 1.71 4.88
C ARG A 23 4.66 2.59 6.12
N LYS A 24 5.50 3.63 6.14
CA LYS A 24 5.48 4.60 7.22
C LYS A 24 4.15 5.34 7.21
N GLU A 25 3.72 5.86 6.06
CA GLU A 25 2.48 6.64 5.92
C GLU A 25 1.28 5.82 6.38
N PHE A 26 1.27 4.52 6.09
CA PHE A 26 0.19 3.60 6.43
C PHE A 26 -0.11 3.58 7.93
N HIS A 27 0.90 3.75 8.78
CA HIS A 27 0.70 3.74 10.22
C HIS A 27 0.25 5.12 10.74
N CYS A 28 0.39 6.17 9.94
CA CYS A 28 -0.14 7.50 10.25
C CYS A 28 -1.56 7.61 9.74
N LYS A 29 -1.75 7.81 8.42
CA LYS A 29 -3.03 8.26 7.89
C LYS A 29 -3.74 7.11 7.20
N LYS A 30 -4.99 6.86 7.60
CA LYS A 30 -5.80 5.83 6.96
C LYS A 30 -6.10 6.17 5.50
N TYR A 31 -6.11 7.46 5.14
CA TYR A 31 -6.32 7.97 3.79
C TYR A 31 -5.35 9.13 3.59
N LEU A 32 -4.75 9.23 2.39
CA LEU A 32 -4.05 10.43 1.93
C LEU A 32 -5.09 11.32 1.23
N SER A 33 -4.95 12.66 1.26
CA SER A 33 -5.68 13.52 0.33
C SER A 33 -5.07 13.44 -1.09
N LEU A 34 -5.63 14.19 -2.05
CA LEU A 34 -5.16 14.23 -3.44
C LEU A 34 -3.72 14.77 -3.50
N THR A 35 -3.48 15.97 -2.96
CA THR A 35 -2.15 16.57 -2.95
C THR A 35 -1.16 15.71 -2.19
N GLU A 36 -1.57 15.08 -1.09
CA GLU A 36 -0.75 14.15 -0.33
C GLU A 36 -0.27 13.00 -1.22
N ARG A 37 -1.16 12.35 -1.97
CA ARG A 37 -0.75 11.32 -2.94
C ARG A 37 0.30 11.85 -3.91
N SER A 38 0.19 13.10 -4.35
CA SER A 38 1.17 13.71 -5.23
C SER A 38 2.52 13.90 -4.52
N GLN A 39 2.57 14.08 -3.20
CA GLN A 39 3.81 14.11 -2.42
C GLN A 39 4.45 12.73 -2.51
N ILE A 40 3.75 11.70 -2.04
CA ILE A 40 4.25 10.33 -1.93
C ILE A 40 4.54 9.73 -3.33
N ALA A 41 4.07 10.39 -4.39
CA ALA A 41 4.33 10.04 -5.77
C ALA A 41 5.67 10.65 -6.19
N HIS A 42 5.80 11.97 -6.10
CA HIS A 42 7.01 12.65 -6.52
C HIS A 42 8.20 12.13 -5.71
N ALA A 43 8.00 11.96 -4.40
CA ALA A 43 9.04 11.54 -3.46
C ALA A 43 9.66 10.20 -3.83
N LEU A 44 8.96 9.40 -4.62
CA LEU A 44 9.31 8.04 -4.97
C LEU A 44 9.43 7.88 -6.48
N LYS A 45 9.44 8.97 -7.25
CA LYS A 45 9.51 8.97 -8.72
C LYS A 45 8.30 8.32 -9.40
N LEU A 46 7.27 7.95 -8.64
CA LEU A 46 6.12 7.19 -9.09
C LEU A 46 5.03 8.15 -9.56
N SER A 47 4.04 7.59 -10.26
CA SER A 47 2.84 8.31 -10.67
C SER A 47 1.80 8.33 -9.55
N GLU A 48 0.91 9.32 -9.56
CA GLU A 48 -0.19 9.45 -8.60
C GLU A 48 -1.11 8.21 -8.60
N VAL A 49 -1.16 7.49 -9.72
CA VAL A 49 -1.91 6.25 -9.90
C VAL A 49 -1.13 5.07 -9.29
N GLN A 50 0.18 4.91 -9.54
CA GLN A 50 0.98 3.85 -8.93
C GLN A 50 0.77 3.81 -7.41
N VAL A 51 0.83 4.98 -6.77
CA VAL A 51 0.68 5.08 -5.32
C VAL A 51 -0.74 4.72 -4.90
N LYS A 52 -1.79 5.21 -5.58
CA LYS A 52 -3.17 4.88 -5.21
C LYS A 52 -3.37 3.37 -5.18
N ILE A 53 -2.82 2.65 -6.17
CA ILE A 53 -2.97 1.22 -6.29
C ILE A 53 -2.25 0.52 -5.14
N TRP A 54 -1.08 1.02 -4.73
CA TRP A 54 -0.34 0.37 -3.66
C TRP A 54 -1.09 0.51 -2.34
N PHE A 55 -1.50 1.74 -1.96
CA PHE A 55 -2.19 1.98 -0.70
C PHE A 55 -3.46 1.12 -0.60
N GLN A 56 -4.24 0.97 -1.67
CA GLN A 56 -5.45 0.14 -1.64
C GLN A 56 -5.13 -1.35 -1.45
N ASN A 57 -4.02 -1.80 -2.06
CA ASN A 57 -3.59 -3.19 -2.02
C ASN A 57 -3.03 -3.51 -0.64
N GLU A 58 -2.53 -2.50 0.08
CA GLU A 58 -1.97 -2.68 1.39
C GLU A 58 -3.06 -2.74 2.44
N ARG A 59 -4.09 -1.90 2.32
CA ARG A 59 -5.18 -1.89 3.29
C ARG A 59 -5.78 -3.28 3.47
N ALA A 60 -5.89 -4.02 2.37
CA ALA A 60 -6.46 -5.37 2.38
C ALA A 60 -5.48 -6.38 2.94
N LYS A 61 -4.21 -6.31 2.51
CA LYS A 61 -3.18 -7.22 2.93
C LYS A 61 -3.00 -7.09 4.42
N TRP A 62 -3.01 -5.86 4.98
CA TRP A 62 -2.86 -5.68 6.40
C TRP A 62 -4.12 -6.09 7.13
N LYS A 63 -5.32 -5.74 6.64
CA LYS A 63 -6.55 -6.14 7.32
C LYS A 63 -6.63 -7.66 7.51
N ARG A 64 -6.14 -8.46 6.55
CA ARG A 64 -6.22 -9.92 6.67
C ARG A 64 -5.38 -10.44 7.85
N ILE A 65 -4.40 -9.67 8.29
CA ILE A 65 -3.52 -9.97 9.43
C ILE A 65 -4.30 -9.85 10.76
N LYS A 66 -5.40 -9.10 10.82
CA LYS A 66 -6.22 -8.97 12.04
C LYS A 66 -6.94 -10.29 12.27
N ALA A 67 -6.23 -11.16 13.00
CA ALA A 67 -6.56 -12.52 13.33
C ALA A 67 -7.91 -12.64 14.00
N GLY A 68 -8.04 -11.92 15.12
CA GLY A 68 -9.24 -11.86 15.92
C GLY A 68 -10.26 -10.98 15.22
N ASN A 69 -10.83 -11.50 14.14
CA ASN A 69 -11.97 -10.95 13.43
C ASN A 69 -12.83 -12.08 12.88
N VAL A 70 -12.62 -13.29 13.40
CA VAL A 70 -13.36 -14.51 13.05
C VAL A 70 -14.85 -14.37 13.44
N SER A 71 -15.16 -13.38 14.27
CA SER A 71 -16.39 -13.23 15.04
C SER A 71 -16.60 -14.39 16.02
N GLY A 1 -9.14 4.40 -19.28
CA GLY A 1 -7.90 3.93 -18.65
C GLY A 1 -6.88 3.64 -19.73
N ALA A 2 -6.29 2.45 -19.75
CA ALA A 2 -5.64 1.88 -20.92
C ALA A 2 -5.91 0.37 -20.92
N PRO A 3 -6.04 -0.27 -22.09
CA PRO A 3 -6.58 -1.62 -22.16
C PRO A 3 -5.71 -2.66 -21.45
N GLY A 4 -6.39 -3.56 -20.76
CA GLY A 4 -5.85 -4.69 -20.01
C GLY A 4 -6.97 -5.72 -19.85
N GLY A 5 -6.77 -6.73 -19.02
CA GLY A 5 -7.76 -7.77 -18.81
C GLY A 5 -7.71 -8.48 -17.45
N LYS A 6 -6.68 -8.27 -16.63
CA LYS A 6 -6.65 -8.79 -15.26
C LYS A 6 -5.70 -7.94 -14.42
N SER A 7 -5.83 -7.99 -13.11
CA SER A 7 -5.18 -7.08 -12.18
C SER A 7 -4.59 -7.92 -11.06
N ARG A 8 -3.29 -7.76 -10.78
CA ARG A 8 -2.59 -8.50 -9.73
C ARG A 8 -3.16 -8.14 -8.36
N ARG A 9 -2.88 -8.97 -7.36
CA ARG A 9 -3.27 -8.69 -5.99
C ARG A 9 -2.27 -9.19 -4.94
N ARG A 10 -1.04 -9.56 -5.34
CA ARG A 10 0.06 -9.83 -4.42
C ARG A 10 0.89 -8.56 -4.24
N ARG A 11 1.78 -8.54 -3.25
CA ARG A 11 2.78 -7.49 -3.02
C ARG A 11 3.72 -7.39 -4.24
N THR A 12 4.38 -6.26 -4.42
CA THR A 12 5.24 -5.97 -5.57
C THR A 12 6.65 -5.57 -5.11
N ALA A 13 7.62 -5.63 -6.03
CA ALA A 13 9.02 -5.27 -5.82
C ALA A 13 9.20 -3.81 -5.36
N PHE A 14 9.29 -3.60 -4.04
CA PHE A 14 9.51 -2.31 -3.39
C PHE A 14 10.86 -2.38 -2.64
N THR A 15 11.65 -1.33 -2.67
CA THR A 15 12.84 -1.17 -1.83
C THR A 15 12.48 -0.61 -0.45
N SER A 16 13.49 -0.51 0.43
CA SER A 16 13.28 -0.08 1.80
C SER A 16 12.79 1.35 1.93
N GLU A 17 13.23 2.23 1.02
CA GLU A 17 12.75 3.58 0.87
C GLU A 17 11.25 3.55 0.57
N GLN A 18 10.86 2.72 -0.39
CA GLN A 18 9.49 2.63 -0.85
C GLN A 18 8.61 2.01 0.22
N LEU A 19 9.18 1.26 1.18
CA LEU A 19 8.44 0.76 2.33
C LEU A 19 8.33 1.83 3.42
N LEU A 20 9.16 2.87 3.44
CA LEU A 20 9.26 3.77 4.59
C LEU A 20 7.96 4.56 4.73
N GLU A 21 7.63 5.27 3.65
CA GLU A 21 6.50 6.18 3.55
C GLU A 21 5.20 5.39 3.76
N LEU A 22 5.14 4.20 3.17
CA LEU A 22 4.01 3.28 3.26
C LEU A 22 3.77 2.84 4.70
N ARG A 23 4.82 2.44 5.42
CA ARG A 23 4.68 1.82 6.72
C ARG A 23 4.41 2.90 7.74
N LYS A 24 4.85 4.13 7.49
CA LYS A 24 4.39 5.27 8.28
C LYS A 24 2.89 5.45 8.08
N GLU A 25 2.47 5.67 6.84
CA GLU A 25 1.12 6.12 6.52
C GLU A 25 0.04 5.08 6.86
N PHE A 26 0.42 3.83 7.08
CA PHE A 26 -0.50 2.81 7.55
C PHE A 26 -0.96 3.10 8.98
N HIS A 27 -0.18 3.85 9.74
CA HIS A 27 -0.52 4.36 11.06
C HIS A 27 -1.00 5.81 10.98
N CYS A 28 -0.33 6.67 10.20
CA CYS A 28 -0.65 8.10 10.18
C CYS A 28 -1.99 8.41 9.48
N LYS A 29 -2.45 7.56 8.56
CA LYS A 29 -3.62 7.80 7.70
C LYS A 29 -4.39 6.48 7.61
N LYS A 30 -5.47 6.45 6.82
CA LYS A 30 -6.31 5.26 6.67
C LYS A 30 -6.48 4.84 5.21
N TYR A 31 -6.55 5.78 4.26
CA TYR A 31 -6.60 5.51 2.84
C TYR A 31 -6.20 6.76 2.09
N LEU A 32 -5.88 6.61 0.82
CA LEU A 32 -5.42 7.70 -0.05
C LEU A 32 -6.56 8.13 -0.96
N SER A 33 -6.69 9.44 -1.22
CA SER A 33 -7.45 9.95 -2.37
C SER A 33 -6.68 9.68 -3.68
N LEU A 34 -7.22 10.15 -4.81
CA LEU A 34 -6.56 10.18 -6.10
C LEU A 34 -5.21 10.89 -5.95
N THR A 35 -5.28 12.16 -5.54
CA THR A 35 -4.15 13.07 -5.42
C THR A 35 -3.11 12.54 -4.41
N GLU A 36 -3.56 11.93 -3.32
CA GLU A 36 -2.68 11.36 -2.32
C GLU A 36 -1.86 10.20 -2.92
N ARG A 37 -2.49 9.28 -3.66
CA ARG A 37 -1.76 8.24 -4.40
C ARG A 37 -0.77 8.85 -5.37
N SER A 38 -1.07 10.01 -5.96
CA SER A 38 -0.17 10.70 -6.86
C SER A 38 1.15 11.01 -6.13
N GLN A 39 1.05 11.63 -4.94
CA GLN A 39 2.21 11.97 -4.10
C GLN A 39 3.02 10.72 -3.78
N ILE A 40 2.38 9.75 -3.13
CA ILE A 40 3.07 8.61 -2.50
C ILE A 40 3.53 7.59 -3.54
N ALA A 41 3.21 7.83 -4.81
CA ALA A 41 3.79 7.16 -5.95
C ALA A 41 5.01 7.94 -6.41
N HIS A 42 4.86 9.24 -6.67
CA HIS A 42 5.94 10.09 -7.16
C HIS A 42 7.13 10.09 -6.19
N ALA A 43 6.85 10.22 -4.89
CA ALA A 43 7.86 10.27 -3.83
C ALA A 43 8.69 8.98 -3.75
N LEU A 44 8.28 7.93 -4.45
CA LEU A 44 8.89 6.60 -4.45
C LEU A 44 9.17 6.14 -5.89
N LYS A 45 9.06 7.03 -6.89
CA LYS A 45 9.12 6.76 -8.33
C LYS A 45 8.14 5.69 -8.85
N LEU A 46 7.21 5.24 -8.03
CA LEU A 46 6.23 4.20 -8.34
C LEU A 46 5.10 4.80 -9.19
N SER A 47 4.18 3.95 -9.64
CA SER A 47 2.89 4.36 -10.19
C SER A 47 1.84 4.30 -9.09
N GLU A 48 0.75 5.07 -9.21
CA GLU A 48 -0.38 5.08 -8.26
C GLU A 48 -0.86 3.66 -7.93
N VAL A 49 -1.02 2.84 -8.97
CA VAL A 49 -1.54 1.49 -8.86
C VAL A 49 -0.64 0.66 -7.95
N GLN A 50 0.68 0.79 -8.07
CA GLN A 50 1.60 -0.04 -7.32
C GLN A 50 1.47 0.26 -5.83
N VAL A 51 1.34 1.53 -5.46
CA VAL A 51 1.05 1.98 -4.10
C VAL A 51 -0.25 1.32 -3.66
N LYS A 52 -1.33 1.45 -4.44
CA LYS A 52 -2.61 0.80 -4.14
C LYS A 52 -2.43 -0.69 -3.86
N ILE A 53 -1.65 -1.42 -4.67
CA ILE A 53 -1.48 -2.86 -4.50
C ILE A 53 -0.77 -3.16 -3.17
N TRP A 54 0.22 -2.35 -2.75
CA TRP A 54 0.83 -2.59 -1.43
C TRP A 54 -0.20 -2.33 -0.33
N PHE A 55 -0.85 -1.14 -0.36
CA PHE A 55 -1.83 -0.73 0.65
C PHE A 55 -2.87 -1.84 0.84
N GLN A 56 -3.53 -2.29 -0.24
CA GLN A 56 -4.57 -3.30 -0.12
C GLN A 56 -4.08 -4.62 0.50
N ASN A 57 -2.84 -5.01 0.20
CA ASN A 57 -2.29 -6.29 0.62
C ASN A 57 -2.07 -6.25 2.12
N GLU A 58 -1.56 -5.12 2.59
CA GLU A 58 -1.25 -4.94 4.01
C GLU A 58 -2.57 -4.82 4.78
N ARG A 59 -3.58 -4.17 4.19
CA ARG A 59 -4.94 -4.05 4.70
C ARG A 59 -5.71 -5.36 4.78
N ALA A 60 -5.17 -6.49 4.32
CA ALA A 60 -5.69 -7.82 4.65
C ALA A 60 -4.85 -8.46 5.74
N LYS A 61 -3.53 -8.37 5.65
CA LYS A 61 -2.60 -8.94 6.61
C LYS A 61 -2.87 -8.40 8.02
N TRP A 62 -2.89 -7.08 8.18
CA TRP A 62 -3.18 -6.48 9.46
C TRP A 62 -4.63 -6.74 9.89
N LYS A 63 -5.55 -6.93 8.95
CA LYS A 63 -6.94 -7.24 9.30
C LYS A 63 -7.10 -8.65 9.88
N ARG A 64 -6.15 -9.57 9.70
CA ARG A 64 -6.10 -10.79 10.51
C ARG A 64 -5.46 -10.57 11.87
N ILE A 65 -4.55 -9.62 11.98
CA ILE A 65 -3.96 -9.22 13.25
C ILE A 65 -5.11 -8.64 14.09
N LYS A 66 -5.57 -7.42 13.78
CA LYS A 66 -6.57 -6.65 14.51
C LYS A 66 -6.39 -6.60 16.04
N ALA A 67 -5.26 -7.02 16.59
CA ALA A 67 -4.95 -6.95 18.00
C ALA A 67 -4.91 -5.48 18.43
N GLY A 68 -4.10 -4.69 17.75
CA GLY A 68 -3.99 -3.26 17.97
C GLY A 68 -3.23 -2.97 19.26
N ASN A 69 -1.99 -3.46 19.33
CA ASN A 69 -0.97 -2.99 20.26
C ASN A 69 0.25 -2.56 19.42
N VAL A 70 -0.02 -1.95 18.26
CA VAL A 70 0.91 -1.59 17.20
C VAL A 70 1.90 -2.74 16.86
N SER A 71 1.40 -3.96 16.90
CA SER A 71 2.12 -5.20 16.62
C SER A 71 2.01 -5.48 15.13
N GLY A 1 8.26 -9.13 11.71
CA GLY A 1 8.69 -8.26 10.62
C GLY A 1 8.03 -8.73 9.34
N ALA A 2 8.82 -9.22 8.38
CA ALA A 2 8.32 -9.90 7.19
C ALA A 2 9.29 -11.02 6.79
N PRO A 3 9.43 -12.08 7.60
CA PRO A 3 10.37 -13.17 7.32
C PRO A 3 9.86 -14.12 6.23
N GLY A 4 8.58 -14.03 5.86
CA GLY A 4 7.92 -14.99 4.99
C GLY A 4 6.59 -14.39 4.60
N GLY A 5 6.59 -13.56 3.55
CA GLY A 5 5.43 -12.84 3.06
C GLY A 5 5.31 -13.07 1.57
N LYS A 6 4.51 -14.07 1.17
CA LYS A 6 4.33 -14.47 -0.23
C LYS A 6 2.91 -14.08 -0.65
N SER A 7 2.62 -12.78 -0.68
CA SER A 7 1.32 -12.22 -1.00
C SER A 7 1.49 -11.05 -1.95
N ARG A 8 1.86 -11.35 -3.19
CA ARG A 8 1.93 -10.42 -4.32
C ARG A 8 0.53 -10.32 -4.92
N ARG A 9 -0.24 -9.27 -4.63
CA ARG A 9 -1.43 -8.94 -5.42
C ARG A 9 -1.02 -7.87 -6.43
N ARG A 10 -1.58 -7.93 -7.64
CA ARG A 10 -1.53 -6.90 -8.70
C ARG A 10 -0.11 -6.34 -8.84
N ARG A 11 0.84 -7.16 -9.29
CA ARG A 11 2.26 -6.82 -9.34
C ARG A 11 2.47 -5.67 -10.32
N THR A 12 2.60 -4.45 -9.84
CA THR A 12 3.02 -3.28 -10.62
C THR A 12 4.51 -2.98 -10.45
N ALA A 13 5.28 -4.01 -10.12
CA ALA A 13 6.74 -3.93 -10.24
C ALA A 13 7.33 -2.90 -9.26
N PHE A 14 6.72 -2.81 -8.09
CA PHE A 14 7.20 -2.02 -6.98
C PHE A 14 8.37 -2.78 -6.40
N THR A 15 9.49 -2.09 -6.29
CA THR A 15 10.66 -2.59 -5.57
C THR A 15 10.38 -2.60 -4.07
N SER A 16 11.34 -3.11 -3.33
CA SER A 16 11.34 -3.13 -1.89
C SER A 16 11.25 -1.75 -1.25
N GLU A 17 12.00 -0.76 -1.74
CA GLU A 17 11.99 0.58 -1.22
C GLU A 17 10.56 1.11 -1.25
N GLN A 18 9.94 0.97 -2.43
CA GLN A 18 8.60 1.45 -2.71
C GLN A 18 7.59 0.68 -1.87
N LEU A 19 7.84 -0.61 -1.57
CA LEU A 19 6.99 -1.39 -0.70
C LEU A 19 7.15 -1.00 0.78
N LEU A 20 8.28 -0.40 1.19
CA LEU A 20 8.57 -0.19 2.59
C LEU A 20 7.75 1.01 3.08
N GLU A 21 7.90 2.15 2.41
CA GLU A 21 7.27 3.41 2.78
C GLU A 21 5.74 3.25 2.75
N LEU A 22 5.24 2.51 1.76
CA LEU A 22 3.84 2.17 1.59
C LEU A 22 3.28 1.44 2.80
N ARG A 23 4.01 0.45 3.31
CA ARG A 23 3.53 -0.36 4.41
C ARG A 23 3.63 0.45 5.69
N LYS A 24 4.68 1.27 5.80
CA LYS A 24 4.87 2.13 6.95
C LYS A 24 3.67 3.05 7.11
N GLU A 25 3.26 3.69 6.01
CA GLU A 25 2.11 4.56 5.96
C GLU A 25 0.81 3.79 6.22
N PHE A 26 0.70 2.55 5.74
CA PHE A 26 -0.43 1.67 5.99
C PHE A 26 -0.58 1.31 7.49
N HIS A 27 0.48 1.48 8.29
CA HIS A 27 0.42 1.27 9.75
C HIS A 27 0.12 2.56 10.52
N CYS A 28 -0.08 3.71 9.88
CA CYS A 28 -0.43 4.94 10.59
C CYS A 28 -1.63 5.69 10.01
N LYS A 29 -2.06 5.46 8.77
CA LYS A 29 -3.14 6.24 8.13
C LYS A 29 -4.15 5.32 7.44
N LYS A 30 -5.42 5.74 7.45
CA LYS A 30 -6.55 5.13 6.73
C LYS A 30 -6.64 5.65 5.29
N TYR A 31 -6.21 6.88 5.02
CA TYR A 31 -6.17 7.46 3.70
C TYR A 31 -5.00 8.44 3.66
N LEU A 32 -4.30 8.52 2.53
CA LEU A 32 -3.44 9.66 2.22
C LEU A 32 -4.35 10.78 1.72
N SER A 33 -3.93 12.03 1.91
CA SER A 33 -4.55 13.21 1.34
C SER A 33 -3.72 13.69 0.13
N LEU A 34 -4.14 14.75 -0.54
CA LEU A 34 -3.67 15.03 -1.90
C LEU A 34 -2.19 15.42 -1.90
N THR A 35 -1.77 16.21 -0.92
CA THR A 35 -0.36 16.53 -0.68
C THR A 35 0.37 15.23 -0.32
N GLU A 36 -0.12 14.49 0.67
CA GLU A 36 0.52 13.30 1.21
C GLU A 36 0.81 12.29 0.10
N ARG A 37 -0.19 11.97 -0.72
CA ARG A 37 -0.07 10.99 -1.78
C ARG A 37 0.88 11.46 -2.86
N SER A 38 0.96 12.77 -3.10
CA SER A 38 1.99 13.32 -3.99
C SER A 38 3.36 12.97 -3.41
N GLN A 39 3.59 13.24 -2.12
CA GLN A 39 4.87 13.01 -1.47
C GLN A 39 5.27 11.53 -1.59
N ILE A 40 4.37 10.61 -1.23
CA ILE A 40 4.63 9.16 -1.27
C ILE A 40 4.75 8.64 -2.71
N ALA A 41 4.43 9.46 -3.72
CA ALA A 41 4.64 9.11 -5.11
C ALA A 41 5.99 9.62 -5.58
N HIS A 42 6.21 10.93 -5.47
CA HIS A 42 7.44 11.58 -5.91
C HIS A 42 8.65 11.01 -5.18
N ALA A 43 8.56 10.80 -3.86
CA ALA A 43 9.65 10.25 -3.05
C ALA A 43 10.02 8.83 -3.46
N LEU A 44 9.10 8.12 -4.11
CA LEU A 44 9.29 6.76 -4.58
C LEU A 44 9.54 6.71 -6.07
N LYS A 45 9.61 7.86 -6.76
CA LYS A 45 9.78 8.00 -8.19
C LYS A 45 8.60 7.46 -8.99
N LEU A 46 7.50 7.07 -8.34
CA LEU A 46 6.30 6.52 -8.96
C LEU A 46 5.38 7.65 -9.43
N SER A 47 4.38 7.35 -10.27
CA SER A 47 3.30 8.30 -10.52
C SER A 47 2.28 8.17 -9.40
N GLU A 48 1.56 9.27 -9.13
CA GLU A 48 0.48 9.35 -8.15
C GLU A 48 -0.46 8.16 -8.25
N VAL A 49 -0.87 7.87 -9.48
CA VAL A 49 -1.79 6.83 -9.84
C VAL A 49 -1.27 5.45 -9.39
N GLN A 50 0.00 5.14 -9.59
CA GLN A 50 0.54 3.82 -9.25
C GLN A 50 0.32 3.56 -7.75
N VAL A 51 0.59 4.58 -6.94
CA VAL A 51 0.49 4.56 -5.48
C VAL A 51 -0.97 4.44 -5.09
N LYS A 52 -1.86 5.28 -5.63
CA LYS A 52 -3.28 5.26 -5.27
C LYS A 52 -3.87 3.87 -5.55
N ILE A 53 -3.40 3.17 -6.59
CA ILE A 53 -3.83 1.82 -6.93
C ILE A 53 -3.24 0.81 -5.94
N TRP A 54 -1.97 0.94 -5.50
CA TRP A 54 -1.41 0.01 -4.52
C TRP A 54 -2.21 0.08 -3.23
N PHE A 55 -2.36 1.27 -2.63
CA PHE A 55 -3.04 1.40 -1.34
C PHE A 55 -4.47 0.88 -1.39
N GLN A 56 -5.21 1.06 -2.51
CA GLN A 56 -6.57 0.55 -2.59
C GLN A 56 -6.60 -0.97 -2.70
N ASN A 57 -5.69 -1.55 -3.47
CA ASN A 57 -5.60 -2.99 -3.65
C ASN A 57 -5.23 -3.63 -2.32
N GLU A 58 -4.38 -2.96 -1.55
CA GLU A 58 -3.85 -3.47 -0.30
C GLU A 58 -4.90 -3.34 0.78
N ARG A 59 -5.57 -2.18 0.91
CA ARG A 59 -6.57 -2.01 1.94
C ARG A 59 -7.67 -3.04 1.81
N ALA A 60 -8.04 -3.36 0.57
CA ALA A 60 -9.04 -4.36 0.29
C ALA A 60 -8.52 -5.74 0.67
N LYS A 61 -7.32 -6.13 0.20
CA LYS A 61 -6.79 -7.45 0.50
C LYS A 61 -6.59 -7.65 2.00
N TRP A 62 -6.34 -6.57 2.74
CA TRP A 62 -6.23 -6.62 4.18
C TRP A 62 -7.61 -6.58 4.86
N LYS A 63 -8.59 -5.80 4.38
CA LYS A 63 -9.91 -5.73 5.03
C LYS A 63 -10.56 -7.11 5.13
N ARG A 64 -10.38 -7.98 4.13
CA ARG A 64 -10.89 -9.35 4.20
C ARG A 64 -10.26 -10.19 5.32
N ILE A 65 -9.18 -9.72 5.93
CA ILE A 65 -8.52 -10.38 7.06
C ILE A 65 -9.22 -10.04 8.39
N LYS A 66 -10.06 -9.00 8.43
CA LYS A 66 -10.98 -8.77 9.54
C LYS A 66 -12.08 -9.84 9.46
N ALA A 67 -11.74 -11.05 9.90
CA ALA A 67 -12.61 -12.20 9.93
C ALA A 67 -13.85 -11.87 10.77
N GLY A 68 -13.60 -11.44 12.01
CA GLY A 68 -14.59 -10.88 12.91
C GLY A 68 -14.30 -11.08 14.40
N ASN A 69 -13.10 -11.49 14.84
CA ASN A 69 -12.89 -11.95 16.20
C ASN A 69 -11.45 -11.73 16.66
N VAL A 70 -10.73 -10.80 16.02
CA VAL A 70 -9.38 -10.35 16.35
C VAL A 70 -9.24 -9.82 17.79
N SER A 71 -10.36 -9.58 18.47
CA SER A 71 -10.36 -9.16 19.87
C SER A 71 -9.82 -10.30 20.74
N GLY A 1 -6.26 -22.66 8.12
CA GLY A 1 -6.25 -22.24 6.72
C GLY A 1 -6.33 -20.73 6.62
N ALA A 2 -7.52 -20.22 6.29
CA ALA A 2 -7.84 -18.90 5.77
C ALA A 2 -7.34 -18.77 4.31
N PRO A 3 -8.07 -18.05 3.43
CA PRO A 3 -7.72 -17.95 2.03
C PRO A 3 -6.53 -16.99 1.82
N GLY A 4 -6.06 -16.88 0.58
CA GLY A 4 -4.97 -16.01 0.19
C GLY A 4 -4.77 -16.03 -1.33
N GLY A 5 -5.86 -16.21 -2.09
CA GLY A 5 -5.90 -16.34 -3.54
C GLY A 5 -6.33 -15.04 -4.19
N LYS A 6 -6.76 -15.12 -5.47
CA LYS A 6 -7.29 -14.02 -6.29
C LYS A 6 -6.45 -12.73 -6.23
N SER A 7 -5.13 -12.87 -6.02
CA SER A 7 -4.19 -11.78 -5.79
C SER A 7 -2.79 -12.19 -6.25
N ARG A 8 -1.86 -11.22 -6.28
CA ARG A 8 -0.41 -11.44 -6.32
C ARG A 8 0.15 -10.88 -5.01
N ARG A 9 1.44 -11.12 -4.75
CA ARG A 9 2.06 -10.77 -3.48
C ARG A 9 3.19 -9.78 -3.71
N ARG A 10 2.89 -8.49 -3.55
CA ARG A 10 3.76 -7.33 -3.73
C ARG A 10 4.59 -7.45 -5.01
N ARG A 11 3.95 -7.28 -6.17
CA ARG A 11 4.59 -7.52 -7.46
C ARG A 11 4.37 -6.33 -8.39
N THR A 12 5.07 -5.22 -8.16
CA THR A 12 5.13 -4.11 -9.11
C THR A 12 6.54 -3.49 -9.08
N ALA A 13 6.83 -2.57 -10.00
CA ALA A 13 8.09 -1.83 -10.04
C ALA A 13 8.09 -0.73 -8.98
N PHE A 14 8.31 -1.12 -7.73
CA PHE A 14 8.71 -0.24 -6.63
C PHE A 14 10.00 -0.86 -6.10
N THR A 15 11.10 -0.10 -6.05
CA THR A 15 12.33 -0.61 -5.45
C THR A 15 12.16 -0.66 -3.91
N SER A 16 13.05 -1.34 -3.20
CA SER A 16 12.95 -1.48 -1.74
C SER A 16 12.94 -0.15 -1.00
N GLU A 17 13.59 0.88 -1.54
CA GLU A 17 13.57 2.25 -1.07
C GLU A 17 12.15 2.79 -1.07
N GLN A 18 11.48 2.70 -2.21
CA GLN A 18 10.13 3.23 -2.42
C GLN A 18 9.14 2.41 -1.60
N LEU A 19 9.45 1.14 -1.34
CA LEU A 19 8.63 0.26 -0.52
C LEU A 19 8.82 0.52 0.97
N LEU A 20 9.84 1.28 1.36
CA LEU A 20 10.25 1.45 2.75
C LEU A 20 9.35 2.51 3.37
N GLU A 21 9.34 3.66 2.70
CA GLU A 21 8.76 4.91 3.13
C GLU A 21 7.22 4.75 3.16
N LEU A 22 6.68 4.01 2.19
CA LEU A 22 5.27 3.66 2.07
C LEU A 22 4.77 2.95 3.32
N ARG A 23 5.65 2.20 4.00
CA ARG A 23 5.30 1.40 5.16
C ARG A 23 5.40 2.25 6.43
N LYS A 24 5.92 3.49 6.36
CA LYS A 24 5.83 4.45 7.43
C LYS A 24 4.39 4.95 7.46
N GLU A 25 3.96 5.59 6.37
CA GLU A 25 2.63 6.18 6.27
C GLU A 25 1.53 5.14 6.48
N PHE A 26 1.83 3.86 6.22
CA PHE A 26 0.92 2.75 6.46
C PHE A 26 0.38 2.72 7.90
N HIS A 27 1.18 3.08 8.90
CA HIS A 27 0.85 2.86 10.30
C HIS A 27 0.20 4.08 10.97
N CYS A 28 -0.07 5.17 10.23
CA CYS A 28 -0.58 6.42 10.77
C CYS A 28 -1.74 7.00 9.96
N LYS A 29 -1.60 7.14 8.64
CA LYS A 29 -2.64 7.61 7.75
C LYS A 29 -3.87 6.71 7.87
N LYS A 30 -5.08 7.28 7.79
CA LYS A 30 -6.30 6.53 7.49
C LYS A 30 -6.61 6.56 5.99
N TYR A 31 -6.42 7.68 5.31
CA TYR A 31 -6.62 7.83 3.86
C TYR A 31 -5.68 8.91 3.34
N LEU A 32 -5.14 8.73 2.13
CA LEU A 32 -4.39 9.79 1.45
C LEU A 32 -5.42 10.73 0.86
N SER A 33 -5.39 11.98 1.33
CA SER A 33 -6.14 13.05 0.71
C SER A 33 -5.51 13.44 -0.63
N LEU A 34 -6.13 14.40 -1.33
CA LEU A 34 -5.80 14.75 -2.71
C LEU A 34 -4.34 15.17 -2.85
N THR A 35 -3.85 15.93 -1.86
CA THR A 35 -2.47 16.38 -1.77
C THR A 35 -1.53 15.20 -1.50
N GLU A 36 -1.78 14.45 -0.40
CA GLU A 36 -0.95 13.32 0.03
C GLU A 36 -0.65 12.39 -1.13
N ARG A 37 -1.68 12.03 -1.88
CA ARG A 37 -1.60 11.08 -2.99
C ARG A 37 -0.67 11.55 -4.12
N SER A 38 -0.40 12.86 -4.22
CA SER A 38 0.58 13.43 -5.13
C SER A 38 1.94 13.55 -4.46
N GLN A 39 2.01 13.95 -3.19
CA GLN A 39 3.27 14.10 -2.46
C GLN A 39 4.04 12.78 -2.41
N ILE A 40 3.40 11.71 -1.93
CA ILE A 40 4.01 10.37 -1.81
C ILE A 40 4.33 9.76 -3.18
N ALA A 41 3.80 10.35 -4.24
CA ALA A 41 4.08 9.95 -5.62
C ALA A 41 5.32 10.67 -6.09
N HIS A 42 5.29 11.99 -6.02
CA HIS A 42 6.36 12.88 -6.47
C HIS A 42 7.67 12.58 -5.75
N ALA A 43 7.61 12.37 -4.43
CA ALA A 43 8.78 12.08 -3.60
C ALA A 43 9.55 10.89 -4.16
N LEU A 44 8.82 9.91 -4.70
CA LEU A 44 9.34 8.62 -5.13
C LEU A 44 9.39 8.54 -6.66
N LYS A 45 9.10 9.65 -7.35
CA LYS A 45 8.99 9.77 -8.80
C LYS A 45 8.00 8.80 -9.46
N LEU A 46 7.10 8.22 -8.67
CA LEU A 46 6.05 7.34 -9.14
C LEU A 46 4.83 8.19 -9.49
N SER A 47 3.88 7.65 -10.26
CA SER A 47 2.60 8.33 -10.46
C SER A 47 1.71 8.17 -9.24
N GLU A 48 0.74 9.07 -9.08
CA GLU A 48 -0.29 8.99 -8.04
C GLU A 48 -0.99 7.63 -8.08
N VAL A 49 -1.27 7.17 -9.29
CA VAL A 49 -1.99 5.93 -9.55
C VAL A 49 -1.18 4.76 -8.97
N GLN A 50 0.12 4.73 -9.18
CA GLN A 50 0.98 3.69 -8.65
C GLN A 50 0.85 3.67 -7.13
N VAL A 51 0.98 4.82 -6.48
CA VAL A 51 0.92 4.91 -5.03
C VAL A 51 -0.48 4.52 -4.54
N LYS A 52 -1.55 4.97 -5.19
CA LYS A 52 -2.91 4.63 -4.76
C LYS A 52 -3.06 3.11 -4.73
N ILE A 53 -2.58 2.44 -5.78
CA ILE A 53 -2.66 1.00 -5.95
C ILE A 53 -1.84 0.29 -4.87
N TRP A 54 -0.63 0.77 -4.53
CA TRP A 54 0.15 0.10 -3.49
C TRP A 54 -0.58 0.19 -2.16
N PHE A 55 -0.99 1.39 -1.77
CA PHE A 55 -1.63 1.65 -0.49
C PHE A 55 -2.93 0.84 -0.32
N GLN A 56 -3.72 0.63 -1.38
CA GLN A 56 -4.90 -0.23 -1.31
C GLN A 56 -4.48 -1.69 -1.11
N ASN A 57 -3.52 -2.17 -1.92
CA ASN A 57 -3.13 -3.58 -1.97
C ASN A 57 -2.59 -4.02 -0.62
N GLU A 58 -1.92 -3.09 0.04
CA GLU A 58 -1.30 -3.32 1.33
C GLU A 58 -2.34 -3.21 2.43
N ARG A 59 -3.23 -2.19 2.42
CA ARG A 59 -4.24 -2.08 3.48
C ARG A 59 -5.08 -3.36 3.49
N ALA A 60 -5.38 -3.85 2.29
CA ALA A 60 -6.16 -5.05 2.05
C ALA A 60 -5.45 -6.29 2.58
N LYS A 61 -4.17 -6.50 2.22
CA LYS A 61 -3.47 -7.69 2.72
C LYS A 61 -3.36 -7.61 4.23
N TRP A 62 -3.02 -6.46 4.80
CA TRP A 62 -2.90 -6.37 6.25
C TRP A 62 -4.27 -6.63 6.89
N LYS A 63 -5.37 -6.14 6.30
CA LYS A 63 -6.70 -6.45 6.80
C LYS A 63 -6.96 -7.95 6.89
N ARG A 64 -6.50 -8.78 5.95
CA ARG A 64 -6.75 -10.23 6.04
C ARG A 64 -6.11 -10.88 7.26
N ILE A 65 -5.07 -10.23 7.82
CA ILE A 65 -4.36 -10.66 9.04
C ILE A 65 -5.19 -10.34 10.30
N LYS A 66 -6.28 -9.56 10.20
CA LYS A 66 -7.26 -9.42 11.29
C LYS A 66 -7.99 -10.75 11.47
N ALA A 67 -7.34 -11.80 11.97
CA ALA A 67 -7.90 -13.14 12.03
C ALA A 67 -9.11 -13.23 12.97
N GLY A 68 -9.22 -12.33 13.94
CA GLY A 68 -10.40 -12.18 14.76
C GLY A 68 -11.43 -11.31 14.05
N ASN A 69 -11.80 -11.64 12.81
CA ASN A 69 -12.91 -10.99 12.08
C ASN A 69 -13.80 -12.00 11.36
N VAL A 70 -13.60 -13.29 11.65
CA VAL A 70 -14.35 -14.44 11.16
C VAL A 70 -14.62 -14.34 9.65
N SER A 71 -13.56 -14.17 8.86
CA SER A 71 -13.65 -13.78 7.46
C SER A 71 -12.97 -14.80 6.56
N GLY A 1 2.38 -15.42 14.22
CA GLY A 1 3.69 -15.38 14.88
C GLY A 1 4.54 -14.31 14.24
N ALA A 2 5.67 -14.70 13.65
CA ALA A 2 6.43 -13.88 12.72
C ALA A 2 6.16 -14.42 11.30
N PRO A 3 5.03 -14.04 10.67
CA PRO A 3 4.63 -14.53 9.36
C PRO A 3 5.44 -13.84 8.26
N GLY A 4 5.41 -14.40 7.07
CA GLY A 4 5.88 -13.76 5.84
C GLY A 4 5.19 -14.44 4.67
N GLY A 5 5.09 -13.76 3.53
CA GLY A 5 4.38 -14.29 2.39
C GLY A 5 4.74 -13.51 1.13
N LYS A 6 4.76 -14.20 -0.01
CA LYS A 6 5.33 -13.73 -1.27
C LYS A 6 4.31 -14.03 -2.38
N SER A 7 3.26 -13.23 -2.47
CA SER A 7 2.39 -13.19 -3.65
C SER A 7 3.00 -12.21 -4.67
N ARG A 8 2.72 -12.40 -5.95
CA ARG A 8 3.22 -11.60 -7.07
C ARG A 8 2.15 -11.53 -8.17
N ARG A 9 2.51 -11.12 -9.39
CA ARG A 9 1.67 -11.21 -10.60
C ARG A 9 0.37 -10.40 -10.52
N ARG A 10 0.25 -9.45 -9.58
CA ARG A 10 -0.94 -8.64 -9.38
C ARG A 10 -0.59 -7.32 -8.66
N ARG A 11 0.52 -6.68 -9.03
CA ARG A 11 0.84 -5.32 -8.58
C ARG A 11 1.82 -4.70 -9.56
N THR A 12 1.84 -3.38 -9.67
CA THR A 12 2.75 -2.68 -10.56
C THR A 12 4.20 -2.92 -10.11
N ALA A 13 5.15 -2.67 -11.01
CA ALA A 13 6.58 -3.01 -10.88
C ALA A 13 7.34 -2.10 -9.91
N PHE A 14 6.92 -2.07 -8.66
CA PHE A 14 7.55 -1.32 -7.60
C PHE A 14 8.78 -2.09 -7.14
N THR A 15 9.89 -1.37 -7.06
CA THR A 15 11.13 -1.83 -6.46
C THR A 15 11.02 -1.75 -4.93
N SER A 16 11.91 -2.45 -4.22
CA SER A 16 11.83 -2.60 -2.77
C SER A 16 11.86 -1.28 -2.02
N GLU A 17 12.61 -0.29 -2.51
CA GLU A 17 12.69 0.99 -1.86
C GLU A 17 11.33 1.69 -1.88
N GLN A 18 10.60 1.58 -2.99
CA GLN A 18 9.28 2.18 -3.14
C GLN A 18 8.27 1.43 -2.29
N LEU A 19 8.44 0.11 -2.13
CA LEU A 19 7.59 -0.72 -1.29
C LEU A 19 7.77 -0.40 0.21
N LEU A 20 8.76 0.40 0.58
CA LEU A 20 9.05 0.73 1.97
C LEU A 20 8.10 1.81 2.49
N GLU A 21 8.16 2.99 1.88
CA GLU A 21 7.52 4.19 2.43
C GLU A 21 5.99 4.09 2.37
N LEU A 22 5.51 3.30 1.43
CA LEU A 22 4.17 2.73 1.34
C LEU A 22 3.75 2.12 2.67
N ARG A 23 4.54 1.18 3.17
CA ARG A 23 4.22 0.40 4.36
C ARG A 23 4.53 1.22 5.60
N LYS A 24 5.29 2.31 5.49
CA LYS A 24 5.44 3.25 6.58
C LYS A 24 4.09 3.93 6.80
N GLU A 25 3.56 4.57 5.77
CA GLU A 25 2.33 5.33 5.89
C GLU A 25 1.15 4.42 6.21
N PHE A 26 1.07 3.20 5.63
CA PHE A 26 -0.04 2.29 5.92
C PHE A 26 -0.05 1.77 7.36
N HIS A 27 1.07 1.88 8.09
CA HIS A 27 1.14 1.55 9.51
C HIS A 27 1.00 2.78 10.41
N CYS A 28 0.81 3.97 9.83
CA CYS A 28 0.57 5.20 10.55
C CYS A 28 -0.85 5.70 10.25
N LYS A 29 -1.09 6.10 9.01
CA LYS A 29 -2.25 6.85 8.57
C LYS A 29 -3.27 5.93 7.89
N LYS A 30 -4.46 6.48 7.67
CA LYS A 30 -5.62 5.75 7.16
C LYS A 30 -5.99 6.14 5.74
N TYR A 31 -5.49 7.27 5.25
CA TYR A 31 -5.72 7.72 3.89
C TYR A 31 -4.63 8.71 3.50
N LEU A 32 -4.53 9.01 2.20
CA LEU A 32 -3.71 10.10 1.67
C LEU A 32 -4.65 11.11 0.99
N SER A 33 -4.72 12.35 1.48
CA SER A 33 -5.25 13.50 0.73
C SER A 33 -4.33 13.83 -0.46
N LEU A 34 -4.69 14.85 -1.25
CA LEU A 34 -4.06 15.19 -2.52
C LEU A 34 -2.56 15.47 -2.36
N THR A 35 -2.19 16.43 -1.51
CA THR A 35 -0.79 16.73 -1.24
C THR A 35 -0.05 15.52 -0.64
N GLU A 36 -0.75 14.66 0.07
CA GLU A 36 -0.14 13.51 0.73
C GLU A 36 0.26 12.50 -0.34
N ARG A 37 -0.67 12.21 -1.25
CA ARG A 37 -0.42 11.49 -2.50
C ARG A 37 0.76 12.11 -3.24
N SER A 38 0.78 13.43 -3.44
CA SER A 38 1.86 14.12 -4.12
C SER A 38 3.21 13.71 -3.53
N GLN A 39 3.38 13.80 -2.21
CA GLN A 39 4.63 13.48 -1.52
C GLN A 39 5.00 12.02 -1.76
N ILE A 40 4.16 11.07 -1.38
CA ILE A 40 4.48 9.65 -1.39
C ILE A 40 4.61 9.12 -2.83
N ALA A 41 4.24 9.91 -3.82
CA ALA A 41 4.48 9.64 -5.23
C ALA A 41 5.85 10.18 -5.62
N HIS A 42 6.06 11.50 -5.46
CA HIS A 42 7.23 12.18 -5.97
C HIS A 42 8.49 11.72 -5.24
N ALA A 43 8.37 11.39 -3.93
CA ALA A 43 9.44 10.84 -3.12
C ALA A 43 9.92 9.47 -3.62
N LEU A 44 9.10 8.80 -4.44
CA LEU A 44 9.33 7.46 -4.96
C LEU A 44 9.46 7.47 -6.48
N LYS A 45 9.47 8.65 -7.11
CA LYS A 45 9.43 8.86 -8.56
C LYS A 45 8.20 8.24 -9.26
N LEU A 46 7.24 7.71 -8.52
CA LEU A 46 6.01 7.12 -9.05
C LEU A 46 5.02 8.23 -9.37
N SER A 47 3.98 7.88 -10.14
CA SER A 47 2.82 8.74 -10.31
C SER A 47 1.88 8.53 -9.13
N GLU A 48 1.05 9.54 -8.83
CA GLU A 48 0.09 9.47 -7.72
C GLU A 48 -0.86 8.30 -7.92
N VAL A 49 -1.35 8.09 -9.14
CA VAL A 49 -2.28 7.00 -9.43
C VAL A 49 -1.68 5.63 -9.08
N GLN A 50 -0.40 5.42 -9.37
CA GLN A 50 0.28 4.15 -9.12
C GLN A 50 0.27 3.85 -7.62
N VAL A 51 0.72 4.79 -6.80
CA VAL A 51 0.73 4.66 -5.34
C VAL A 51 -0.71 4.51 -4.82
N LYS A 52 -1.63 5.35 -5.29
CA LYS A 52 -3.05 5.34 -4.96
C LYS A 52 -3.65 3.94 -5.16
N ILE A 53 -3.26 3.22 -6.22
CA ILE A 53 -3.71 1.85 -6.48
C ILE A 53 -3.09 0.89 -5.44
N TRP A 54 -1.84 1.08 -5.05
CA TRP A 54 -1.18 0.20 -4.09
C TRP A 54 -1.91 0.24 -2.75
N PHE A 55 -2.11 1.43 -2.17
CA PHE A 55 -2.79 1.59 -0.87
C PHE A 55 -4.20 1.00 -0.89
N GLN A 56 -4.99 1.18 -1.96
CA GLN A 56 -6.33 0.59 -1.98
C GLN A 56 -6.25 -0.94 -1.94
N ASN A 57 -5.30 -1.52 -2.68
CA ASN A 57 -5.18 -2.96 -2.86
C ASN A 57 -4.87 -3.61 -1.52
N GLU A 58 -4.18 -2.90 -0.63
CA GLU A 58 -3.84 -3.38 0.69
C GLU A 58 -4.92 -3.05 1.71
N ARG A 59 -5.63 -1.93 1.59
CA ARG A 59 -6.75 -1.60 2.48
C ARG A 59 -7.96 -2.51 2.27
N ALA A 60 -7.89 -3.37 1.26
CA ALA A 60 -8.70 -4.58 1.20
C ALA A 60 -7.95 -5.81 1.72
N LYS A 61 -6.80 -6.19 1.15
CA LYS A 61 -6.16 -7.46 1.41
C LYS A 61 -5.75 -7.60 2.87
N TRP A 62 -5.27 -6.53 3.50
CA TRP A 62 -4.98 -6.52 4.92
C TRP A 62 -6.29 -6.64 5.68
N LYS A 63 -7.24 -5.74 5.40
CA LYS A 63 -8.50 -5.62 6.13
C LYS A 63 -9.24 -6.94 6.20
N ARG A 64 -9.26 -7.74 5.13
CA ARG A 64 -9.97 -9.01 5.15
C ARG A 64 -9.48 -9.99 6.22
N ILE A 65 -8.21 -9.89 6.60
CA ILE A 65 -7.55 -10.78 7.55
C ILE A 65 -8.03 -10.51 8.98
N LYS A 66 -8.45 -9.26 9.30
CA LYS A 66 -8.87 -8.88 10.64
C LYS A 66 -9.98 -9.78 11.20
N ALA A 67 -10.71 -10.48 10.34
CA ALA A 67 -11.78 -11.41 10.62
C ALA A 67 -13.03 -10.63 11.05
N GLY A 68 -13.80 -10.15 10.07
CA GLY A 68 -15.07 -9.47 10.31
C GLY A 68 -16.21 -10.45 10.55
N ASN A 69 -15.93 -11.56 11.23
CA ASN A 69 -16.76 -12.75 11.37
C ASN A 69 -16.27 -13.50 12.61
N VAL A 70 -16.08 -12.78 13.72
CA VAL A 70 -15.94 -13.36 15.06
C VAL A 70 -17.34 -13.72 15.62
N SER A 71 -18.40 -13.49 14.84
CA SER A 71 -19.79 -13.74 15.16
C SER A 71 -20.49 -14.19 13.88
N GLY A 1 -17.12 2.13 -9.00
CA GLY A 1 -17.17 0.91 -8.20
C GLY A 1 -16.25 -0.15 -8.78
N ALA A 2 -16.84 -1.26 -9.23
CA ALA A 2 -16.18 -2.48 -9.70
C ALA A 2 -15.03 -2.93 -8.77
N PRO A 3 -15.34 -3.36 -7.53
CA PRO A 3 -14.35 -3.99 -6.67
C PRO A 3 -13.99 -5.39 -7.19
N GLY A 4 -12.86 -5.92 -6.74
CA GLY A 4 -12.30 -7.19 -7.16
C GLY A 4 -11.05 -6.92 -7.96
N GLY A 5 -9.87 -7.07 -7.33
CA GLY A 5 -8.56 -6.97 -7.97
C GLY A 5 -7.96 -8.35 -8.22
N LYS A 6 -6.86 -8.42 -8.97
CA LYS A 6 -6.14 -9.68 -9.22
C LYS A 6 -5.53 -10.23 -7.92
N SER A 7 -4.95 -11.43 -7.99
CA SER A 7 -4.37 -12.14 -6.84
C SER A 7 -2.95 -12.65 -7.09
N ARG A 8 -2.24 -12.13 -8.10
CA ARG A 8 -0.85 -12.49 -8.38
C ARG A 8 -0.04 -11.23 -8.66
N ARG A 9 1.28 -11.35 -8.70
CA ARG A 9 2.23 -10.24 -8.65
C ARG A 9 1.93 -9.33 -7.47
N ARG A 10 1.70 -9.93 -6.30
CA ARG A 10 1.40 -9.23 -5.04
C ARG A 10 2.65 -8.60 -4.42
N ARG A 11 3.61 -8.16 -5.23
CA ARG A 11 4.80 -7.38 -4.88
C ARG A 11 5.05 -6.48 -6.08
N THR A 12 5.58 -5.28 -5.87
CA THR A 12 5.99 -4.36 -6.91
C THR A 12 7.46 -4.00 -6.66
N ALA A 13 8.17 -3.50 -7.68
CA ALA A 13 9.50 -2.93 -7.51
C ALA A 13 9.38 -1.67 -6.65
N PHE A 14 9.61 -1.80 -5.34
CA PHE A 14 9.83 -0.73 -4.38
C PHE A 14 11.18 -1.01 -3.73
N THR A 15 12.00 0.01 -3.48
CA THR A 15 13.22 -0.11 -2.70
C THR A 15 12.87 0.03 -1.22
N SER A 16 13.78 -0.39 -0.33
CA SER A 16 13.59 -0.27 1.11
C SER A 16 13.40 1.19 1.53
N GLU A 17 14.01 2.08 0.76
CA GLU A 17 13.97 3.54 0.83
C GLU A 17 12.53 4.06 0.81
N GLN A 18 11.74 3.49 -0.11
CA GLN A 18 10.37 3.88 -0.39
C GLN A 18 9.45 3.14 0.58
N LEU A 19 9.83 1.91 0.95
CA LEU A 19 9.07 1.09 1.89
C LEU A 19 9.12 1.64 3.31
N LEU A 20 9.98 2.62 3.58
CA LEU A 20 10.12 3.30 4.86
C LEU A 20 8.92 4.21 5.09
N GLU A 21 8.69 5.13 4.17
CA GLU A 21 7.77 6.25 4.33
C GLU A 21 6.34 5.75 4.27
N LEU A 22 6.07 4.85 3.31
CA LEU A 22 4.78 4.20 3.11
C LEU A 22 4.34 3.43 4.34
N ARG A 23 5.23 2.97 5.23
CA ARG A 23 4.78 2.30 6.44
C ARG A 23 4.18 3.33 7.36
N LYS A 24 4.80 4.51 7.42
CA LYS A 24 4.32 5.61 8.25
C LYS A 24 3.06 6.23 7.65
N GLU A 25 2.67 5.86 6.43
CA GLU A 25 1.41 6.33 5.86
C GLU A 25 0.39 5.25 5.51
N PHE A 26 0.74 3.97 5.62
CA PHE A 26 -0.13 2.83 5.44
C PHE A 26 -1.42 3.01 6.25
N HIS A 27 -1.26 3.43 7.50
CA HIS A 27 -2.31 3.61 8.48
C HIS A 27 -2.58 5.09 8.80
N CYS A 28 -1.99 6.03 8.04
CA CYS A 28 -2.22 7.47 8.21
C CYS A 28 -3.66 7.82 7.83
N LYS A 29 -4.17 7.26 6.73
CA LYS A 29 -5.53 7.52 6.26
C LYS A 29 -6.18 6.22 5.87
N LYS A 30 -7.50 6.23 5.86
CA LYS A 30 -8.29 5.16 5.27
C LYS A 30 -7.92 4.98 3.81
N TYR A 31 -7.91 6.04 3.02
CA TYR A 31 -7.41 5.99 1.66
C TYR A 31 -6.95 7.35 1.18
N LEU A 32 -6.16 7.36 0.11
CA LEU A 32 -5.70 8.56 -0.60
C LEU A 32 -6.63 8.87 -1.76
N SER A 33 -6.60 10.10 -2.26
CA SER A 33 -7.21 10.51 -3.53
C SER A 33 -6.11 10.83 -4.54
N LEU A 34 -6.48 11.36 -5.72
CA LEU A 34 -5.57 11.58 -6.84
C LEU A 34 -4.50 12.59 -6.41
N THR A 35 -4.91 13.62 -5.66
CA THR A 35 -4.01 14.62 -5.10
C THR A 35 -2.89 13.93 -4.30
N GLU A 36 -3.28 13.11 -3.32
CA GLU A 36 -2.36 12.50 -2.37
C GLU A 36 -1.52 11.43 -3.05
N ARG A 37 -2.13 10.61 -3.92
CA ARG A 37 -1.40 9.60 -4.67
C ARG A 37 -0.31 10.23 -5.54
N SER A 38 -0.51 11.43 -6.08
CA SER A 38 0.56 12.14 -6.78
C SER A 38 1.73 12.39 -5.84
N GLN A 39 1.50 12.92 -4.64
CA GLN A 39 2.56 13.32 -3.71
C GLN A 39 3.42 12.11 -3.35
N ILE A 40 2.80 11.08 -2.78
CA ILE A 40 3.45 9.91 -2.18
C ILE A 40 4.00 8.95 -3.25
N ALA A 41 3.77 9.28 -4.51
CA ALA A 41 4.39 8.62 -5.65
C ALA A 41 5.53 9.46 -6.17
N HIS A 42 5.31 10.76 -6.42
CA HIS A 42 6.31 11.66 -6.97
C HIS A 42 7.51 11.75 -6.05
N ALA A 43 7.27 11.92 -4.74
CA ALA A 43 8.35 12.06 -3.76
C ALA A 43 9.24 10.81 -3.72
N LEU A 44 8.69 9.65 -4.09
CA LEU A 44 9.37 8.37 -4.14
C LEU A 44 9.71 7.99 -5.59
N LYS A 45 9.51 8.88 -6.56
CA LYS A 45 9.67 8.69 -8.00
C LYS A 45 8.90 7.54 -8.63
N LEU A 46 7.95 6.95 -7.92
CA LEU A 46 7.07 5.90 -8.43
C LEU A 46 5.96 6.52 -9.27
N SER A 47 5.23 5.69 -10.03
CA SER A 47 3.98 6.09 -10.66
C SER A 47 2.87 6.00 -9.63
N GLU A 48 1.82 6.81 -9.76
CA GLU A 48 0.72 6.84 -8.80
C GLU A 48 0.04 5.48 -8.69
N VAL A 49 -0.05 4.78 -9.81
CA VAL A 49 -0.69 3.46 -9.88
C VAL A 49 0.10 2.45 -9.06
N GLN A 50 1.43 2.48 -9.13
CA GLN A 50 2.30 1.59 -8.35
C GLN A 50 1.96 1.75 -6.86
N VAL A 51 1.80 2.99 -6.41
CA VAL A 51 1.53 3.30 -5.01
C VAL A 51 0.08 2.97 -4.65
N LYS A 52 -0.92 3.13 -5.54
CA LYS A 52 -2.29 2.71 -5.21
C LYS A 52 -2.42 1.19 -5.13
N ILE A 53 -1.52 0.44 -5.77
CA ILE A 53 -1.45 -1.01 -5.66
C ILE A 53 -0.69 -1.41 -4.39
N TRP A 54 0.29 -0.63 -3.92
CA TRP A 54 1.02 -1.00 -2.71
C TRP A 54 0.09 -1.01 -1.50
N PHE A 55 -0.57 0.12 -1.25
CA PHE A 55 -1.42 0.33 -0.07
C PHE A 55 -2.45 -0.80 0.03
N GLN A 56 -3.17 -1.09 -1.06
CA GLN A 56 -4.16 -2.17 -1.09
C GLN A 56 -3.55 -3.54 -0.75
N ASN A 57 -2.34 -3.82 -1.24
CA ASN A 57 -1.71 -5.12 -1.10
C ASN A 57 -1.22 -5.34 0.30
N GLU A 58 -0.89 -4.26 1.00
CA GLU A 58 -0.45 -4.33 2.38
C GLU A 58 -1.67 -4.48 3.28
N ARG A 59 -2.81 -3.83 2.98
CA ARG A 59 -4.02 -3.96 3.79
C ARG A 59 -4.41 -5.43 3.95
N ALA A 60 -4.44 -6.18 2.86
CA ALA A 60 -4.84 -7.59 2.84
C ALA A 60 -3.76 -8.54 3.36
N LYS A 61 -2.55 -8.07 3.67
CA LYS A 61 -1.58 -8.88 4.42
C LYS A 61 -1.60 -8.49 5.89
N TRP A 62 -1.67 -7.19 6.21
CA TRP A 62 -1.84 -6.76 7.58
C TRP A 62 -3.15 -7.31 8.14
N LYS A 63 -4.25 -7.34 7.37
CA LYS A 63 -5.52 -7.86 7.91
C LYS A 63 -5.39 -9.28 8.46
N ARG A 64 -4.40 -10.08 8.06
CA ARG A 64 -4.23 -11.43 8.58
C ARG A 64 -3.59 -11.49 9.96
N ILE A 65 -3.07 -10.38 10.47
CA ILE A 65 -2.39 -10.26 11.77
C ILE A 65 -3.39 -10.06 12.91
N LYS A 66 -4.62 -9.61 12.59
CA LYS A 66 -5.62 -9.28 13.58
C LYS A 66 -6.14 -10.58 14.22
N ALA A 67 -5.38 -11.06 15.19
CA ALA A 67 -5.64 -12.27 15.94
C ALA A 67 -7.02 -12.18 16.58
N GLY A 68 -7.30 -11.03 17.18
CA GLY A 68 -8.54 -10.67 17.84
C GLY A 68 -8.33 -10.47 19.34
N ASN A 69 -7.32 -11.13 19.91
CA ASN A 69 -6.90 -11.12 21.31
C ASN A 69 -7.81 -11.95 22.22
N VAL A 70 -8.59 -12.86 21.65
CA VAL A 70 -9.29 -13.91 22.41
C VAL A 70 -8.30 -15.00 22.89
N SER A 71 -6.99 -14.84 22.63
CA SER A 71 -6.02 -15.90 22.48
C SER A 71 -6.50 -16.87 21.41
N GLY A 1 17.50 -5.92 -2.09
CA GLY A 1 16.46 -6.88 -1.68
C GLY A 1 16.32 -7.98 -2.72
N ALA A 2 15.97 -9.20 -2.30
CA ALA A 2 15.84 -10.37 -3.18
C ALA A 2 14.45 -11.02 -2.99
N PRO A 3 13.36 -10.36 -3.40
CA PRO A 3 12.00 -10.82 -3.12
C PRO A 3 11.60 -12.02 -3.99
N GLY A 4 10.65 -12.81 -3.48
CA GLY A 4 9.94 -13.85 -4.22
C GLY A 4 8.46 -13.71 -3.90
N GLY A 5 7.96 -14.56 -3.01
CA GLY A 5 6.60 -14.52 -2.50
C GLY A 5 6.23 -15.87 -1.90
N LYS A 6 6.33 -16.00 -0.57
CA LYS A 6 5.72 -17.14 0.12
C LYS A 6 4.19 -17.10 0.04
N SER A 7 3.60 -15.94 -0.26
CA SER A 7 2.23 -15.80 -0.76
C SER A 7 2.11 -14.40 -1.36
N ARG A 8 2.15 -14.28 -2.70
CA ARG A 8 1.53 -13.19 -3.48
C ARG A 8 1.75 -11.80 -2.88
N ARG A 9 2.93 -11.19 -3.04
CA ARG A 9 3.26 -9.92 -2.35
C ARG A 9 3.44 -8.71 -3.26
N ARG A 10 3.41 -8.87 -4.59
CA ARG A 10 3.74 -7.82 -5.55
C ARG A 10 2.79 -7.96 -6.74
N ARG A 11 1.60 -7.34 -6.68
CA ARG A 11 0.52 -7.65 -7.62
C ARG A 11 0.51 -6.81 -8.89
N THR A 12 1.49 -5.95 -9.06
CA THR A 12 1.71 -5.12 -10.24
C THR A 12 3.19 -4.72 -10.28
N ALA A 13 3.57 -3.88 -11.26
CA ALA A 13 4.91 -3.41 -11.57
C ALA A 13 5.54 -2.49 -10.51
N PHE A 14 5.26 -2.73 -9.23
CA PHE A 14 5.91 -2.04 -8.13
C PHE A 14 7.09 -2.93 -7.74
N THR A 15 8.23 -2.31 -7.48
CA THR A 15 9.47 -2.94 -7.07
C THR A 15 9.56 -2.94 -5.55
N SER A 16 10.50 -3.67 -4.95
CA SER A 16 10.57 -3.79 -3.50
C SER A 16 10.98 -2.49 -2.83
N GLU A 17 11.64 -1.60 -3.55
CA GLU A 17 11.92 -0.24 -3.17
C GLU A 17 10.61 0.46 -2.82
N GLN A 18 9.66 0.37 -3.75
CA GLN A 18 8.38 1.03 -3.73
C GLN A 18 7.44 0.30 -2.78
N LEU A 19 7.64 -1.02 -2.57
CA LEU A 19 6.86 -1.83 -1.63
C LEU A 19 7.38 -1.77 -0.21
N LEU A 20 8.41 -0.99 0.01
CA LEU A 20 8.86 -0.61 1.33
C LEU A 20 7.90 0.45 1.85
N GLU A 21 7.92 1.62 1.20
CA GLU A 21 7.33 2.85 1.70
C GLU A 21 5.81 2.77 1.73
N LEU A 22 5.22 2.13 0.71
CA LEU A 22 3.77 1.92 0.65
C LEU A 22 3.26 1.07 1.79
N ARG A 23 4.11 0.25 2.42
CA ARG A 23 3.72 -0.55 3.57
C ARG A 23 4.02 0.21 4.85
N LYS A 24 5.12 0.98 4.89
CA LYS A 24 5.45 1.78 6.07
C LYS A 24 4.40 2.85 6.30
N GLU A 25 4.01 3.60 5.28
CA GLU A 25 3.04 4.67 5.46
C GLU A 25 1.65 4.09 5.70
N PHE A 26 1.34 2.92 5.13
CA PHE A 26 0.05 2.27 5.32
C PHE A 26 -0.25 2.03 6.79
N HIS A 27 0.72 1.56 7.58
CA HIS A 27 0.49 1.16 8.96
C HIS A 27 0.35 2.35 9.92
N CYS A 28 0.46 3.60 9.45
CA CYS A 28 0.24 4.80 10.27
C CYS A 28 -0.85 5.70 9.69
N LYS A 29 -0.84 5.94 8.38
CA LYS A 29 -1.72 6.92 7.76
C LYS A 29 -3.10 6.32 7.54
N LYS A 30 -4.00 6.66 8.46
CA LYS A 30 -5.45 6.50 8.31
C LYS A 30 -5.90 6.97 6.93
N TYR A 31 -5.40 8.09 6.44
CA TYR A 31 -5.37 8.42 5.02
C TYR A 31 -4.28 9.47 4.77
N LEU A 32 -3.69 9.45 3.57
CA LEU A 32 -2.81 10.48 3.05
C LEU A 32 -3.64 11.71 2.65
N SER A 33 -3.19 12.91 3.02
CA SER A 33 -3.73 14.17 2.51
C SER A 33 -3.36 14.35 1.02
N LEU A 34 -3.90 15.42 0.40
CA LEU A 34 -3.82 15.71 -1.03
C LEU A 34 -2.41 16.09 -1.49
N THR A 35 -1.52 16.50 -0.59
CA THR A 35 -0.09 16.63 -0.92
C THR A 35 0.58 15.25 -0.81
N GLU A 36 0.27 14.49 0.24
CA GLU A 36 0.96 13.25 0.59
C GLU A 36 0.80 12.19 -0.50
N ARG A 37 -0.38 12.09 -1.08
CA ARG A 37 -0.62 11.24 -2.25
C ARG A 37 0.17 11.64 -3.49
N SER A 38 0.64 12.88 -3.55
CA SER A 38 1.63 13.31 -4.52
C SER A 38 3.04 12.94 -4.05
N GLN A 39 3.39 13.15 -2.77
CA GLN A 39 4.70 12.80 -2.21
C GLN A 39 5.07 11.36 -2.53
N ILE A 40 4.26 10.42 -2.01
CA ILE A 40 4.53 8.99 -2.05
C ILE A 40 4.36 8.41 -3.47
N ALA A 41 3.97 9.26 -4.41
CA ALA A 41 3.96 8.97 -5.83
C ALA A 41 5.24 9.50 -6.46
N HIS A 42 5.60 10.75 -6.15
CA HIS A 42 6.70 11.42 -6.82
C HIS A 42 7.97 10.66 -6.50
N ALA A 43 8.20 10.40 -5.20
CA ALA A 43 9.45 9.85 -4.68
C ALA A 43 9.61 8.36 -5.02
N LEU A 44 8.53 7.73 -5.44
CA LEU A 44 8.51 6.35 -5.91
C LEU A 44 8.33 6.31 -7.42
N LYS A 45 8.47 7.45 -8.10
CA LYS A 45 8.52 7.55 -9.55
C LYS A 45 7.29 6.96 -10.25
N LEU A 46 6.17 6.87 -9.53
CA LEU A 46 4.90 6.26 -9.95
C LEU A 46 3.87 7.38 -10.10
N SER A 47 2.78 7.12 -10.83
CA SER A 47 1.73 8.13 -10.93
C SER A 47 0.93 8.16 -9.63
N GLU A 48 0.33 9.32 -9.32
CA GLU A 48 -0.62 9.49 -8.22
C GLU A 48 -1.75 8.46 -8.27
N VAL A 49 -2.13 8.01 -9.47
CA VAL A 49 -3.20 7.04 -9.64
C VAL A 49 -2.73 5.65 -9.22
N GLN A 50 -1.53 5.23 -9.64
CA GLN A 50 -0.99 3.93 -9.31
C GLN A 50 -0.97 3.75 -7.78
N VAL A 51 -0.56 4.80 -7.05
CA VAL A 51 -0.55 4.82 -5.60
C VAL A 51 -1.97 4.76 -5.03
N LYS A 52 -2.96 5.48 -5.59
CA LYS A 52 -4.32 5.45 -5.05
C LYS A 52 -4.91 4.04 -5.11
N ILE A 53 -4.55 3.27 -6.13
CA ILE A 53 -5.03 1.91 -6.28
C ILE A 53 -4.30 0.99 -5.29
N TRP A 54 -3.04 1.26 -4.97
CA TRP A 54 -2.34 0.44 -4.00
C TRP A 54 -2.93 0.64 -2.61
N PHE A 55 -3.02 1.90 -2.14
CA PHE A 55 -3.48 2.20 -0.79
C PHE A 55 -4.91 1.71 -0.53
N GLN A 56 -5.80 1.75 -1.53
CA GLN A 56 -7.13 1.16 -1.38
C GLN A 56 -7.07 -0.36 -1.23
N ASN A 57 -6.27 -1.02 -2.07
CA ASN A 57 -6.24 -2.46 -2.16
C ASN A 57 -5.80 -3.07 -0.84
N GLU A 58 -4.90 -2.39 -0.15
CA GLU A 58 -4.33 -2.87 1.10
C GLU A 58 -5.27 -2.53 2.26
N ARG A 59 -5.87 -1.32 2.27
CA ARG A 59 -6.83 -0.97 3.33
C ARG A 59 -7.91 -2.04 3.42
N ALA A 60 -8.40 -2.49 2.28
CA ALA A 60 -9.52 -3.41 2.25
C ALA A 60 -9.04 -4.82 2.61
N LYS A 61 -7.93 -5.30 2.04
CA LYS A 61 -7.46 -6.66 2.32
C LYS A 61 -7.05 -6.78 3.78
N TRP A 62 -6.33 -5.81 4.32
CA TRP A 62 -5.95 -5.82 5.73
C TRP A 62 -7.21 -5.76 6.60
N LYS A 63 -8.28 -5.08 6.17
CA LYS A 63 -9.54 -5.12 6.90
C LYS A 63 -10.24 -6.48 6.89
N ARG A 64 -9.77 -7.49 6.15
CA ARG A 64 -10.22 -8.88 6.33
C ARG A 64 -9.41 -9.61 7.40
N ILE A 65 -8.22 -9.13 7.71
CA ILE A 65 -7.29 -9.75 8.66
C ILE A 65 -7.74 -9.52 10.11
N LYS A 66 -8.31 -8.35 10.41
CA LYS A 66 -8.69 -7.83 11.74
C LYS A 66 -9.66 -8.70 12.55
N ALA A 67 -9.25 -9.92 12.89
CA ALA A 67 -10.13 -11.01 13.30
C ALA A 67 -11.01 -10.68 14.47
N GLY A 68 -10.41 -10.06 15.50
CA GLY A 68 -11.09 -9.68 16.74
C GLY A 68 -12.07 -8.54 16.47
N ASN A 69 -13.19 -8.91 15.85
CA ASN A 69 -14.30 -8.07 15.45
C ASN A 69 -15.55 -8.95 15.26
N VAL A 70 -15.62 -10.09 15.96
CA VAL A 70 -16.82 -10.92 15.96
C VAL A 70 -18.03 -10.17 16.56
N SER A 71 -17.76 -9.10 17.29
CA SER A 71 -18.71 -8.20 17.90
C SER A 71 -18.21 -6.77 17.73
N GLY A 1 1.06 -11.82 14.72
CA GLY A 1 1.16 -11.57 13.28
C GLY A 1 2.48 -12.11 12.77
N ALA A 2 2.51 -13.31 12.19
CA ALA A 2 3.73 -14.00 11.78
C ALA A 2 3.67 -14.40 10.29
N PRO A 3 3.74 -13.45 9.34
CA PRO A 3 3.80 -13.77 7.92
C PRO A 3 5.15 -14.41 7.52
N GLY A 4 5.28 -14.76 6.24
CA GLY A 4 6.49 -15.28 5.64
C GLY A 4 6.29 -15.30 4.13
N GLY A 5 6.55 -14.18 3.46
CA GLY A 5 6.27 -14.03 2.05
C GLY A 5 4.77 -13.80 1.79
N LYS A 6 4.37 -13.76 0.52
CA LYS A 6 2.96 -13.85 0.09
C LYS A 6 2.92 -14.14 -1.40
N SER A 7 3.60 -13.30 -2.18
CA SER A 7 3.76 -13.37 -3.62
C SER A 7 2.45 -13.37 -4.44
N ARG A 8 1.27 -13.19 -3.82
CA ARG A 8 0.02 -13.23 -4.58
C ARG A 8 -0.16 -11.93 -5.37
N ARG A 9 -0.63 -12.08 -6.61
CA ARG A 9 -1.33 -11.08 -7.41
C ARG A 9 -0.39 -10.00 -7.98
N ARG A 10 -0.41 -9.85 -9.31
CA ARG A 10 0.44 -8.94 -10.08
C ARG A 10 0.44 -7.52 -9.49
N ARG A 11 1.57 -6.83 -9.60
CA ARG A 11 1.80 -5.49 -9.07
C ARG A 11 2.21 -4.56 -10.21
N THR A 12 2.59 -3.33 -9.86
CA THR A 12 3.30 -2.43 -10.75
C THR A 12 4.78 -2.44 -10.36
N ALA A 13 5.66 -2.10 -11.29
CA ALA A 13 7.11 -2.03 -11.09
C ALA A 13 7.43 -0.95 -10.05
N PHE A 14 7.70 -1.39 -8.82
CA PHE A 14 8.26 -0.62 -7.72
C PHE A 14 9.54 -1.34 -7.27
N THR A 15 10.63 -0.62 -7.04
CA THR A 15 11.81 -1.18 -6.38
C THR A 15 11.59 -1.30 -4.88
N SER A 16 12.50 -2.00 -4.20
CA SER A 16 12.36 -2.34 -2.81
C SER A 16 12.42 -1.17 -1.84
N GLU A 17 13.05 -0.07 -2.26
CA GLU A 17 13.05 1.24 -1.65
C GLU A 17 11.61 1.76 -1.67
N GLN A 18 11.02 1.80 -2.86
CA GLN A 18 9.69 2.33 -3.07
C GLN A 18 8.66 1.47 -2.33
N LEU A 19 8.93 0.17 -2.22
CA LEU A 19 8.11 -0.74 -1.44
C LEU A 19 8.32 -0.60 0.08
N LEU A 20 9.35 0.12 0.54
CA LEU A 20 9.68 0.26 1.96
C LEU A 20 8.85 1.39 2.53
N GLU A 21 9.01 2.58 1.97
CA GLU A 21 8.38 3.82 2.41
C GLU A 21 6.87 3.61 2.59
N LEU A 22 6.29 2.99 1.58
CA LEU A 22 4.88 2.61 1.49
C LEU A 22 4.40 1.81 2.69
N ARG A 23 5.24 0.96 3.30
CA ARG A 23 4.84 0.12 4.42
C ARG A 23 4.86 0.94 5.70
N LYS A 24 5.66 1.99 5.77
CA LYS A 24 5.66 2.90 6.90
C LYS A 24 4.43 3.80 6.80
N GLU A 25 4.16 4.39 5.63
CA GLU A 25 2.95 5.20 5.44
C GLU A 25 1.67 4.39 5.59
N PHE A 26 1.72 3.08 5.35
CA PHE A 26 0.58 2.21 5.55
C PHE A 26 0.03 2.29 6.98
N HIS A 27 0.86 2.64 7.97
CA HIS A 27 0.46 2.80 9.35
C HIS A 27 0.49 4.25 9.83
N CYS A 28 0.75 5.24 8.96
CA CYS A 28 0.59 6.65 9.29
C CYS A 28 -0.89 7.07 9.33
N LYS A 29 -1.59 6.92 8.20
CA LYS A 29 -2.79 7.71 7.94
C LYS A 29 -3.87 6.85 7.31
N LYS A 30 -5.11 7.05 7.78
CA LYS A 30 -6.34 6.39 7.34
C LYS A 30 -6.61 6.53 5.84
N TYR A 31 -6.23 7.65 5.23
CA TYR A 31 -6.37 7.91 3.81
C TYR A 31 -5.32 8.94 3.42
N LEU A 32 -4.93 8.97 2.15
CA LEU A 32 -4.14 10.07 1.61
C LEU A 32 -5.06 10.96 0.78
N SER A 33 -5.04 12.25 1.09
CA SER A 33 -5.55 13.30 0.23
C SER A 33 -4.61 13.45 -0.97
N LEU A 34 -4.92 14.34 -1.91
CA LEU A 34 -4.12 14.51 -3.12
C LEU A 34 -2.74 15.05 -2.75
N THR A 35 -2.69 16.03 -1.85
CA THR A 35 -1.44 16.59 -1.32
C THR A 35 -0.55 15.50 -0.73
N GLU A 36 -1.08 14.72 0.20
CA GLU A 36 -0.35 13.65 0.85
C GLU A 36 0.25 12.74 -0.23
N ARG A 37 -0.58 12.34 -1.20
CA ARG A 37 -0.18 11.39 -2.24
C ARG A 37 0.83 12.00 -3.21
N SER A 38 0.75 13.28 -3.52
CA SER A 38 1.69 14.00 -4.36
C SER A 38 3.10 13.86 -3.78
N GLN A 39 3.24 14.00 -2.45
CA GLN A 39 4.52 13.87 -1.79
C GLN A 39 5.06 12.45 -1.95
N ILE A 40 4.30 11.41 -1.58
CA ILE A 40 4.76 10.01 -1.66
C ILE A 40 5.07 9.61 -3.11
N ALA A 41 4.40 10.24 -4.05
CA ALA A 41 4.57 10.01 -5.46
C ALA A 41 5.91 10.55 -5.88
N HIS A 42 6.14 11.86 -5.71
CA HIS A 42 7.36 12.49 -6.15
C HIS A 42 8.55 12.05 -5.31
N ALA A 43 8.35 11.66 -4.04
CA ALA A 43 9.41 11.18 -3.16
C ALA A 43 10.01 9.87 -3.70
N LEU A 44 9.22 9.13 -4.46
CA LEU A 44 9.57 7.86 -5.09
C LEU A 44 9.64 8.01 -6.61
N LYS A 45 9.48 9.22 -7.14
CA LYS A 45 9.39 9.56 -8.56
C LYS A 45 8.42 8.69 -9.36
N LEU A 46 7.38 8.22 -8.69
CA LEU A 46 6.22 7.53 -9.25
C LEU A 46 5.09 8.55 -9.46
N SER A 47 4.00 8.16 -10.13
CA SER A 47 2.76 8.94 -10.14
C SER A 47 1.93 8.67 -8.90
N GLU A 48 1.05 9.63 -8.57
CA GLU A 48 0.06 9.48 -7.51
C GLU A 48 -0.75 8.20 -7.73
N VAL A 49 -1.19 7.94 -8.96
CA VAL A 49 -2.02 6.79 -9.27
C VAL A 49 -1.28 5.46 -9.04
N GLN A 50 0.02 5.37 -9.35
CA GLN A 50 0.82 4.17 -9.06
C GLN A 50 0.72 3.88 -7.55
N VAL A 51 1.07 4.89 -6.73
CA VAL A 51 1.03 4.81 -5.28
C VAL A 51 -0.41 4.49 -4.82
N LYS A 52 -1.43 5.05 -5.45
CA LYS A 52 -2.83 4.78 -5.16
C LYS A 52 -3.13 3.29 -5.28
N ILE A 53 -2.70 2.64 -6.36
CA ILE A 53 -2.93 1.22 -6.58
C ILE A 53 -2.22 0.38 -5.52
N TRP A 54 -1.07 0.83 -4.99
CA TRP A 54 -0.40 0.10 -3.93
C TRP A 54 -1.19 0.21 -2.63
N PHE A 55 -1.48 1.43 -2.17
CA PHE A 55 -2.15 1.65 -0.89
C PHE A 55 -3.54 0.99 -0.84
N GLN A 56 -4.25 0.88 -1.96
CA GLN A 56 -5.48 0.09 -1.99
C GLN A 56 -5.16 -1.40 -1.81
N ASN A 57 -4.19 -1.92 -2.56
CA ASN A 57 -3.98 -3.35 -2.67
C ASN A 57 -3.51 -3.91 -1.35
N GLU A 58 -2.72 -3.10 -0.64
CA GLU A 58 -2.23 -3.44 0.67
C GLU A 58 -3.38 -3.36 1.65
N ARG A 59 -4.15 -2.25 1.67
CA ARG A 59 -5.29 -2.17 2.59
C ARG A 59 -6.25 -3.32 2.38
N ALA A 60 -6.46 -3.74 1.14
CA ALA A 60 -7.40 -4.80 0.81
C ALA A 60 -6.89 -6.15 1.33
N LYS A 61 -5.60 -6.48 1.11
CA LYS A 61 -5.05 -7.73 1.63
C LYS A 61 -5.12 -7.68 3.17
N TRP A 62 -4.71 -6.55 3.74
CA TRP A 62 -4.65 -6.36 5.17
C TRP A 62 -6.04 -6.43 5.80
N LYS A 63 -7.09 -5.96 5.13
CA LYS A 63 -8.45 -6.06 5.64
C LYS A 63 -8.90 -7.50 5.87
N ARG A 64 -8.32 -8.50 5.19
CA ARG A 64 -8.61 -9.90 5.54
C ARG A 64 -7.93 -10.33 6.83
N ILE A 65 -6.83 -9.70 7.19
CA ILE A 65 -6.05 -9.97 8.41
C ILE A 65 -6.81 -9.46 9.64
N LYS A 66 -7.83 -8.60 9.49
CA LYS A 66 -8.73 -8.26 10.60
C LYS A 66 -9.45 -9.49 11.18
N ALA A 67 -9.37 -10.66 10.52
CA ALA A 67 -9.97 -11.93 10.90
C ALA A 67 -11.41 -11.74 11.34
N GLY A 68 -12.32 -11.60 10.37
CA GLY A 68 -13.74 -11.44 10.64
C GLY A 68 -14.50 -12.62 10.03
N ASN A 69 -14.52 -13.75 10.72
CA ASN A 69 -15.37 -14.91 10.42
C ASN A 69 -15.76 -15.65 11.71
N VAL A 70 -16.01 -14.91 12.79
CA VAL A 70 -16.40 -15.39 14.11
C VAL A 70 -15.46 -16.48 14.66
N SER A 71 -14.19 -16.44 14.28
CA SER A 71 -13.12 -17.31 14.73
C SER A 71 -11.93 -16.41 14.94
N GLY A 1 -3.90 -2.45 -28.13
CA GLY A 1 -2.67 -2.79 -27.42
C GLY A 1 -2.76 -4.22 -26.89
N ALA A 2 -1.98 -4.53 -25.85
CA ALA A 2 -1.90 -5.85 -25.21
C ALA A 2 -2.28 -5.71 -23.73
N PRO A 3 -2.81 -6.76 -23.09
CA PRO A 3 -3.16 -6.73 -21.67
C PRO A 3 -1.92 -6.82 -20.78
N GLY A 4 -2.11 -6.61 -19.48
CA GLY A 4 -1.05 -6.61 -18.48
C GLY A 4 -1.37 -7.44 -17.23
N GLY A 5 -2.61 -7.89 -17.01
CA GLY A 5 -3.06 -8.37 -15.70
C GLY A 5 -3.56 -9.82 -15.74
N LYS A 6 -2.75 -10.77 -15.25
CA LYS A 6 -3.10 -12.18 -15.12
C LYS A 6 -2.24 -12.90 -14.06
N SER A 7 -1.98 -12.28 -12.91
CA SER A 7 -1.18 -12.91 -11.85
C SER A 7 -1.85 -12.71 -10.48
N ARG A 8 -1.51 -13.56 -9.51
CA ARG A 8 -1.94 -13.43 -8.10
C ARG A 8 -0.71 -13.10 -7.28
N ARG A 9 -0.78 -12.10 -6.41
CA ARG A 9 0.28 -11.73 -5.47
C ARG A 9 -0.37 -10.95 -4.32
N ARG A 10 0.41 -10.63 -3.28
CA ARG A 10 -0.08 -9.92 -2.09
C ARG A 10 0.73 -8.68 -1.77
N ARG A 11 1.67 -8.33 -2.65
CA ARG A 11 2.45 -7.11 -2.67
C ARG A 11 2.67 -6.80 -4.15
N THR A 12 3.38 -5.73 -4.45
CA THR A 12 3.74 -5.31 -5.80
C THR A 12 5.25 -5.02 -5.76
N ALA A 13 5.90 -4.89 -6.92
CA ALA A 13 7.35 -4.68 -7.00
C ALA A 13 7.71 -3.30 -6.48
N PHE A 14 7.88 -3.18 -5.17
CA PHE A 14 8.29 -2.00 -4.46
C PHE A 14 9.66 -2.37 -3.87
N THR A 15 10.63 -1.47 -3.98
CA THR A 15 11.95 -1.63 -3.37
C THR A 15 11.91 -1.02 -1.99
N SER A 16 12.80 -1.45 -1.12
CA SER A 16 12.74 -1.15 0.30
C SER A 16 12.66 0.35 0.62
N GLU A 17 13.28 1.19 -0.22
CA GLU A 17 13.17 2.64 -0.19
C GLU A 17 11.73 3.10 -0.29
N GLN A 18 11.01 2.53 -1.24
CA GLN A 18 9.63 2.83 -1.57
C GLN A 18 8.74 2.32 -0.46
N LEU A 19 9.05 1.15 0.11
CA LEU A 19 8.31 0.63 1.25
C LEU A 19 8.53 1.52 2.49
N LEU A 20 9.56 2.35 2.54
CA LEU A 20 9.87 3.20 3.70
C LEU A 20 8.75 4.23 3.83
N GLU A 21 8.58 5.02 2.76
CA GLU A 21 7.70 6.19 2.71
C GLU A 21 6.24 5.77 2.94
N LEU A 22 5.90 4.61 2.38
CA LEU A 22 4.62 3.95 2.56
C LEU A 22 4.36 3.66 4.02
N ARG A 23 5.32 3.07 4.73
CA ARG A 23 5.07 2.58 6.07
C ARG A 23 5.03 3.76 7.02
N LYS A 24 5.79 4.82 6.73
CA LYS A 24 5.74 6.06 7.49
C LYS A 24 4.29 6.55 7.51
N GLU A 25 3.72 6.77 6.33
CA GLU A 25 2.39 7.34 6.19
C GLU A 25 1.28 6.34 6.56
N PHE A 26 1.54 5.02 6.47
CA PHE A 26 0.59 3.98 6.83
C PHE A 26 0.20 4.08 8.30
N HIS A 27 1.17 4.36 9.19
CA HIS A 27 0.91 4.56 10.61
C HIS A 27 0.30 5.94 10.90
N CYS A 28 0.07 6.76 9.88
CA CYS A 28 -0.57 8.07 9.99
C CYS A 28 -2.01 8.03 9.48
N LYS A 29 -2.21 7.86 8.16
CA LYS A 29 -3.44 8.30 7.51
C LYS A 29 -4.30 7.14 7.05
N LYS A 30 -5.58 7.19 7.45
CA LYS A 30 -6.59 6.18 7.14
C LYS A 30 -6.73 5.92 5.63
N TYR A 31 -6.51 6.91 4.77
CA TYR A 31 -6.56 6.79 3.33
C TYR A 31 -5.81 7.96 2.68
N LEU A 32 -5.58 7.89 1.37
CA LEU A 32 -4.89 8.91 0.58
C LEU A 32 -5.85 9.57 -0.41
N SER A 33 -5.93 10.90 -0.40
CA SER A 33 -6.74 11.72 -1.31
C SER A 33 -5.98 12.06 -2.61
N LEU A 34 -6.55 12.95 -3.44
CA LEU A 34 -6.14 13.21 -4.84
C LEU A 34 -4.80 13.94 -4.94
N THR A 35 -4.31 14.55 -3.87
CA THR A 35 -2.97 15.08 -3.78
C THR A 35 -2.10 14.02 -3.08
N GLU A 36 -2.52 13.52 -1.93
CA GLU A 36 -1.77 12.55 -1.12
C GLU A 36 -1.28 11.39 -1.98
N ARG A 37 -2.20 10.66 -2.60
CA ARG A 37 -1.91 9.45 -3.37
C ARG A 37 -1.04 9.79 -4.59
N SER A 38 -1.20 10.99 -5.15
CA SER A 38 -0.46 11.49 -6.30
C SER A 38 1.01 11.69 -5.91
N GLN A 39 1.26 12.32 -4.75
CA GLN A 39 2.60 12.58 -4.23
C GLN A 39 3.33 11.25 -4.01
N ILE A 40 2.76 10.35 -3.19
CA ILE A 40 3.43 9.10 -2.77
C ILE A 40 3.66 8.16 -3.97
N ALA A 41 3.01 8.42 -5.10
CA ALA A 41 3.24 7.70 -6.35
C ALA A 41 4.42 8.31 -7.09
N HIS A 42 4.34 9.60 -7.40
CA HIS A 42 5.34 10.27 -8.22
C HIS A 42 6.68 10.34 -7.49
N ALA A 43 6.68 10.50 -6.16
CA ALA A 43 7.88 10.48 -5.33
C ALA A 43 8.65 9.17 -5.41
N LEU A 44 7.99 8.09 -5.87
CA LEU A 44 8.55 6.75 -5.97
C LEU A 44 8.54 6.30 -7.44
N LYS A 45 8.24 7.22 -8.37
CA LYS A 45 8.08 7.03 -9.81
C LYS A 45 7.03 6.00 -10.25
N LEU A 46 6.28 5.40 -9.32
CA LEU A 46 5.32 4.34 -9.61
C LEU A 46 4.08 4.91 -10.30
N SER A 47 3.22 4.05 -10.85
CA SER A 47 1.85 4.45 -11.21
C SER A 47 1.12 4.82 -9.94
N GLU A 48 0.07 5.61 -10.08
CA GLU A 48 -0.85 5.90 -9.00
C GLU A 48 -1.42 4.61 -8.41
N VAL A 49 -1.81 3.68 -9.30
CA VAL A 49 -2.56 2.50 -8.90
C VAL A 49 -1.67 1.54 -8.13
N GLN A 50 -0.38 1.47 -8.48
CA GLN A 50 0.60 0.65 -7.76
C GLN A 50 0.55 0.98 -6.26
N VAL A 51 0.58 2.27 -5.91
CA VAL A 51 0.54 2.72 -4.52
C VAL A 51 -0.78 2.32 -3.87
N LYS A 52 -1.92 2.55 -4.53
CA LYS A 52 -3.20 2.26 -3.92
C LYS A 52 -3.35 0.76 -3.66
N ILE A 53 -2.73 -0.09 -4.48
CA ILE A 53 -2.74 -1.53 -4.25
C ILE A 53 -1.83 -1.86 -3.06
N TRP A 54 -0.66 -1.25 -2.91
CA TRP A 54 0.21 -1.57 -1.77
C TRP A 54 -0.48 -1.18 -0.46
N PHE A 55 -0.93 0.07 -0.36
CA PHE A 55 -1.58 0.60 0.83
C PHE A 55 -2.76 -0.29 1.24
N GLN A 56 -3.61 -0.71 0.31
CA GLN A 56 -4.74 -1.58 0.65
C GLN A 56 -4.29 -2.98 1.10
N ASN A 57 -3.35 -3.59 0.38
CA ASN A 57 -2.89 -4.94 0.65
C ASN A 57 -2.25 -5.01 2.03
N GLU A 58 -1.62 -3.92 2.45
CA GLU A 58 -1.00 -3.76 3.75
C GLU A 58 -2.05 -3.47 4.82
N ARG A 59 -3.10 -2.71 4.49
CA ARG A 59 -4.19 -2.44 5.42
C ARG A 59 -4.81 -3.74 5.89
N ALA A 60 -4.89 -4.75 5.03
CA ALA A 60 -5.41 -6.05 5.41
C ALA A 60 -4.45 -6.76 6.36
N LYS A 61 -3.16 -6.85 5.98
CA LYS A 61 -2.21 -7.65 6.73
C LYS A 61 -1.96 -7.06 8.12
N TRP A 62 -1.95 -5.73 8.24
CA TRP A 62 -1.92 -5.12 9.56
C TRP A 62 -3.24 -5.36 10.28
N LYS A 63 -4.40 -5.21 9.62
CA LYS A 63 -5.67 -5.29 10.35
C LYS A 63 -5.80 -6.56 11.15
N ARG A 64 -5.38 -7.70 10.62
CA ARG A 64 -5.45 -8.96 11.37
C ARG A 64 -4.75 -8.88 12.73
N ILE A 65 -3.65 -8.16 12.80
CA ILE A 65 -2.83 -7.95 13.99
C ILE A 65 -3.62 -7.23 15.08
N LYS A 66 -4.66 -6.47 14.74
CA LYS A 66 -5.47 -5.80 15.76
C LYS A 66 -6.20 -6.81 16.65
N ALA A 67 -6.20 -8.09 16.29
CA ALA A 67 -6.86 -9.24 16.91
C ALA A 67 -8.37 -9.13 16.71
N GLY A 68 -8.96 -8.05 17.19
CA GLY A 68 -10.41 -7.87 17.28
C GLY A 68 -10.99 -8.86 18.28
N ASN A 69 -12.32 -8.97 18.32
CA ASN A 69 -13.07 -9.91 19.17
C ASN A 69 -12.65 -9.87 20.64
N VAL A 70 -12.48 -8.66 21.17
CA VAL A 70 -12.01 -8.39 22.53
C VAL A 70 -10.66 -9.09 22.81
N SER A 71 -9.80 -9.21 21.80
CA SER A 71 -8.47 -9.81 21.82
C SER A 71 -8.58 -11.32 21.87
N GLY A 1 -1.98 -29.18 -22.77
CA GLY A 1 -3.38 -29.38 -22.37
C GLY A 1 -4.14 -28.09 -22.56
N ALA A 2 -5.25 -27.90 -21.84
CA ALA A 2 -5.84 -26.58 -21.63
C ALA A 2 -4.85 -25.71 -20.83
N PRO A 3 -5.05 -24.37 -20.79
CA PRO A 3 -4.43 -23.52 -19.76
C PRO A 3 -4.98 -23.88 -18.36
N GLY A 4 -4.37 -23.33 -17.31
CA GLY A 4 -4.64 -23.66 -15.92
C GLY A 4 -4.40 -22.42 -15.06
N GLY A 5 -5.09 -21.33 -15.39
CA GLY A 5 -5.01 -20.07 -14.66
C GLY A 5 -3.73 -19.31 -14.99
N LYS A 6 -3.82 -18.10 -15.53
CA LYS A 6 -2.64 -17.31 -15.88
C LYS A 6 -2.77 -15.84 -15.49
N SER A 7 -3.23 -15.54 -14.28
CA SER A 7 -3.44 -14.17 -13.81
C SER A 7 -2.82 -13.97 -12.42
N ARG A 8 -2.53 -12.70 -12.06
CA ARG A 8 -2.18 -12.15 -10.73
C ARG A 8 -1.82 -10.67 -10.93
N ARG A 9 -2.09 -9.80 -9.95
CA ARG A 9 -1.50 -8.45 -9.86
C ARG A 9 -1.53 -8.02 -8.39
N ARG A 10 -0.58 -8.52 -7.58
CA ARG A 10 -0.54 -8.33 -6.13
C ARG A 10 0.87 -7.95 -5.70
N ARG A 11 0.98 -6.84 -4.96
CA ARG A 11 2.16 -6.35 -4.24
C ARG A 11 3.39 -6.44 -5.14
N THR A 12 3.54 -5.40 -5.94
CA THR A 12 4.62 -5.18 -6.89
C THR A 12 5.98 -5.10 -6.19
N ALA A 13 7.05 -5.24 -6.97
CA ALA A 13 8.42 -4.88 -6.60
C ALA A 13 8.48 -3.42 -6.15
N PHE A 14 8.40 -3.22 -4.83
CA PHE A 14 8.66 -1.93 -4.16
C PHE A 14 9.92 -2.12 -3.33
N THR A 15 10.95 -1.30 -3.55
CA THR A 15 12.16 -1.35 -2.75
C THR A 15 11.91 -0.77 -1.36
N SER A 16 12.88 -0.92 -0.48
CA SER A 16 12.83 -0.50 0.91
C SER A 16 12.52 0.98 1.10
N GLU A 17 13.10 1.85 0.26
CA GLU A 17 12.86 3.27 0.25
C GLU A 17 11.37 3.54 0.09
N GLN A 18 10.80 2.91 -0.95
CA GLN A 18 9.41 3.04 -1.32
C GLN A 18 8.54 2.46 -0.20
N LEU A 19 9.00 1.37 0.43
CA LEU A 19 8.26 0.71 1.48
C LEU A 19 8.31 1.47 2.81
N LEU A 20 9.21 2.45 2.96
CA LEU A 20 9.48 3.15 4.21
C LEU A 20 8.30 4.08 4.48
N GLU A 21 8.13 5.00 3.54
CA GLU A 21 7.23 6.15 3.51
C GLU A 21 5.79 5.68 3.58
N LEU A 22 5.51 4.58 2.89
CA LEU A 22 4.23 3.87 2.88
C LEU A 22 3.79 3.45 4.27
N ARG A 23 4.71 2.99 5.12
CA ARG A 23 4.39 2.53 6.46
C ARG A 23 4.32 3.71 7.41
N LYS A 24 5.10 4.77 7.14
CA LYS A 24 5.00 6.02 7.87
C LYS A 24 3.58 6.54 7.71
N GLU A 25 3.14 6.74 6.47
CA GLU A 25 1.84 7.32 6.17
C GLU A 25 0.69 6.48 6.72
N PHE A 26 0.86 5.16 6.85
CA PHE A 26 -0.17 4.29 7.39
C PHE A 26 -0.54 4.64 8.84
N HIS A 27 0.41 5.24 9.59
CA HIS A 27 0.26 5.62 10.99
C HIS A 27 0.24 7.14 11.17
N CYS A 28 0.82 7.89 10.23
CA CYS A 28 0.78 9.34 10.23
C CYS A 28 -0.63 9.81 9.82
N LYS A 29 -1.24 9.19 8.82
CA LYS A 29 -2.52 9.59 8.23
C LYS A 29 -3.40 8.36 8.05
N LYS A 30 -4.60 8.56 7.51
CA LYS A 30 -5.64 7.54 7.34
C LYS A 30 -6.09 7.39 5.90
N TYR A 31 -5.76 8.33 5.01
CA TYR A 31 -5.96 8.24 3.58
C TYR A 31 -4.99 9.20 2.90
N LEU A 32 -4.83 9.09 1.58
CA LEU A 32 -4.03 10.02 0.78
C LEU A 32 -4.97 10.85 -0.07
N SER A 33 -5.03 12.14 0.23
CA SER A 33 -5.61 13.20 -0.60
C SER A 33 -5.02 13.13 -2.01
N LEU A 34 -5.66 13.74 -3.02
CA LEU A 34 -5.18 13.69 -4.41
C LEU A 34 -3.73 14.14 -4.52
N THR A 35 -3.37 15.18 -3.78
CA THR A 35 -2.06 15.78 -3.74
C THR A 35 -1.06 14.92 -2.94
N GLU A 36 -1.49 14.24 -1.89
CA GLU A 36 -0.67 13.29 -1.13
C GLU A 36 -0.34 12.11 -2.03
N ARG A 37 -1.37 11.58 -2.69
CA ARG A 37 -1.33 10.45 -3.62
C ARG A 37 -0.59 10.80 -4.91
N SER A 38 -0.25 12.06 -5.08
CA SER A 38 0.72 12.54 -6.05
C SER A 38 2.13 12.54 -5.45
N GLN A 39 2.37 13.19 -4.31
CA GLN A 39 3.68 13.27 -3.66
C GLN A 39 4.28 11.87 -3.47
N ILE A 40 3.56 10.98 -2.78
CA ILE A 40 4.04 9.64 -2.41
C ILE A 40 4.10 8.71 -3.63
N ALA A 41 3.69 9.18 -4.80
CA ALA A 41 3.98 8.54 -6.08
C ALA A 41 5.30 9.10 -6.62
N HIS A 42 5.35 10.40 -6.92
CA HIS A 42 6.47 11.00 -7.65
C HIS A 42 7.77 10.94 -6.85
N ALA A 43 7.70 11.13 -5.52
CA ALA A 43 8.86 11.09 -4.64
C ALA A 43 9.52 9.70 -4.66
N LEU A 44 8.75 8.65 -4.96
CA LEU A 44 9.16 7.27 -4.91
C LEU A 44 9.24 6.70 -6.33
N LYS A 45 9.18 7.57 -7.37
CA LYS A 45 9.20 7.19 -8.78
C LYS A 45 8.12 6.17 -9.18
N LEU A 46 7.03 6.06 -8.43
CA LEU A 46 5.97 5.10 -8.71
C LEU A 46 4.82 5.78 -9.45
N SER A 47 3.97 4.96 -10.09
CA SER A 47 2.73 5.47 -10.65
C SER A 47 1.79 5.68 -9.47
N GLU A 48 0.92 6.67 -9.60
CA GLU A 48 -0.20 6.92 -8.71
C GLU A 48 -0.99 5.64 -8.41
N VAL A 49 -1.15 4.80 -9.45
CA VAL A 49 -1.96 3.60 -9.36
C VAL A 49 -1.31 2.59 -8.43
N GLN A 50 0.02 2.45 -8.49
CA GLN A 50 0.75 1.50 -7.67
C GLN A 50 0.48 1.82 -6.20
N VAL A 51 0.54 3.10 -5.82
CA VAL A 51 0.35 3.54 -4.44
C VAL A 51 -1.11 3.36 -4.01
N LYS A 52 -2.08 3.70 -4.87
CA LYS A 52 -3.50 3.50 -4.52
C LYS A 52 -3.78 2.02 -4.21
N ILE A 53 -3.03 1.09 -4.81
CA ILE A 53 -3.16 -0.34 -4.56
C ILE A 53 -2.33 -0.75 -3.32
N TRP A 54 -1.18 -0.15 -3.04
CA TRP A 54 -0.41 -0.52 -1.85
C TRP A 54 -1.19 -0.19 -0.58
N PHE A 55 -1.70 1.04 -0.47
CA PHE A 55 -2.36 1.53 0.73
C PHE A 55 -3.58 0.68 1.08
N GLN A 56 -4.39 0.30 0.08
CA GLN A 56 -5.58 -0.51 0.31
C GLN A 56 -5.21 -1.89 0.82
N ASN A 57 -4.13 -2.46 0.26
CA ASN A 57 -3.66 -3.80 0.59
C ASN A 57 -3.21 -3.81 2.05
N GLU A 58 -2.63 -2.69 2.51
CA GLU A 58 -2.16 -2.55 3.86
C GLU A 58 -3.35 -2.40 4.82
N ARG A 59 -4.33 -1.57 4.44
CA ARG A 59 -5.56 -1.38 5.22
C ARG A 59 -6.33 -2.68 5.41
N ALA A 60 -6.06 -3.72 4.62
CA ALA A 60 -6.57 -5.06 4.85
C ALA A 60 -5.60 -5.95 5.62
N LYS A 61 -4.31 -6.03 5.24
CA LYS A 61 -3.37 -6.95 5.91
C LYS A 61 -3.19 -6.62 7.38
N TRP A 62 -3.34 -5.34 7.74
CA TRP A 62 -3.33 -4.92 9.13
C TRP A 62 -4.65 -5.32 9.78
N LYS A 63 -5.80 -5.01 9.15
CA LYS A 63 -7.09 -5.38 9.72
C LYS A 63 -7.34 -6.90 9.77
N ARG A 64 -6.55 -7.73 9.09
CA ARG A 64 -6.51 -9.15 9.27
C ARG A 64 -5.94 -9.59 10.63
N ILE A 65 -5.22 -8.72 11.33
CA ILE A 65 -4.51 -9.03 12.58
C ILE A 65 -5.39 -8.69 13.78
N LYS A 66 -6.22 -7.65 13.71
CA LYS A 66 -7.02 -7.10 14.81
C LYS A 66 -8.01 -8.13 15.35
N ALA A 67 -7.53 -9.04 16.20
CA ALA A 67 -8.26 -10.15 16.79
C ALA A 67 -9.61 -9.62 17.31
N GLY A 68 -9.50 -8.72 18.28
CA GLY A 68 -10.60 -8.06 18.95
C GLY A 68 -10.04 -6.94 19.81
N ASN A 69 -9.05 -7.28 20.65
CA ASN A 69 -8.49 -6.39 21.67
C ASN A 69 -6.97 -6.51 21.80
N VAL A 70 -6.27 -6.74 20.66
CA VAL A 70 -4.81 -6.81 20.50
C VAL A 70 -4.09 -7.96 21.25
N SER A 71 -4.80 -8.90 21.87
CA SER A 71 -4.21 -10.20 22.25
C SER A 71 -3.55 -10.83 21.04
N GLY A 1 -9.14 -18.66 0.79
CA GLY A 1 -9.20 -18.42 -0.65
C GLY A 1 -7.99 -19.03 -1.32
N ALA A 2 -7.96 -20.36 -1.40
CA ALA A 2 -6.85 -21.15 -1.90
C ALA A 2 -7.28 -21.77 -3.23
N PRO A 3 -7.13 -21.08 -4.37
CA PRO A 3 -7.60 -21.59 -5.65
C PRO A 3 -6.81 -22.86 -6.03
N GLY A 4 -5.48 -22.77 -5.97
CA GLY A 4 -4.58 -23.85 -6.23
C GLY A 4 -3.23 -23.44 -5.67
N GLY A 5 -3.09 -23.47 -4.35
CA GLY A 5 -1.81 -23.23 -3.71
C GLY A 5 -1.42 -21.76 -3.71
N LYS A 6 -0.14 -21.54 -3.44
CA LYS A 6 0.50 -20.22 -3.33
C LYS A 6 0.39 -19.43 -4.64
N SER A 7 0.67 -18.14 -4.60
CA SER A 7 0.64 -17.28 -5.77
C SER A 7 1.53 -16.06 -5.54
N ARG A 8 1.99 -15.44 -6.62
CA ARG A 8 2.60 -14.13 -6.60
C ARG A 8 1.49 -13.09 -6.67
N ARG A 9 1.82 -11.85 -6.32
CA ARG A 9 0.93 -10.71 -6.44
C ARG A 9 1.67 -9.60 -7.16
N ARG A 10 0.96 -8.88 -8.02
CA ARG A 10 1.49 -7.73 -8.73
C ARG A 10 1.48 -6.56 -7.77
N ARG A 11 2.67 -6.09 -7.38
CA ARG A 11 2.86 -4.89 -6.57
C ARG A 11 3.77 -3.88 -7.26
N THR A 12 4.02 -4.08 -8.56
CA THR A 12 4.66 -3.11 -9.47
C THR A 12 6.17 -3.04 -9.19
N ALA A 13 6.94 -2.43 -10.11
CA ALA A 13 8.38 -2.25 -9.98
C ALA A 13 8.66 -1.10 -9.00
N PHE A 14 8.55 -1.41 -7.72
CA PHE A 14 8.88 -0.55 -6.59
C PHE A 14 10.14 -1.15 -5.96
N THR A 15 11.17 -0.34 -5.75
CA THR A 15 12.33 -0.74 -5.00
C THR A 15 12.05 -0.70 -3.50
N SER A 16 12.99 -1.25 -2.75
CA SER A 16 13.01 -1.36 -1.31
C SER A 16 12.82 -0.04 -0.59
N GLU A 17 13.37 1.04 -1.12
CA GLU A 17 13.27 2.37 -0.60
C GLU A 17 11.82 2.82 -0.67
N GLN A 18 11.24 2.65 -1.86
CA GLN A 18 9.87 3.03 -2.12
C GLN A 18 8.94 2.15 -1.26
N LEU A 19 9.32 0.89 -1.00
CA LEU A 19 8.54 0.00 -0.15
C LEU A 19 8.59 0.42 1.33
N LEU A 20 9.53 1.28 1.72
CA LEU A 20 9.71 1.67 3.11
C LEU A 20 8.72 2.79 3.42
N GLU A 21 8.76 3.85 2.60
CA GLU A 21 8.03 5.09 2.86
C GLU A 21 6.53 4.85 2.79
N LEU A 22 6.13 3.94 1.91
CA LEU A 22 4.78 3.39 1.78
C LEU A 22 4.29 2.84 3.13
N ARG A 23 5.07 1.97 3.75
CA ARG A 23 4.62 1.20 4.89
C ARG A 23 4.63 2.08 6.12
N LYS A 24 5.50 3.10 6.18
CA LYS A 24 5.48 4.01 7.31
C LYS A 24 4.23 4.89 7.28
N GLU A 25 3.76 5.28 6.10
CA GLU A 25 2.54 6.06 6.03
C GLU A 25 1.32 5.20 6.36
N PHE A 26 1.30 3.91 6.00
CA PHE A 26 0.11 3.09 6.18
C PHE A 26 -0.29 2.92 7.65
N HIS A 27 0.67 2.66 8.55
CA HIS A 27 0.39 2.53 9.99
C HIS A 27 0.20 3.88 10.68
N CYS A 28 0.26 4.98 9.92
CA CYS A 28 0.13 6.34 10.38
C CYS A 28 -1.20 6.95 9.92
N LYS A 29 -1.54 6.83 8.63
CA LYS A 29 -2.64 7.57 8.00
C LYS A 29 -3.81 6.66 7.70
N LYS A 30 -5.02 7.12 8.01
CA LYS A 30 -6.28 6.50 7.59
C LYS A 30 -6.43 6.48 6.07
N TYR A 31 -6.00 7.54 5.37
CA TYR A 31 -5.92 7.61 3.91
C TYR A 31 -5.00 8.77 3.54
N LEU A 32 -4.52 8.81 2.29
CA LEU A 32 -3.81 9.93 1.69
C LEU A 32 -4.83 10.90 1.11
N SER A 33 -4.85 12.17 1.53
CA SER A 33 -5.44 13.30 0.79
C SER A 33 -4.79 13.44 -0.60
N LEU A 34 -5.27 14.34 -1.45
CA LEU A 34 -4.69 14.60 -2.77
C LEU A 34 -3.21 14.96 -2.64
N THR A 35 -2.92 15.96 -1.83
CA THR A 35 -1.57 16.45 -1.60
C THR A 35 -0.68 15.33 -1.02
N GLU A 36 -1.15 14.58 -0.04
CA GLU A 36 -0.46 13.44 0.54
C GLU A 36 -0.14 12.39 -0.54
N ARG A 37 -1.11 12.07 -1.39
CA ARG A 37 -1.01 11.20 -2.55
C ARG A 37 -0.09 11.75 -3.65
N SER A 38 0.38 12.98 -3.50
CA SER A 38 1.30 13.67 -4.39
C SER A 38 2.69 13.80 -3.72
N GLN A 39 2.76 13.92 -2.39
CA GLN A 39 3.99 13.84 -1.60
C GLN A 39 4.60 12.44 -1.77
N ILE A 40 3.86 11.39 -1.41
CA ILE A 40 4.31 10.00 -1.47
C ILE A 40 4.49 9.52 -2.92
N ALA A 41 4.06 10.31 -3.89
CA ALA A 41 4.35 10.12 -5.30
C ALA A 41 5.71 10.70 -5.60
N HIS A 42 5.89 12.02 -5.45
CA HIS A 42 7.13 12.66 -5.88
C HIS A 42 8.32 12.17 -5.05
N ALA A 43 8.13 11.91 -3.76
CA ALA A 43 9.20 11.49 -2.84
C ALA A 43 9.90 10.23 -3.32
N LEU A 44 9.20 9.37 -4.06
CA LEU A 44 9.68 8.09 -4.56
C LEU A 44 9.51 8.04 -6.08
N LYS A 45 9.33 9.18 -6.75
CA LYS A 45 9.48 9.35 -8.19
C LYS A 45 8.42 8.62 -9.04
N LEU A 46 7.35 8.12 -8.42
CA LEU A 46 6.27 7.41 -9.12
C LEU A 46 5.13 8.38 -9.41
N SER A 47 4.18 7.96 -10.25
CA SER A 47 2.92 8.65 -10.39
C SER A 47 2.09 8.47 -9.12
N GLU A 48 1.21 9.43 -8.85
CA GLU A 48 0.20 9.37 -7.78
C GLU A 48 -0.56 8.05 -7.80
N VAL A 49 -0.98 7.64 -9.00
CA VAL A 49 -1.81 6.48 -9.19
C VAL A 49 -1.04 5.23 -8.76
N GLN A 50 0.24 5.11 -9.14
CA GLN A 50 1.07 3.97 -8.81
C GLN A 50 1.07 3.74 -7.29
N VAL A 51 1.20 4.82 -6.50
CA VAL A 51 1.09 4.79 -5.05
C VAL A 51 -0.28 4.26 -4.64
N LYS A 52 -1.35 4.86 -5.15
CA LYS A 52 -2.73 4.43 -4.87
C LYS A 52 -2.95 2.94 -5.18
N ILE A 53 -2.29 2.36 -6.19
CA ILE A 53 -2.45 0.94 -6.49
C ILE A 53 -1.78 0.10 -5.40
N TRP A 54 -0.69 0.55 -4.79
CA TRP A 54 -0.07 -0.19 -3.70
C TRP A 54 -0.95 -0.11 -2.45
N PHE A 55 -1.34 1.11 -2.02
CA PHE A 55 -2.13 1.29 -0.80
C PHE A 55 -3.49 0.59 -0.88
N GLN A 56 -4.17 0.57 -2.03
CA GLN A 56 -5.44 -0.16 -2.11
C GLN A 56 -5.23 -1.67 -1.92
N ASN A 57 -4.14 -2.19 -2.49
CA ASN A 57 -3.82 -3.59 -2.45
C ASN A 57 -3.33 -3.98 -1.06
N GLU A 58 -2.91 -3.02 -0.24
CA GLU A 58 -2.46 -3.29 1.11
C GLU A 58 -3.64 -3.16 2.06
N ARG A 59 -4.45 -2.08 1.95
CA ARG A 59 -5.56 -1.86 2.86
C ARG A 59 -6.47 -3.08 2.88
N ALA A 60 -6.72 -3.65 1.71
CA ALA A 60 -7.64 -4.77 1.59
C ALA A 60 -7.07 -6.04 2.23
N LYS A 61 -5.78 -6.34 2.03
CA LYS A 61 -5.15 -7.50 2.68
C LYS A 61 -5.18 -7.28 4.19
N TRP A 62 -4.83 -6.08 4.65
CA TRP A 62 -4.68 -5.79 6.07
C TRP A 62 -6.05 -5.79 6.73
N LYS A 63 -7.11 -5.34 6.03
CA LYS A 63 -8.47 -5.38 6.55
C LYS A 63 -8.97 -6.80 6.78
N ARG A 64 -8.31 -7.85 6.29
CA ARG A 64 -8.66 -9.23 6.62
C ARG A 64 -8.15 -9.65 7.99
N ILE A 65 -7.29 -8.84 8.62
CA ILE A 65 -6.52 -9.15 9.82
C ILE A 65 -7.05 -8.34 11.02
N LYS A 66 -8.06 -7.49 10.83
CA LYS A 66 -8.65 -6.64 11.88
C LYS A 66 -9.40 -7.43 12.97
N ALA A 67 -8.78 -8.46 13.53
CA ALA A 67 -9.33 -9.50 14.38
C ALA A 67 -9.74 -9.03 15.80
N GLY A 68 -9.95 -7.73 16.00
CA GLY A 68 -10.26 -7.07 17.27
C GLY A 68 -11.65 -7.36 17.83
N ASN A 69 -12.11 -8.61 17.73
CA ASN A 69 -13.43 -9.08 18.16
C ASN A 69 -13.32 -10.43 18.89
N VAL A 70 -12.12 -10.78 19.38
CA VAL A 70 -11.75 -12.05 19.99
C VAL A 70 -12.07 -13.30 19.10
N SER A 71 -12.23 -13.10 17.79
CA SER A 71 -12.54 -14.11 16.76
C SER A 71 -14.00 -14.52 16.83
N GLY A 1 11.43 -16.96 9.95
CA GLY A 1 11.40 -15.72 9.16
C GLY A 1 10.03 -15.51 8.54
N ALA A 2 9.02 -15.14 9.34
CA ALA A 2 7.70 -14.68 8.93
C ALA A 2 7.07 -15.50 7.78
N PRO A 3 6.92 -16.83 7.93
CA PRO A 3 6.47 -17.70 6.85
C PRO A 3 5.02 -17.42 6.46
N GLY A 4 4.63 -17.85 5.26
CA GLY A 4 3.31 -17.61 4.69
C GLY A 4 3.44 -17.09 3.27
N GLY A 5 4.21 -17.79 2.44
CA GLY A 5 4.38 -17.47 1.02
C GLY A 5 3.06 -17.66 0.27
N LYS A 6 2.86 -16.83 -0.75
CA LYS A 6 1.80 -16.89 -1.76
C LYS A 6 2.16 -15.92 -2.88
N SER A 7 1.81 -16.23 -4.13
CA SER A 7 1.87 -15.29 -5.23
C SER A 7 0.95 -14.10 -4.95
N ARG A 8 1.27 -12.89 -5.45
CA ARG A 8 0.41 -11.71 -5.31
C ARG A 8 0.20 -11.08 -6.68
N ARG A 9 -0.95 -11.36 -7.26
CA ARG A 9 -1.41 -10.84 -8.54
C ARG A 9 -1.87 -9.38 -8.37
N ARG A 10 -2.21 -8.73 -9.50
CA ARG A 10 -2.68 -7.35 -9.64
C ARG A 10 -1.75 -6.39 -8.88
N ARG A 11 -0.56 -6.14 -9.42
CA ARG A 11 0.42 -5.21 -8.85
C ARG A 11 1.31 -4.68 -9.97
N THR A 12 1.42 -3.36 -10.05
CA THR A 12 2.38 -2.62 -10.85
C THR A 12 3.81 -2.95 -10.38
N ALA A 13 4.84 -2.55 -11.12
CA ALA A 13 6.22 -2.95 -10.88
C ALA A 13 6.94 -1.95 -9.96
N PHE A 14 6.68 -2.06 -8.64
CA PHE A 14 7.27 -1.22 -7.61
C PHE A 14 8.47 -1.98 -7.02
N THR A 15 9.63 -1.34 -6.96
CA THR A 15 10.79 -1.90 -6.27
C THR A 15 10.63 -1.86 -4.73
N SER A 16 11.52 -2.57 -4.01
CA SER A 16 11.43 -2.67 -2.56
C SER A 16 11.58 -1.34 -1.85
N GLU A 17 12.32 -0.39 -2.42
CA GLU A 17 12.42 0.99 -1.96
C GLU A 17 11.01 1.56 -1.82
N GLN A 18 10.28 1.49 -2.94
CA GLN A 18 8.96 2.07 -3.08
C GLN A 18 8.02 1.36 -2.12
N LEU A 19 8.16 0.04 -1.98
CA LEU A 19 7.33 -0.73 -1.07
C LEU A 19 7.63 -0.40 0.41
N LEU A 20 8.81 0.10 0.77
CA LEU A 20 9.20 0.32 2.16
C LEU A 20 8.35 1.45 2.73
N GLU A 21 8.40 2.59 2.05
CA GLU A 21 7.68 3.81 2.39
C GLU A 21 6.17 3.53 2.41
N LEU A 22 5.70 2.78 1.41
CA LEU A 22 4.30 2.43 1.26
C LEU A 22 3.85 1.44 2.32
N ARG A 23 4.76 0.64 2.92
CA ARG A 23 4.45 -0.22 4.04
C ARG A 23 4.50 0.59 5.33
N LYS A 24 5.28 1.68 5.39
CA LYS A 24 5.41 2.54 6.56
C LYS A 24 4.16 3.40 6.73
N GLU A 25 3.93 4.33 5.81
CA GLU A 25 2.86 5.34 5.88
C GLU A 25 1.48 4.66 5.94
N PHE A 26 1.36 3.40 5.52
CA PHE A 26 0.13 2.62 5.65
C PHE A 26 -0.39 2.53 7.09
N HIS A 27 0.47 2.58 8.12
CA HIS A 27 -0.03 2.55 9.49
C HIS A 27 -0.67 3.87 9.94
N CYS A 28 -0.45 4.97 9.21
CA CYS A 28 -1.11 6.23 9.43
C CYS A 28 -2.56 6.16 8.97
N LYS A 29 -2.81 5.75 7.72
CA LYS A 29 -4.07 6.03 7.03
C LYS A 29 -4.23 5.11 5.82
N LYS A 30 -5.27 5.35 5.04
CA LYS A 30 -5.60 4.63 3.81
C LYS A 30 -5.46 5.52 2.58
N TYR A 31 -5.66 6.82 2.74
CA TYR A 31 -5.62 7.81 1.70
C TYR A 31 -4.94 9.03 2.29
N LEU A 32 -4.26 9.78 1.42
CA LEU A 32 -3.49 10.95 1.81
C LEU A 32 -3.97 12.13 0.98
N SER A 33 -3.77 13.32 1.55
CA SER A 33 -4.01 14.60 0.88
C SER A 33 -3.09 14.74 -0.34
N LEU A 34 -3.36 15.76 -1.17
CA LEU A 34 -2.64 16.02 -2.42
C LEU A 34 -1.15 16.27 -2.12
N THR A 35 -0.84 17.11 -1.14
CA THR A 35 0.53 17.37 -0.71
C THR A 35 1.22 16.11 -0.18
N GLU A 36 0.46 15.19 0.38
CA GLU A 36 0.99 14.04 1.09
C GLU A 36 1.37 12.99 0.06
N ARG A 37 0.46 12.74 -0.88
CA ARG A 37 0.80 12.06 -2.12
C ARG A 37 2.00 12.72 -2.79
N SER A 38 2.07 14.05 -2.83
CA SER A 38 3.21 14.78 -3.37
C SER A 38 4.53 14.49 -2.61
N GLN A 39 4.54 14.01 -1.35
CA GLN A 39 5.77 13.56 -0.72
C GLN A 39 6.07 12.17 -1.26
N ILE A 40 5.26 11.17 -0.92
CA ILE A 40 5.52 9.75 -1.18
C ILE A 40 5.68 9.44 -2.68
N ALA A 41 5.06 10.23 -3.55
CA ALA A 41 5.17 10.07 -4.98
C ALA A 41 6.50 10.64 -5.44
N HIS A 42 6.87 11.85 -4.96
CA HIS A 42 8.16 12.40 -5.36
C HIS A 42 9.29 11.62 -4.71
N ALA A 43 9.08 11.11 -3.48
CA ALA A 43 10.11 10.41 -2.74
C ALA A 43 10.50 9.09 -3.43
N LEU A 44 9.67 8.62 -4.36
CA LEU A 44 9.79 7.34 -5.04
C LEU A 44 9.75 7.49 -6.55
N LYS A 45 9.80 8.71 -7.09
CA LYS A 45 9.69 9.02 -8.52
C LYS A 45 8.40 8.50 -9.18
N LEU A 46 7.38 8.12 -8.42
CA LEU A 46 6.17 7.51 -8.94
C LEU A 46 5.15 8.61 -9.28
N SER A 47 4.15 8.28 -10.11
CA SER A 47 3.00 9.16 -10.29
C SER A 47 2.08 9.01 -9.08
N GLU A 48 1.36 10.07 -8.72
CA GLU A 48 0.37 10.08 -7.64
C GLU A 48 -0.67 8.98 -7.86
N VAL A 49 -1.01 8.69 -9.12
CA VAL A 49 -1.97 7.68 -9.52
C VAL A 49 -1.45 6.30 -9.13
N GLN A 50 -0.19 5.99 -9.45
CA GLN A 50 0.43 4.72 -9.09
C GLN A 50 0.30 4.54 -7.57
N VAL A 51 0.63 5.60 -6.82
CA VAL A 51 0.60 5.62 -5.37
C VAL A 51 -0.84 5.38 -4.88
N LYS A 52 -1.81 6.14 -5.37
CA LYS A 52 -3.22 6.05 -4.93
C LYS A 52 -3.79 4.66 -5.18
N ILE A 53 -3.27 3.93 -6.18
CA ILE A 53 -3.71 2.58 -6.49
C ILE A 53 -3.07 1.57 -5.52
N TRP A 54 -1.79 1.69 -5.14
CA TRP A 54 -1.22 0.69 -4.23
C TRP A 54 -1.85 0.84 -2.83
N PHE A 55 -1.96 2.07 -2.30
CA PHE A 55 -2.55 2.32 -0.97
C PHE A 55 -3.92 1.66 -0.87
N GLN A 56 -4.80 1.92 -1.85
CA GLN A 56 -6.15 1.36 -1.85
C GLN A 56 -6.16 -0.17 -1.92
N ASN A 57 -5.28 -0.74 -2.74
CA ASN A 57 -5.26 -2.17 -3.03
C ASN A 57 -4.87 -2.89 -1.75
N GLU A 58 -3.88 -2.31 -1.09
CA GLU A 58 -3.27 -2.94 0.06
C GLU A 58 -4.18 -2.78 1.26
N ARG A 59 -4.92 -1.67 1.37
CA ARG A 59 -5.92 -1.51 2.41
C ARG A 59 -7.04 -2.51 2.24
N ALA A 60 -7.45 -2.79 1.01
CA ALA A 60 -8.52 -3.73 0.73
C ALA A 60 -8.10 -5.14 1.16
N LYS A 61 -6.90 -5.59 0.77
CA LYS A 61 -6.45 -6.93 1.18
C LYS A 61 -6.29 -6.99 2.69
N TRP A 62 -5.73 -5.96 3.33
CA TRP A 62 -5.55 -5.95 4.77
C TRP A 62 -6.90 -5.91 5.48
N LYS A 63 -7.93 -5.28 4.88
CA LYS A 63 -9.25 -5.23 5.47
C LYS A 63 -9.89 -6.60 5.65
N ARG A 64 -9.45 -7.63 4.92
CA ARG A 64 -9.94 -8.99 5.12
C ARG A 64 -9.24 -9.70 6.27
N ILE A 65 -8.15 -9.13 6.80
CA ILE A 65 -7.41 -9.64 7.96
C ILE A 65 -8.11 -9.22 9.26
N LYS A 66 -9.01 -8.22 9.21
CA LYS A 66 -9.86 -7.86 10.33
C LYS A 66 -10.82 -9.02 10.63
N ALA A 67 -10.29 -10.02 11.33
CA ALA A 67 -10.97 -11.22 11.70
C ALA A 67 -11.95 -10.91 12.84
N GLY A 68 -11.58 -9.96 13.69
CA GLY A 68 -12.39 -9.45 14.79
C GLY A 68 -12.53 -10.44 15.95
N ASN A 69 -11.66 -11.45 16.02
CA ASN A 69 -11.52 -12.41 17.10
C ASN A 69 -10.14 -13.05 16.95
N VAL A 70 -9.54 -13.41 18.06
CA VAL A 70 -8.29 -14.17 18.16
C VAL A 70 -8.43 -15.64 17.71
N SER A 71 -9.29 -15.95 16.73
CA SER A 71 -9.63 -17.34 16.39
C SER A 71 -8.41 -18.13 15.96
N GLY A 1 -12.43 -30.08 -9.13
CA GLY A 1 -11.93 -28.75 -9.53
C GLY A 1 -10.43 -28.64 -9.39
N ALA A 2 -9.87 -27.58 -9.98
CA ALA A 2 -8.49 -27.15 -9.82
C ALA A 2 -8.48 -25.71 -9.27
N PRO A 3 -7.36 -25.20 -8.75
CA PRO A 3 -7.24 -23.79 -8.40
C PRO A 3 -7.36 -22.92 -9.65
N GLY A 4 -7.88 -21.69 -9.50
CA GLY A 4 -8.06 -20.76 -10.61
C GLY A 4 -6.73 -20.13 -10.98
N GLY A 5 -5.90 -19.86 -9.98
CA GLY A 5 -4.55 -19.33 -10.13
C GLY A 5 -4.57 -18.03 -10.91
N LYS A 6 -3.69 -17.92 -11.91
CA LYS A 6 -3.54 -16.76 -12.81
C LYS A 6 -3.39 -15.43 -12.07
N SER A 7 -2.98 -15.46 -10.80
CA SER A 7 -3.03 -14.36 -9.88
C SER A 7 -1.85 -14.48 -8.90
N ARG A 8 -0.67 -13.98 -9.28
CA ARG A 8 0.49 -13.82 -8.38
C ARG A 8 1.05 -12.40 -8.39
N ARG A 9 0.60 -11.56 -9.32
CA ARG A 9 1.07 -10.19 -9.48
C ARG A 9 0.07 -9.26 -8.80
N ARG A 10 0.47 -8.60 -7.71
CA ARG A 10 -0.21 -7.45 -7.11
C ARG A 10 0.81 -6.38 -6.64
N ARG A 11 2.05 -6.38 -7.15
CA ARG A 11 3.13 -5.49 -6.69
C ARG A 11 3.95 -4.99 -7.89
N THR A 12 4.82 -4.01 -7.72
CA THR A 12 5.50 -3.34 -8.83
C THR A 12 6.95 -2.97 -8.42
N ALA A 13 7.72 -2.27 -9.27
CA ALA A 13 9.10 -1.87 -9.01
C ALA A 13 9.16 -0.69 -8.04
N PHE A 14 9.05 -0.99 -6.75
CA PHE A 14 9.23 -0.06 -5.65
C PHE A 14 10.57 -0.44 -5.04
N THR A 15 11.52 0.48 -4.99
CA THR A 15 12.77 0.23 -4.30
C THR A 15 12.51 0.16 -2.80
N SER A 16 13.43 -0.44 -2.07
CA SER A 16 13.34 -0.60 -0.63
C SER A 16 13.25 0.76 0.06
N GLU A 17 13.89 1.77 -0.54
CA GLU A 17 13.90 3.18 -0.16
C GLU A 17 12.48 3.76 -0.10
N GLN A 18 11.53 3.20 -0.85
CA GLN A 18 10.12 3.61 -0.90
C GLN A 18 9.33 2.77 0.08
N LEU A 19 9.61 1.46 0.14
CA LEU A 19 8.88 0.54 1.01
C LEU A 19 9.07 0.87 2.49
N LEU A 20 10.15 1.58 2.84
CA LEU A 20 10.38 2.13 4.14
C LEU A 20 9.26 3.09 4.51
N GLU A 21 9.06 4.09 3.65
CA GLU A 21 8.24 5.24 3.91
C GLU A 21 6.76 4.87 3.78
N LEU A 22 6.45 3.89 2.94
CA LEU A 22 5.09 3.38 2.71
C LEU A 22 4.60 2.47 3.84
N ARG A 23 5.50 1.94 4.66
CA ARG A 23 5.17 1.29 5.92
C ARG A 23 4.93 2.36 6.96
N LYS A 24 5.77 3.40 7.01
CA LYS A 24 5.70 4.40 8.07
C LYS A 24 4.56 5.39 7.90
N GLU A 25 4.13 5.75 6.69
CA GLU A 25 2.96 6.62 6.48
C GLU A 25 1.67 5.94 6.97
N PHE A 26 1.65 4.62 7.02
CA PHE A 26 0.44 3.84 7.29
C PHE A 26 -0.06 4.00 8.74
N HIS A 27 0.78 4.56 9.62
CA HIS A 27 0.50 4.82 11.02
C HIS A 27 0.55 6.33 11.33
N CYS A 28 0.31 7.17 10.31
CA CYS A 28 0.21 8.62 10.46
C CYS A 28 -1.09 9.16 9.88
N LYS A 29 -1.39 8.84 8.61
CA LYS A 29 -2.55 9.36 7.89
C LYS A 29 -3.61 8.28 7.74
N LYS A 30 -4.88 8.68 7.87
CA LYS A 30 -6.02 7.79 7.68
C LYS A 30 -6.27 7.50 6.20
N TYR A 31 -5.97 8.42 5.30
CA TYR A 31 -5.99 8.21 3.86
C TYR A 31 -5.25 9.37 3.19
N LEU A 32 -4.82 9.17 1.94
CA LEU A 32 -4.29 10.20 1.06
C LEU A 32 -5.34 10.55 0.00
N SER A 33 -5.77 11.82 -0.02
CA SER A 33 -6.46 12.45 -1.14
C SER A 33 -5.47 12.76 -2.29
N LEU A 34 -5.95 13.39 -3.37
CA LEU A 34 -5.15 13.78 -4.53
C LEU A 34 -3.92 14.58 -4.13
N THR A 35 -4.09 15.70 -3.43
CA THR A 35 -3.01 16.56 -2.94
C THR A 35 -1.92 15.73 -2.25
N GLU A 36 -2.34 14.92 -1.29
CA GLU A 36 -1.49 14.07 -0.49
C GLU A 36 -0.71 13.13 -1.41
N ARG A 37 -1.42 12.32 -2.19
CA ARG A 37 -0.84 11.26 -2.99
C ARG A 37 -0.03 11.79 -4.17
N SER A 38 -0.30 13.01 -4.65
CA SER A 38 0.53 13.66 -5.66
C SER A 38 1.93 13.87 -5.07
N GLN A 39 2.02 14.38 -3.84
CA GLN A 39 3.28 14.61 -3.14
C GLN A 39 3.99 13.28 -2.91
N ILE A 40 3.35 12.33 -2.21
CA ILE A 40 3.98 11.07 -1.79
C ILE A 40 4.32 10.18 -3.01
N ALA A 41 3.83 10.53 -4.18
CA ALA A 41 4.21 9.90 -5.44
C ALA A 41 5.45 10.58 -5.99
N HIS A 42 5.40 11.89 -6.25
CA HIS A 42 6.52 12.58 -6.88
C HIS A 42 7.76 12.56 -5.99
N ALA A 43 7.58 12.62 -4.67
CA ALA A 43 8.66 12.53 -3.68
C ALA A 43 9.34 11.16 -3.70
N LEU A 44 8.62 10.11 -4.09
CA LEU A 44 9.03 8.71 -4.06
C LEU A 44 9.04 8.20 -5.49
N LYS A 45 9.35 9.06 -6.46
CA LYS A 45 9.68 8.68 -7.83
C LYS A 45 8.63 7.80 -8.53
N LEU A 46 7.37 7.89 -8.10
CA LEU A 46 6.26 7.08 -8.58
C LEU A 46 5.17 7.96 -9.17
N SER A 47 4.19 7.37 -9.86
CA SER A 47 2.92 8.00 -10.18
C SER A 47 1.95 7.83 -9.00
N GLU A 48 0.94 8.69 -8.91
CA GLU A 48 -0.11 8.62 -7.89
C GLU A 48 -0.73 7.23 -7.83
N VAL A 49 -0.98 6.66 -9.01
CA VAL A 49 -1.65 5.38 -9.17
C VAL A 49 -0.80 4.26 -8.57
N GLN A 50 0.52 4.28 -8.74
CA GLN A 50 1.41 3.30 -8.11
C GLN A 50 1.18 3.34 -6.60
N VAL A 51 1.26 4.52 -5.98
CA VAL A 51 1.07 4.69 -4.55
C VAL A 51 -0.33 4.18 -4.16
N LYS A 52 -1.38 4.50 -4.93
CA LYS A 52 -2.73 4.00 -4.70
C LYS A 52 -2.75 2.47 -4.67
N ILE A 53 -2.05 1.81 -5.60
CA ILE A 53 -2.03 0.35 -5.65
C ILE A 53 -1.33 -0.22 -4.41
N TRP A 54 -0.21 0.34 -3.96
CA TRP A 54 0.46 -0.21 -2.79
C TRP A 54 -0.40 -0.02 -1.55
N PHE A 55 -0.88 1.21 -1.31
CA PHE A 55 -1.73 1.53 -0.17
C PHE A 55 -2.95 0.61 -0.12
N GLN A 56 -3.66 0.39 -1.25
CA GLN A 56 -4.83 -0.49 -1.23
C GLN A 56 -4.49 -1.93 -0.89
N ASN A 57 -3.34 -2.41 -1.35
CA ASN A 57 -2.95 -3.80 -1.19
C ASN A 57 -2.51 -4.07 0.24
N GLU A 58 -2.03 -3.04 0.92
CA GLU A 58 -1.56 -3.13 2.30
C GLU A 58 -2.77 -2.94 3.21
N ARG A 59 -3.59 -1.90 3.02
CA ARG A 59 -4.75 -1.65 3.87
C ARG A 59 -5.61 -2.89 4.00
N ALA A 60 -5.83 -3.58 2.89
CA ALA A 60 -6.78 -4.67 2.79
C ALA A 60 -6.23 -6.00 3.32
N LYS A 61 -4.91 -6.11 3.58
CA LYS A 61 -4.32 -7.18 4.37
C LYS A 61 -4.29 -6.77 5.83
N TRP A 62 -3.91 -5.52 6.14
CA TRP A 62 -3.90 -5.04 7.51
C TRP A 62 -5.30 -5.07 8.13
N LYS A 63 -6.35 -4.76 7.35
CA LYS A 63 -7.74 -4.83 7.81
C LYS A 63 -8.20 -6.24 8.19
N ARG A 64 -7.32 -7.25 8.10
CA ARG A 64 -7.59 -8.62 8.53
C ARG A 64 -6.75 -9.01 9.75
N ILE A 65 -5.75 -8.21 10.13
CA ILE A 65 -5.07 -8.23 11.42
C ILE A 65 -6.14 -7.76 12.39
N LYS A 66 -6.39 -6.44 12.50
CA LYS A 66 -7.19 -5.74 13.52
C LYS A 66 -6.95 -6.14 14.99
N ALA A 67 -6.14 -7.16 15.27
CA ALA A 67 -5.95 -7.78 16.58
C ALA A 67 -7.27 -8.11 17.30
N GLY A 68 -8.28 -8.53 16.52
CA GLY A 68 -9.60 -8.94 17.03
C GLY A 68 -9.54 -10.38 17.49
N ASN A 69 -8.83 -10.63 18.59
CA ASN A 69 -8.80 -11.89 19.32
C ASN A 69 -8.61 -11.55 20.80
N VAL A 70 -9.14 -10.41 21.26
CA VAL A 70 -8.93 -9.91 22.63
C VAL A 70 -9.62 -10.83 23.66
N SER A 71 -10.44 -11.76 23.17
CA SER A 71 -11.08 -12.84 23.89
C SER A 71 -10.00 -13.76 24.46
N GLY A 1 -16.41 -4.07 -1.98
CA GLY A 1 -16.43 -5.43 -2.54
C GLY A 1 -15.53 -5.49 -3.76
N ALA A 2 -16.12 -5.80 -4.92
CA ALA A 2 -15.69 -5.36 -6.25
C ALA A 2 -14.16 -5.41 -6.44
N PRO A 3 -13.55 -6.60 -6.49
CA PRO A 3 -12.10 -6.70 -6.71
C PRO A 3 -11.77 -6.38 -8.16
N GLY A 4 -10.63 -5.74 -8.40
CA GLY A 4 -10.18 -5.34 -9.74
C GLY A 4 -8.70 -5.64 -9.99
N GLY A 5 -8.06 -6.44 -9.14
CA GLY A 5 -6.73 -6.98 -9.39
C GLY A 5 -6.84 -8.33 -10.11
N LYS A 6 -5.76 -8.78 -10.73
CA LYS A 6 -5.58 -10.13 -11.25
C LYS A 6 -4.22 -10.66 -10.79
N SER A 7 -4.08 -11.98 -10.77
CA SER A 7 -2.84 -12.75 -10.61
C SER A 7 -2.10 -12.61 -9.27
N ARG A 8 -2.11 -11.44 -8.62
CA ARG A 8 -1.81 -11.26 -7.21
C ARG A 8 -0.52 -11.96 -6.75
N ARG A 9 0.62 -11.77 -7.44
CA ARG A 9 1.84 -12.55 -7.22
C ARG A 9 3.05 -11.63 -7.12
N ARG A 10 4.11 -12.12 -6.45
CA ARG A 10 5.35 -11.42 -6.10
C ARG A 10 5.10 -10.02 -5.51
N ARG A 11 6.18 -9.30 -5.18
CA ARG A 11 6.08 -7.87 -4.88
C ARG A 11 5.98 -7.08 -6.18
N THR A 12 5.53 -5.84 -6.04
CA THR A 12 5.48 -4.84 -7.11
C THR A 12 6.71 -3.92 -7.12
N ALA A 13 7.83 -4.42 -6.61
CA ALA A 13 9.15 -3.91 -6.98
C ALA A 13 9.48 -2.57 -6.34
N PHE A 14 9.01 -2.36 -5.11
CA PHE A 14 9.26 -1.16 -4.34
C PHE A 14 10.56 -1.38 -3.57
N THR A 15 11.50 -0.45 -3.72
CA THR A 15 12.70 -0.36 -2.90
C THR A 15 12.34 0.03 -1.46
N SER A 16 13.30 0.03 -0.54
CA SER A 16 13.04 0.36 0.85
C SER A 16 12.49 1.78 1.01
N GLU A 17 12.98 2.73 0.21
CA GLU A 17 12.53 4.12 0.21
C GLU A 17 11.02 4.20 0.03
N GLN A 18 10.59 3.66 -1.10
CA GLN A 18 9.21 3.49 -1.50
C GLN A 18 8.37 2.54 -0.66
N LEU A 19 8.97 1.80 0.25
CA LEU A 19 8.25 0.98 1.23
C LEU A 19 8.08 1.67 2.56
N LEU A 20 8.97 2.58 2.95
CA LEU A 20 8.99 3.09 4.31
C LEU A 20 7.79 4.01 4.55
N GLU A 21 7.67 5.00 3.67
CA GLU A 21 6.65 6.05 3.74
C GLU A 21 5.26 5.41 3.63
N LEU A 22 5.17 4.38 2.78
CA LEU A 22 3.96 3.63 2.54
C LEU A 22 3.52 2.86 3.77
N ARG A 23 4.47 2.29 4.52
CA ARG A 23 4.15 1.50 5.70
C ARG A 23 3.70 2.45 6.81
N LYS A 24 4.25 3.68 6.83
CA LYS A 24 3.86 4.68 7.79
C LYS A 24 2.47 5.21 7.52
N GLU A 25 2.21 5.71 6.31
CA GLU A 25 0.90 6.25 5.96
C GLU A 25 -0.17 5.17 6.10
N PHE A 26 0.15 3.89 5.90
CA PHE A 26 -0.76 2.77 6.10
C PHE A 26 -1.21 2.63 7.57
N HIS A 27 -0.43 3.13 8.53
CA HIS A 27 -0.79 3.11 9.94
C HIS A 27 -1.60 4.37 10.27
N CYS A 28 -1.23 5.52 9.69
CA CYS A 28 -1.98 6.77 9.82
C CYS A 28 -3.41 6.62 9.28
N LYS A 29 -3.56 6.09 8.08
CA LYS A 29 -4.79 6.07 7.29
C LYS A 29 -4.70 4.86 6.34
N LYS A 30 -5.67 4.71 5.46
CA LYS A 30 -5.66 3.62 4.47
C LYS A 30 -5.38 4.10 3.05
N TYR A 31 -5.69 5.36 2.73
CA TYR A 31 -5.42 5.95 1.44
C TYR A 31 -5.45 7.47 1.61
N LEU A 32 -4.88 8.17 0.63
CA LEU A 32 -4.82 9.61 0.57
C LEU A 32 -5.87 10.12 -0.41
N SER A 33 -6.03 11.44 -0.45
CA SER A 33 -6.75 12.13 -1.53
C SER A 33 -5.81 12.34 -2.72
N LEU A 34 -6.35 12.83 -3.85
CA LEU A 34 -5.71 12.86 -5.16
C LEU A 34 -4.33 13.54 -5.08
N THR A 35 -4.33 14.81 -4.69
CA THR A 35 -3.14 15.64 -4.56
C THR A 35 -2.12 14.96 -3.63
N GLU A 36 -2.58 14.46 -2.50
CA GLU A 36 -1.71 13.93 -1.47
C GLU A 36 -1.04 12.66 -1.95
N ARG A 37 -1.77 11.74 -2.57
CA ARG A 37 -1.20 10.55 -3.20
C ARG A 37 -0.22 10.90 -4.32
N SER A 38 -0.36 12.06 -4.97
CA SER A 38 0.62 12.53 -5.92
C SER A 38 1.95 12.76 -5.21
N GLN A 39 1.95 13.38 -4.02
CA GLN A 39 3.17 13.55 -3.21
C GLN A 39 3.84 12.21 -2.97
N ILE A 40 3.06 11.25 -2.45
CA ILE A 40 3.56 9.93 -2.06
C ILE A 40 3.90 9.07 -3.29
N ALA A 41 3.76 9.61 -4.49
CA ALA A 41 4.27 9.02 -5.72
C ALA A 41 5.52 9.77 -6.17
N HIS A 42 5.42 11.09 -6.34
CA HIS A 42 6.47 11.93 -6.88
C HIS A 42 7.71 11.91 -5.98
N ALA A 43 7.56 11.84 -4.66
CA ALA A 43 8.70 11.76 -3.74
C ALA A 43 9.47 10.46 -3.89
N LEU A 44 8.82 9.44 -4.46
CA LEU A 44 9.32 8.09 -4.61
C LEU A 44 9.60 7.79 -6.08
N LYS A 45 9.49 8.79 -6.97
CA LYS A 45 9.55 8.71 -8.43
C LYS A 45 8.47 7.85 -9.08
N LEU A 46 7.55 7.27 -8.30
CA LEU A 46 6.55 6.30 -8.77
C LEU A 46 5.46 7.00 -9.59
N SER A 47 4.61 6.18 -10.22
CA SER A 47 3.32 6.60 -10.76
C SER A 47 2.30 6.51 -9.63
N GLU A 48 1.30 7.39 -9.61
CA GLU A 48 0.20 7.39 -8.63
C GLU A 48 -0.39 6.00 -8.49
N VAL A 49 -0.67 5.38 -9.62
CA VAL A 49 -1.36 4.10 -9.70
C VAL A 49 -0.55 3.03 -8.96
N GLN A 50 0.78 3.02 -9.08
CA GLN A 50 1.64 2.06 -8.39
C GLN A 50 1.39 2.17 -6.89
N VAL A 51 1.48 3.38 -6.35
CA VAL A 51 1.32 3.69 -4.94
C VAL A 51 -0.05 3.23 -4.47
N LYS A 52 -1.11 3.63 -5.18
CA LYS A 52 -2.48 3.24 -4.88
C LYS A 52 -2.66 1.72 -4.91
N ILE A 53 -1.99 0.99 -5.81
CA ILE A 53 -2.08 -0.46 -5.85
C ILE A 53 -1.34 -1.05 -4.65
N TRP A 54 -0.22 -0.49 -4.20
CA TRP A 54 0.44 -1.00 -3.01
C TRP A 54 -0.46 -0.81 -1.79
N PHE A 55 -0.93 0.42 -1.54
CA PHE A 55 -1.77 0.75 -0.39
C PHE A 55 -2.97 -0.19 -0.29
N GLN A 56 -3.65 -0.49 -1.40
CA GLN A 56 -4.82 -1.36 -1.36
C GLN A 56 -4.46 -2.83 -1.09
N ASN A 57 -3.32 -3.27 -1.58
CA ASN A 57 -2.88 -4.65 -1.48
C ASN A 57 -2.32 -4.93 -0.09
N GLU A 58 -1.85 -3.89 0.60
CA GLU A 58 -1.49 -3.96 2.01
C GLU A 58 -2.79 -4.01 2.83
N ARG A 59 -3.81 -3.21 2.46
CA ARG A 59 -5.13 -3.16 3.10
C ARG A 59 -5.89 -4.49 3.07
N ALA A 60 -5.41 -5.51 2.35
CA ALA A 60 -5.88 -6.87 2.47
C ALA A 60 -4.92 -7.70 3.31
N LYS A 61 -3.62 -7.71 3.02
CA LYS A 61 -2.68 -8.62 3.69
C LYS A 61 -2.53 -8.29 5.16
N TRP A 62 -2.79 -7.04 5.55
CA TRP A 62 -2.77 -6.68 6.95
C TRP A 62 -4.03 -7.21 7.64
N LYS A 63 -5.18 -7.33 6.96
CA LYS A 63 -6.38 -7.86 7.61
C LYS A 63 -6.17 -9.28 8.16
N ARG A 64 -5.28 -10.09 7.59
CA ARG A 64 -4.97 -11.41 8.12
C ARG A 64 -4.26 -11.38 9.48
N ILE A 65 -3.57 -10.27 9.76
CA ILE A 65 -2.80 -10.06 10.99
C ILE A 65 -3.68 -10.14 12.23
N LYS A 66 -4.92 -9.67 12.11
CA LYS A 66 -5.86 -9.50 13.22
C LYS A 66 -6.27 -10.89 13.70
N ALA A 67 -5.43 -11.46 14.54
CA ALA A 67 -5.58 -12.77 15.14
C ALA A 67 -6.94 -12.82 15.86
N GLY A 68 -7.08 -11.96 16.86
CA GLY A 68 -8.33 -11.78 17.59
C GLY A 68 -8.16 -11.35 19.05
N ASN A 69 -7.02 -11.66 19.68
CA ASN A 69 -6.77 -11.51 21.11
C ASN A 69 -5.47 -10.73 21.30
N VAL A 70 -5.26 -9.72 20.45
CA VAL A 70 -4.34 -8.63 20.75
C VAL A 70 -4.92 -7.74 21.87
N SER A 71 -6.22 -7.86 22.11
CA SER A 71 -6.84 -7.41 23.33
C SER A 71 -7.06 -8.69 24.12
N GLY A 1 -18.91 -4.12 -7.85
CA GLY A 1 -18.33 -4.47 -9.15
C GLY A 1 -17.20 -5.47 -8.99
N ALA A 2 -16.01 -5.13 -9.47
CA ALA A 2 -14.72 -5.78 -9.17
C ALA A 2 -14.79 -7.33 -9.17
N PRO A 3 -15.21 -7.97 -10.28
CA PRO A 3 -15.62 -9.37 -10.30
C PRO A 3 -14.51 -10.32 -9.84
N GLY A 4 -13.35 -10.24 -10.48
CA GLY A 4 -12.17 -11.04 -10.21
C GLY A 4 -11.06 -10.49 -11.08
N GLY A 5 -9.80 -10.69 -10.71
CA GLY A 5 -8.69 -10.16 -11.46
C GLY A 5 -7.54 -9.74 -10.58
N LYS A 6 -7.42 -8.43 -10.36
CA LYS A 6 -6.21 -7.80 -9.87
C LYS A 6 -6.53 -7.14 -8.53
N SER A 7 -6.25 -7.86 -7.45
CA SER A 7 -6.33 -7.36 -6.09
C SER A 7 -5.21 -7.97 -5.24
N ARG A 8 -5.42 -9.16 -4.68
CA ARG A 8 -4.46 -9.81 -3.79
C ARG A 8 -3.19 -10.11 -4.61
N ARG A 9 -2.01 -10.11 -3.96
CA ARG A 9 -0.76 -10.61 -4.55
C ARG A 9 -0.28 -9.74 -5.73
N ARG A 10 0.91 -10.04 -6.25
CA ARG A 10 1.59 -9.30 -7.31
C ARG A 10 1.82 -7.82 -6.93
N ARG A 11 2.80 -7.60 -6.04
CA ARG A 11 3.37 -6.28 -5.75
C ARG A 11 4.27 -5.81 -6.92
N THR A 12 5.07 -4.78 -6.65
CA THR A 12 5.99 -4.08 -7.53
C THR A 12 7.36 -4.02 -6.83
N ALA A 13 8.44 -3.78 -7.58
CA ALA A 13 9.75 -3.51 -7.01
C ALA A 13 9.71 -2.15 -6.33
N PHE A 14 9.48 -2.14 -5.03
CA PHE A 14 9.61 -0.99 -4.13
C PHE A 14 10.83 -1.33 -3.27
N THR A 15 11.68 -0.33 -2.99
CA THR A 15 12.83 -0.50 -2.10
C THR A 15 12.40 -0.23 -0.69
N SER A 16 13.15 -0.76 0.27
CA SER A 16 12.73 -0.79 1.65
C SER A 16 12.53 0.59 2.30
N GLU A 17 13.04 1.64 1.66
CA GLU A 17 12.77 3.04 1.97
C GLU A 17 11.32 3.36 1.61
N GLN A 18 10.95 3.06 0.36
CA GLN A 18 9.64 3.33 -0.19
C GLN A 18 8.61 2.51 0.58
N LEU A 19 8.95 1.29 1.05
CA LEU A 19 8.02 0.52 1.86
C LEU A 19 7.89 1.13 3.27
N LEU A 20 8.85 1.92 3.73
CA LEU A 20 8.84 2.54 5.05
C LEU A 20 7.78 3.63 5.05
N GLU A 21 7.90 4.61 4.14
CA GLU A 21 7.03 5.77 4.11
C GLU A 21 5.58 5.37 3.75
N LEU A 22 5.42 4.24 3.07
CA LEU A 22 4.13 3.62 2.80
C LEU A 22 3.50 3.01 4.04
N ARG A 23 4.31 2.51 4.98
CA ARG A 23 3.79 1.99 6.25
C ARG A 23 3.54 3.17 7.19
N LYS A 24 4.27 4.28 7.03
CA LYS A 24 3.93 5.55 7.69
C LYS A 24 2.53 6.00 7.27
N GLU A 25 2.16 5.81 6.00
CA GLU A 25 0.80 6.11 5.56
C GLU A 25 -0.18 5.03 6.00
N PHE A 26 0.26 3.78 6.15
CA PHE A 26 -0.58 2.66 6.55
C PHE A 26 -1.21 2.88 7.93
N HIS A 27 -0.45 3.46 8.86
CA HIS A 27 -0.93 3.73 10.20
C HIS A 27 -1.66 5.08 10.30
N CYS A 28 -1.64 5.91 9.25
CA CYS A 28 -2.15 7.26 9.28
C CYS A 28 -3.59 7.32 8.76
N LYS A 29 -3.78 7.42 7.44
CA LYS A 29 -5.11 7.55 6.88
C LYS A 29 -5.67 6.15 6.69
N LYS A 30 -6.98 5.96 6.88
CA LYS A 30 -7.62 4.72 6.46
C LYS A 30 -7.46 4.50 4.96
N TYR A 31 -7.60 5.56 4.14
CA TYR A 31 -7.42 5.55 2.70
C TYR A 31 -6.80 6.86 2.25
N LEU A 32 -6.07 6.86 1.14
CA LEU A 32 -5.65 8.09 0.47
C LEU A 32 -6.80 8.62 -0.39
N SER A 33 -6.65 9.83 -0.92
CA SER A 33 -7.38 10.35 -2.07
C SER A 33 -6.40 10.58 -3.23
N LEU A 34 -6.90 11.03 -4.38
CA LEU A 34 -6.10 11.24 -5.57
C LEU A 34 -5.03 12.32 -5.34
N THR A 35 -5.39 13.41 -4.65
CA THR A 35 -4.44 14.44 -4.28
C THR A 35 -3.35 13.84 -3.39
N GLU A 36 -3.74 13.19 -2.28
CA GLU A 36 -2.83 12.56 -1.32
C GLU A 36 -1.85 11.62 -2.03
N ARG A 37 -2.34 10.81 -2.97
CA ARG A 37 -1.53 9.88 -3.75
C ARG A 37 -0.46 10.59 -4.57
N SER A 38 -0.77 11.73 -5.20
CA SER A 38 0.20 12.44 -6.01
C SER A 38 1.43 12.81 -5.16
N GLN A 39 1.21 13.18 -3.89
CA GLN A 39 2.31 13.40 -2.95
C GLN A 39 3.14 12.12 -2.81
N ILE A 40 2.55 11.04 -2.28
CA ILE A 40 3.28 9.82 -1.90
C ILE A 40 3.98 9.16 -3.08
N ALA A 41 3.51 9.44 -4.28
CA ALA A 41 4.07 8.95 -5.52
C ALA A 41 5.27 9.81 -5.91
N HIS A 42 5.11 11.13 -5.96
CA HIS A 42 6.21 12.03 -6.28
C HIS A 42 7.32 11.85 -5.25
N ALA A 43 6.92 11.74 -3.97
CA ALA A 43 7.80 11.68 -2.81
C ALA A 43 8.75 10.49 -2.83
N LEU A 44 8.42 9.47 -3.62
CA LEU A 44 9.12 8.20 -3.70
C LEU A 44 9.50 7.90 -5.14
N LYS A 45 9.46 8.89 -6.04
CA LYS A 45 9.86 8.79 -7.45
C LYS A 45 8.96 7.91 -8.32
N LEU A 46 7.85 7.43 -7.77
CA LEU A 46 6.97 6.43 -8.35
C LEU A 46 5.86 7.11 -9.18
N SER A 47 5.12 6.30 -9.94
CA SER A 47 3.83 6.73 -10.47
C SER A 47 2.73 6.42 -9.44
N GLU A 48 1.66 7.21 -9.40
CA GLU A 48 0.52 6.97 -8.51
C GLU A 48 -0.04 5.57 -8.70
N VAL A 49 -0.10 5.11 -9.95
CA VAL A 49 -0.63 3.80 -10.28
C VAL A 49 0.22 2.68 -9.64
N GLN A 50 1.53 2.87 -9.48
CA GLN A 50 2.35 1.94 -8.72
C GLN A 50 1.93 1.94 -7.25
N VAL A 51 1.80 3.13 -6.65
CA VAL A 51 1.50 3.31 -5.23
C VAL A 51 0.12 2.70 -4.90
N LYS A 52 -0.90 2.95 -5.74
CA LYS A 52 -2.26 2.44 -5.53
C LYS A 52 -2.30 0.91 -5.44
N ILE A 53 -1.32 0.24 -6.07
CA ILE A 53 -1.17 -1.21 -6.05
C ILE A 53 -0.42 -1.68 -4.80
N TRP A 54 0.56 -0.93 -4.29
CA TRP A 54 1.22 -1.33 -3.06
C TRP A 54 0.22 -1.28 -1.89
N PHE A 55 -0.46 -0.14 -1.73
CA PHE A 55 -1.38 0.09 -0.63
C PHE A 55 -2.39 -1.06 -0.52
N GLN A 56 -3.08 -1.39 -1.61
CA GLN A 56 -4.05 -2.48 -1.62
C GLN A 56 -3.46 -3.82 -1.20
N ASN A 57 -2.25 -4.13 -1.68
CA ASN A 57 -1.60 -5.41 -1.43
C ASN A 57 -1.30 -5.55 0.05
N GLU A 58 -0.93 -4.44 0.67
CA GLU A 58 -0.58 -4.39 2.09
C GLU A 58 -1.84 -4.49 2.93
N ARG A 59 -2.83 -3.63 2.67
CA ARG A 59 -4.13 -3.68 3.35
C ARG A 59 -4.67 -5.10 3.34
N ALA A 60 -4.56 -5.80 2.21
CA ALA A 60 -5.08 -7.15 2.07
C ALA A 60 -4.25 -8.15 2.89
N LYS A 61 -2.92 -8.13 2.79
CA LYS A 61 -2.09 -9.07 3.56
C LYS A 61 -2.25 -8.79 5.04
N TRP A 62 -2.32 -7.54 5.49
CA TRP A 62 -2.54 -7.23 6.89
C TRP A 62 -3.93 -7.74 7.31
N LYS A 63 -4.94 -7.58 6.46
CA LYS A 63 -6.25 -8.19 6.67
C LYS A 63 -6.25 -9.73 6.56
N ARG A 64 -5.14 -10.40 6.25
CA ARG A 64 -5.06 -11.85 6.44
C ARG A 64 -4.81 -12.16 7.93
N ILE A 65 -4.21 -11.20 8.63
CA ILE A 65 -3.79 -11.28 10.02
C ILE A 65 -4.99 -10.84 10.86
N LYS A 66 -5.17 -9.53 11.05
CA LYS A 66 -6.15 -8.90 11.94
C LYS A 66 -6.20 -9.60 13.31
N ALA A 67 -5.05 -10.05 13.81
CA ALA A 67 -4.95 -10.85 15.02
C ALA A 67 -5.20 -10.04 16.30
N GLY A 68 -5.21 -8.71 16.23
CA GLY A 68 -4.95 -7.82 17.35
C GLY A 68 -3.54 -7.25 17.18
N ASN A 69 -2.56 -8.15 16.99
CA ASN A 69 -1.13 -7.86 16.96
C ASN A 69 -0.71 -7.15 18.25
N VAL A 70 -1.14 -7.76 19.35
CA VAL A 70 -0.80 -7.48 20.74
C VAL A 70 0.34 -8.43 21.18
N SER A 71 1.06 -9.01 20.22
CA SER A 71 2.40 -9.52 20.48
C SER A 71 3.22 -8.37 21.03
N GLY A 1 8.51 -14.27 15.68
CA GLY A 1 7.09 -13.88 15.85
C GLY A 1 6.41 -13.73 14.50
N ALA A 2 5.15 -14.16 14.39
CA ALA A 2 4.21 -13.82 13.32
C ALA A 2 4.79 -13.88 11.88
N PRO A 3 5.34 -15.00 11.41
CA PRO A 3 5.99 -15.10 10.11
C PRO A 3 4.98 -14.86 8.98
N GLY A 4 5.47 -14.60 7.76
CA GLY A 4 4.66 -14.31 6.60
C GLY A 4 5.41 -14.67 5.32
N GLY A 5 6.09 -13.71 4.70
CA GLY A 5 6.90 -13.91 3.48
C GLY A 5 6.01 -14.00 2.23
N LYS A 6 5.10 -14.96 2.21
CA LYS A 6 4.25 -15.35 1.10
C LYS A 6 3.52 -14.15 0.50
N SER A 7 3.74 -13.86 -0.77
CA SER A 7 2.89 -13.05 -1.63
C SER A 7 3.06 -13.50 -3.08
N ARG A 8 1.97 -13.47 -3.85
CA ARG A 8 1.91 -13.62 -5.31
C ARG A 8 0.69 -12.84 -5.79
N ARG A 9 0.85 -11.78 -6.58
CA ARG A 9 -0.22 -11.05 -7.26
C ARG A 9 0.38 -10.18 -8.36
N ARG A 10 -0.40 -9.74 -9.34
CA ARG A 10 0.06 -8.78 -10.34
C ARG A 10 0.02 -7.38 -9.75
N ARG A 11 1.19 -6.78 -9.53
CA ARG A 11 1.33 -5.41 -9.04
C ARG A 11 2.12 -4.60 -10.06
N THR A 12 2.05 -3.28 -9.98
CA THR A 12 2.83 -2.39 -10.83
C THR A 12 4.30 -2.50 -10.41
N ALA A 13 5.23 -2.31 -11.35
CA ALA A 13 6.66 -2.27 -11.12
C ALA A 13 7.01 -1.12 -10.17
N PHE A 14 7.17 -1.45 -8.89
CA PHE A 14 7.78 -0.64 -7.86
C PHE A 14 9.06 -1.37 -7.46
N THR A 15 10.18 -0.66 -7.30
CA THR A 15 11.40 -1.22 -6.74
C THR A 15 11.28 -1.34 -5.22
N SER A 16 12.25 -1.98 -4.55
CA SER A 16 12.21 -2.11 -3.09
C SER A 16 12.27 -0.75 -2.40
N GLU A 17 12.98 0.23 -2.98
CA GLU A 17 13.05 1.58 -2.42
C GLU A 17 11.64 2.19 -2.33
N GLN A 18 10.82 1.93 -3.35
CA GLN A 18 9.50 2.49 -3.50
C GLN A 18 8.54 1.75 -2.59
N LEU A 19 8.76 0.45 -2.39
CA LEU A 19 8.00 -0.37 -1.47
C LEU A 19 8.35 -0.13 0.00
N LEU A 20 9.43 0.60 0.28
CA LEU A 20 9.94 0.80 1.64
C LEU A 20 9.01 1.78 2.35
N GLU A 21 8.86 2.94 1.73
CA GLU A 21 8.14 4.09 2.22
C GLU A 21 6.67 3.71 2.48
N LEU A 22 6.09 3.03 1.50
CA LEU A 22 4.71 2.55 1.51
C LEU A 22 4.40 1.69 2.72
N ARG A 23 5.33 0.83 3.13
CA ARG A 23 5.05 -0.12 4.18
C ARG A 23 5.00 0.64 5.49
N LYS A 24 5.91 1.61 5.70
CA LYS A 24 5.87 2.34 6.96
C LYS A 24 4.62 3.23 6.99
N GLU A 25 4.22 3.78 5.85
CA GLU A 25 3.12 4.71 5.75
C GLU A 25 1.77 4.07 6.06
N PHE A 26 1.64 2.76 5.79
CA PHE A 26 0.42 1.99 6.00
C PHE A 26 -0.08 2.07 7.44
N HIS A 27 0.80 2.35 8.40
CA HIS A 27 0.49 2.48 9.82
C HIS A 27 0.76 3.91 10.32
N CYS A 28 0.69 4.91 9.44
CA CYS A 28 0.82 6.32 9.80
C CYS A 28 -0.50 7.04 9.56
N LYS A 29 -0.75 7.51 8.34
CA LYS A 29 -2.03 8.11 7.95
C LYS A 29 -3.01 7.00 7.63
N LYS A 30 -4.26 7.13 8.10
CA LYS A 30 -5.32 6.19 7.76
C LYS A 30 -5.62 6.19 6.26
N TYR A 31 -5.50 7.33 5.58
CA TYR A 31 -5.53 7.43 4.14
C TYR A 31 -4.61 8.57 3.72
N LEU A 32 -4.09 8.53 2.49
CA LEU A 32 -3.42 9.69 1.91
C LEU A 32 -4.50 10.69 1.52
N SER A 33 -4.51 11.89 2.09
CA SER A 33 -5.19 13.05 1.50
C SER A 33 -4.42 13.50 0.23
N LEU A 34 -4.79 14.62 -0.39
CA LEU A 34 -4.16 15.07 -1.64
C LEU A 34 -2.68 15.39 -1.44
N THR A 35 -2.34 16.19 -0.43
CA THR A 35 -0.96 16.60 -0.20
C THR A 35 -0.10 15.36 0.01
N GLU A 36 -0.56 14.47 0.87
CA GLU A 36 0.06 13.21 1.25
C GLU A 36 0.32 12.38 -0.01
N ARG A 37 -0.68 12.26 -0.89
CA ARG A 37 -0.58 11.50 -2.12
C ARG A 37 0.43 12.14 -3.08
N SER A 38 0.48 13.47 -3.15
CA SER A 38 1.52 14.15 -3.91
C SER A 38 2.89 13.81 -3.33
N GLN A 39 3.06 13.88 -2.00
CA GLN A 39 4.34 13.63 -1.32
C GLN A 39 4.84 12.23 -1.66
N ILE A 40 4.09 11.19 -1.27
CA ILE A 40 4.56 9.81 -1.36
C ILE A 40 4.75 9.38 -2.82
N ALA A 41 4.17 10.12 -3.75
CA ALA A 41 4.34 9.90 -5.17
C ALA A 41 5.65 10.55 -5.62
N HIS A 42 5.82 11.85 -5.37
CA HIS A 42 7.00 12.58 -5.79
C HIS A 42 8.25 12.04 -5.11
N ALA A 43 8.13 11.60 -3.85
CA ALA A 43 9.23 11.03 -3.08
C ALA A 43 9.76 9.72 -3.66
N LEU A 44 9.04 9.14 -4.63
CA LEU A 44 9.32 7.85 -5.24
C LEU A 44 9.38 7.97 -6.76
N LYS A 45 9.29 9.18 -7.34
CA LYS A 45 9.21 9.40 -8.80
C LYS A 45 8.07 8.59 -9.45
N LEU A 46 7.01 8.32 -8.69
CA LEU A 46 5.79 7.67 -9.14
C LEU A 46 4.70 8.73 -9.30
N SER A 47 3.62 8.37 -9.97
CA SER A 47 2.43 9.21 -10.07
C SER A 47 1.54 9.02 -8.85
N GLU A 48 0.68 10.00 -8.56
CA GLU A 48 -0.30 9.93 -7.49
C GLU A 48 -1.13 8.65 -7.60
N VAL A 49 -1.56 8.32 -8.83
CA VAL A 49 -2.41 7.17 -9.08
C VAL A 49 -1.69 5.87 -8.70
N GLN A 50 -0.38 5.75 -8.92
CA GLN A 50 0.37 4.54 -8.55
C GLN A 50 0.25 4.29 -7.06
N VAL A 51 0.51 5.31 -6.26
CA VAL A 51 0.44 5.22 -4.81
C VAL A 51 -1.02 4.99 -4.36
N LYS A 52 -1.99 5.55 -5.09
CA LYS A 52 -3.41 5.25 -4.88
C LYS A 52 -3.66 3.75 -5.02
N ILE A 53 -3.11 3.10 -6.06
CA ILE A 53 -3.33 1.69 -6.37
C ILE A 53 -2.61 0.78 -5.35
N TRP A 54 -1.39 1.11 -4.93
CA TRP A 54 -0.68 0.22 -4.01
C TRP A 54 -1.43 0.12 -2.69
N PHE A 55 -1.81 1.27 -2.13
CA PHE A 55 -2.47 1.36 -0.84
C PHE A 55 -3.82 0.64 -0.87
N GLN A 56 -4.65 0.82 -1.91
CA GLN A 56 -5.93 0.13 -2.01
C GLN A 56 -5.71 -1.39 -1.99
N ASN A 57 -4.73 -1.85 -2.77
CA ASN A 57 -4.47 -3.28 -2.97
C ASN A 57 -4.06 -3.89 -1.65
N GLU A 58 -3.31 -3.13 -0.86
CA GLU A 58 -2.82 -3.55 0.43
C GLU A 58 -3.96 -3.55 1.43
N ARG A 59 -4.67 -2.44 1.58
CA ARG A 59 -5.80 -2.28 2.51
C ARG A 59 -6.82 -3.40 2.28
N ALA A 60 -7.10 -3.74 1.03
CA ALA A 60 -8.01 -4.82 0.67
C ALA A 60 -7.43 -6.19 1.03
N LYS A 61 -6.19 -6.50 0.61
CA LYS A 61 -5.60 -7.81 0.90
C LYS A 61 -5.47 -8.00 2.40
N TRP A 62 -5.08 -6.95 3.11
CA TRP A 62 -4.93 -6.93 4.55
C TRP A 62 -6.29 -7.15 5.21
N LYS A 63 -7.39 -6.61 4.66
CA LYS A 63 -8.71 -6.95 5.18
C LYS A 63 -9.02 -8.45 5.14
N ARG A 64 -8.43 -9.26 4.26
CA ARG A 64 -8.63 -10.72 4.32
C ARG A 64 -7.97 -11.36 5.54
N ILE A 65 -7.10 -10.64 6.25
CA ILE A 65 -6.47 -11.13 7.48
C ILE A 65 -7.47 -11.07 8.63
N LYS A 66 -8.26 -9.98 8.73
CA LYS A 66 -9.28 -9.80 9.79
C LYS A 66 -10.41 -10.84 9.75
N ALA A 67 -10.41 -11.72 8.75
CA ALA A 67 -11.04 -13.03 8.74
C ALA A 67 -12.57 -13.02 8.58
N GLY A 68 -13.22 -11.85 8.56
CA GLY A 68 -14.66 -11.79 8.71
C GLY A 68 -15.00 -12.00 10.18
N ASN A 69 -14.41 -11.16 11.04
CA ASN A 69 -14.66 -11.08 12.47
C ASN A 69 -16.07 -10.56 12.69
N VAL A 70 -17.04 -11.47 12.70
CA VAL A 70 -18.46 -11.21 12.94
C VAL A 70 -19.01 -10.10 12.02
N SER A 71 -18.45 -10.01 10.80
CA SER A 71 -18.88 -9.19 9.68
C SER A 71 -18.80 -7.70 9.99
N GLY A 1 -7.43 -26.40 -2.32
CA GLY A 1 -6.93 -25.24 -1.58
C GLY A 1 -7.56 -23.94 -2.08
N ALA A 2 -7.13 -22.82 -1.47
CA ALA A 2 -7.49 -21.43 -1.74
C ALA A 2 -9.01 -21.17 -1.81
N PRO A 3 -9.69 -20.92 -0.68
CA PRO A 3 -11.09 -20.51 -0.68
C PRO A 3 -11.27 -19.17 -1.41
N GLY A 4 -10.52 -18.15 -0.99
CA GLY A 4 -10.70 -16.78 -1.44
C GLY A 4 -9.82 -16.44 -2.65
N GLY A 5 -9.21 -17.44 -3.29
CA GLY A 5 -8.25 -17.21 -4.36
C GLY A 5 -8.95 -16.64 -5.58
N LYS A 6 -8.46 -15.50 -6.10
CA LYS A 6 -8.79 -15.00 -7.42
C LYS A 6 -7.64 -14.13 -7.95
N SER A 7 -6.41 -14.65 -7.95
CA SER A 7 -5.23 -14.00 -8.48
C SER A 7 -4.87 -12.69 -7.75
N ARG A 8 -4.01 -12.77 -6.74
CA ARG A 8 -3.57 -11.62 -5.93
C ARG A 8 -2.08 -11.74 -5.65
N ARG A 9 -1.28 -10.70 -5.91
CA ARG A 9 0.18 -10.70 -5.72
C ARG A 9 0.61 -9.45 -4.97
N ARG A 10 1.88 -9.31 -4.57
CA ARG A 10 2.31 -8.22 -3.70
C ARG A 10 3.77 -7.78 -3.91
N ARG A 11 4.23 -7.61 -5.16
CA ARG A 11 5.62 -7.21 -5.41
C ARG A 11 5.75 -6.34 -6.66
N THR A 12 5.17 -5.14 -6.68
CA THR A 12 5.38 -4.17 -7.77
C THR A 12 6.83 -3.65 -7.76
N ALA A 13 7.22 -2.87 -8.77
CA ALA A 13 8.61 -2.43 -9.02
C ALA A 13 9.05 -1.25 -8.15
N PHE A 14 8.63 -1.23 -6.90
CA PHE A 14 9.07 -0.25 -5.94
C PHE A 14 10.39 -0.80 -5.41
N THR A 15 11.42 0.04 -5.38
CA THR A 15 12.69 -0.24 -4.72
C THR A 15 12.53 0.11 -3.26
N SER A 16 13.39 -0.39 -2.38
CA SER A 16 13.25 -0.24 -0.94
C SER A 16 13.04 1.21 -0.50
N GLU A 17 13.73 2.12 -1.19
CA GLU A 17 13.72 3.56 -1.06
C GLU A 17 12.39 4.19 -1.44
N GLN A 18 11.53 3.46 -2.13
CA GLN A 18 10.14 3.81 -2.45
C GLN A 18 9.13 3.07 -1.57
N LEU A 19 9.50 1.95 -0.92
CA LEU A 19 8.64 1.27 0.05
C LEU A 19 8.73 1.92 1.44
N LEU A 20 9.79 2.65 1.78
CA LEU A 20 10.08 3.04 3.16
C LEU A 20 9.09 4.11 3.62
N GLU A 21 9.10 5.24 2.92
CA GLU A 21 8.28 6.43 3.09
C GLU A 21 6.80 6.01 3.09
N LEU A 22 6.45 5.10 2.18
CA LEU A 22 5.16 4.43 2.05
C LEU A 22 4.71 3.76 3.34
N ARG A 23 5.64 3.12 4.07
CA ARG A 23 5.33 2.39 5.29
C ARG A 23 5.36 3.36 6.48
N LYS A 24 6.07 4.50 6.39
CA LYS A 24 6.00 5.54 7.41
C LYS A 24 4.55 6.01 7.51
N GLU A 25 4.00 6.41 6.36
CA GLU A 25 2.65 6.91 6.18
C GLU A 25 1.61 5.90 6.66
N PHE A 26 1.84 4.61 6.42
CA PHE A 26 0.91 3.54 6.77
C PHE A 26 0.65 3.47 8.27
N HIS A 27 1.65 3.77 9.09
CA HIS A 27 1.61 3.60 10.53
C HIS A 27 1.08 4.87 11.23
N CYS A 28 0.44 5.81 10.51
CA CYS A 28 -0.08 7.02 11.13
C CYS A 28 -1.33 7.56 10.43
N LYS A 29 -1.27 7.83 9.12
CA LYS A 29 -2.48 8.00 8.30
C LYS A 29 -2.99 6.59 7.97
N LYS A 30 -4.10 6.53 7.23
CA LYS A 30 -4.67 5.30 6.67
C LYS A 30 -4.98 5.47 5.19
N TYR A 31 -5.16 6.70 4.72
CA TYR A 31 -5.36 6.99 3.31
C TYR A 31 -4.81 8.37 2.98
N LEU A 32 -4.22 8.49 1.80
CA LEU A 32 -3.71 9.73 1.24
C LEU A 32 -4.87 10.47 0.59
N SER A 33 -5.08 11.75 0.94
CA SER A 33 -5.95 12.62 0.16
C SER A 33 -5.29 13.02 -1.17
N LEU A 34 -5.95 13.89 -1.94
CA LEU A 34 -5.62 14.21 -3.33
C LEU A 34 -4.20 14.74 -3.45
N THR A 35 -3.90 15.80 -2.71
CA THR A 35 -2.59 16.44 -2.73
C THR A 35 -1.55 15.51 -2.12
N GLU A 36 -1.88 14.79 -1.04
CA GLU A 36 -0.98 13.83 -0.39
C GLU A 36 -0.50 12.78 -1.41
N ARG A 37 -1.45 12.15 -2.11
CA ARG A 37 -1.16 11.20 -3.19
C ARG A 37 -0.13 11.77 -4.16
N SER A 38 -0.27 13.04 -4.54
CA SER A 38 0.64 13.69 -5.46
C SER A 38 2.02 13.85 -4.83
N GLN A 39 2.11 14.26 -3.56
CA GLN A 39 3.36 14.44 -2.82
C GLN A 39 4.12 13.12 -2.73
N ILE A 40 3.54 12.08 -2.13
CA ILE A 40 4.21 10.81 -1.87
C ILE A 40 4.71 10.18 -3.20
N ALA A 41 4.02 10.50 -4.29
CA ALA A 41 4.32 10.01 -5.62
C ALA A 41 5.46 10.81 -6.21
N HIS A 42 5.32 12.14 -6.22
CA HIS A 42 6.32 13.07 -6.71
C HIS A 42 7.65 12.86 -5.99
N ALA A 43 7.61 12.65 -4.66
CA ALA A 43 8.81 12.48 -3.87
C ALA A 43 9.64 11.31 -4.41
N LEU A 44 8.94 10.22 -4.72
CA LEU A 44 9.51 8.96 -5.17
C LEU A 44 9.53 8.90 -6.70
N LYS A 45 9.23 10.04 -7.35
CA LYS A 45 9.11 10.33 -8.77
C LYS A 45 8.14 9.44 -9.57
N LEU A 46 7.33 8.67 -8.87
CA LEU A 46 6.33 7.74 -9.37
C LEU A 46 5.05 8.48 -9.76
N SER A 47 4.16 7.82 -10.49
CA SER A 47 2.80 8.31 -10.74
C SER A 47 1.93 8.18 -9.49
N GLU A 48 0.88 8.99 -9.37
CA GLU A 48 -0.12 8.85 -8.30
C GLU A 48 -0.78 7.47 -8.35
N VAL A 49 -1.05 6.97 -9.57
CA VAL A 49 -1.64 5.66 -9.78
C VAL A 49 -0.71 4.56 -9.25
N GLN A 50 0.60 4.70 -9.37
CA GLN A 50 1.53 3.70 -8.86
C GLN A 50 1.37 3.61 -7.34
N VAL A 51 1.35 4.76 -6.66
CA VAL A 51 1.23 4.83 -5.21
C VAL A 51 -0.12 4.26 -4.75
N LYS A 52 -1.23 4.63 -5.40
CA LYS A 52 -2.56 4.16 -4.98
C LYS A 52 -2.65 2.64 -4.98
N ILE A 53 -1.92 1.97 -5.89
CA ILE A 53 -1.94 0.52 -6.01
C ILE A 53 -1.11 -0.10 -4.89
N TRP A 54 0.01 0.50 -4.48
CA TRP A 54 0.80 -0.05 -3.40
C TRP A 54 0.02 0.07 -2.08
N PHE A 55 -0.45 1.27 -1.75
CA PHE A 55 -1.19 1.52 -0.50
C PHE A 55 -2.39 0.59 -0.35
N GLN A 56 -3.17 0.36 -1.42
CA GLN A 56 -4.34 -0.51 -1.32
C GLN A 56 -3.96 -1.97 -1.08
N ASN A 57 -2.81 -2.39 -1.62
CA ASN A 57 -2.34 -3.76 -1.51
C ASN A 57 -1.75 -4.00 -0.12
N GLU A 58 -1.28 -2.93 0.52
CA GLU A 58 -0.73 -2.93 1.87
C GLU A 58 -1.85 -2.90 2.90
N ARG A 59 -2.83 -2.00 2.76
CA ARG A 59 -3.95 -1.94 3.68
C ARG A 59 -4.63 -3.29 3.77
N ALA A 60 -4.78 -3.93 2.61
CA ALA A 60 -5.28 -5.28 2.47
C ALA A 60 -4.38 -6.31 3.14
N LYS A 61 -3.08 -6.37 2.80
CA LYS A 61 -2.19 -7.41 3.33
C LYS A 61 -2.18 -7.37 4.84
N TRP A 62 -2.34 -6.20 5.44
CA TRP A 62 -2.38 -6.04 6.88
C TRP A 62 -3.80 -6.34 7.39
N LYS A 63 -4.86 -5.78 6.79
CA LYS A 63 -6.24 -6.03 7.24
C LYS A 63 -6.57 -7.51 7.26
N ARG A 64 -6.02 -8.32 6.35
CA ARG A 64 -6.33 -9.75 6.33
C ARG A 64 -5.82 -10.49 7.56
N ILE A 65 -4.80 -9.94 8.22
CA ILE A 65 -4.16 -10.53 9.40
C ILE A 65 -5.12 -10.50 10.61
N LYS A 66 -6.05 -9.54 10.63
CA LYS A 66 -7.04 -9.31 11.68
C LYS A 66 -7.91 -10.55 11.86
N ALA A 67 -7.43 -11.44 12.70
CA ALA A 67 -8.04 -12.71 13.07
C ALA A 67 -9.48 -12.53 13.54
N GLY A 68 -9.75 -11.49 14.33
CA GLY A 68 -11.02 -11.35 15.03
C GLY A 68 -11.15 -12.47 16.05
N ASN A 69 -12.37 -12.90 16.35
CA ASN A 69 -12.65 -14.10 17.15
C ASN A 69 -14.03 -14.62 16.78
N VAL A 70 -14.30 -14.65 15.47
CA VAL A 70 -15.46 -15.32 14.89
C VAL A 70 -15.22 -16.85 14.85
N SER A 71 -13.98 -17.26 15.13
CA SER A 71 -13.61 -18.63 15.43
C SER A 71 -14.13 -18.92 16.82
N GLY A 1 -15.86 2.86 -14.79
CA GLY A 1 -14.44 2.50 -14.63
C GLY A 1 -13.84 2.09 -15.96
N ALA A 2 -12.55 1.76 -15.96
CA ALA A 2 -11.76 1.27 -17.09
C ALA A 2 -10.88 0.10 -16.58
N PRO A 3 -10.27 -0.73 -17.44
CA PRO A 3 -9.47 -1.88 -17.01
C PRO A 3 -8.16 -1.47 -16.31
N GLY A 4 -7.33 -2.45 -15.93
CA GLY A 4 -6.05 -2.23 -15.27
C GLY A 4 -5.12 -3.45 -15.34
N GLY A 5 -5.67 -4.66 -15.33
CA GLY A 5 -4.92 -5.88 -15.55
C GLY A 5 -4.38 -6.45 -14.24
N LYS A 6 -3.45 -5.77 -13.57
CA LYS A 6 -3.15 -6.12 -12.18
C LYS A 6 -4.32 -5.68 -11.32
N SER A 7 -4.63 -6.45 -10.28
CA SER A 7 -5.53 -6.07 -9.20
C SER A 7 -4.95 -6.57 -7.87
N ARG A 8 -5.17 -7.83 -7.47
CA ARG A 8 -4.97 -8.25 -6.07
C ARG A 8 -4.19 -9.55 -5.91
N ARG A 9 -3.12 -9.74 -6.70
CA ARG A 9 -2.26 -10.92 -6.52
C ARG A 9 -1.38 -10.74 -5.27
N ARG A 10 -0.37 -9.87 -5.30
CA ARG A 10 0.61 -9.75 -4.22
C ARG A 10 1.28 -8.39 -4.27
N ARG A 11 2.29 -8.18 -3.41
CA ARG A 11 3.22 -7.06 -3.50
C ARG A 11 3.85 -6.98 -4.89
N THR A 12 4.52 -5.86 -5.18
CA THR A 12 5.31 -5.66 -6.38
C THR A 12 6.72 -5.21 -5.97
N ALA A 13 7.64 -5.14 -6.92
CA ALA A 13 8.96 -4.56 -6.73
C ALA A 13 8.83 -3.09 -6.36
N PHE A 14 8.99 -2.82 -5.07
CA PHE A 14 9.30 -1.57 -4.39
C PHE A 14 10.68 -1.80 -3.76
N THR A 15 11.49 -0.76 -3.56
CA THR A 15 12.77 -0.85 -2.84
C THR A 15 12.57 -0.33 -1.44
N SER A 16 13.45 -0.68 -0.51
CA SER A 16 13.20 -0.47 0.90
C SER A 16 12.93 0.99 1.26
N GLU A 17 13.56 1.90 0.50
CA GLU A 17 13.30 3.34 0.53
C GLU A 17 11.82 3.63 0.29
N GLN A 18 11.28 3.08 -0.78
CA GLN A 18 9.91 3.25 -1.20
C GLN A 18 9.00 2.58 -0.18
N LEU A 19 9.38 1.40 0.37
CA LEU A 19 8.58 0.75 1.39
C LEU A 19 8.56 1.59 2.67
N LEU A 20 9.52 2.52 2.87
CA LEU A 20 9.65 3.27 4.10
C LEU A 20 8.65 4.41 4.11
N GLU A 21 8.62 5.22 3.04
CA GLU A 21 7.73 6.38 2.95
C GLU A 21 6.26 5.93 2.98
N LEU A 22 6.02 4.75 2.43
CA LEU A 22 4.70 4.11 2.43
C LEU A 22 4.27 3.76 3.85
N ARG A 23 5.22 3.35 4.69
CA ARG A 23 4.92 3.00 6.05
C ARG A 23 4.77 4.28 6.86
N LYS A 24 5.39 5.40 6.45
CA LYS A 24 5.11 6.69 7.08
C LYS A 24 3.63 7.06 6.94
N GLU A 25 3.05 6.84 5.76
CA GLU A 25 1.62 7.03 5.47
C GLU A 25 0.73 5.98 6.12
N PHE A 26 1.29 4.95 6.76
CA PHE A 26 0.50 3.88 7.34
C PHE A 26 0.04 4.22 8.76
N HIS A 27 0.68 5.18 9.44
CA HIS A 27 0.41 5.51 10.84
C HIS A 27 -1.01 6.06 11.02
N CYS A 28 -1.44 7.05 10.24
CA CYS A 28 -2.74 7.70 10.44
C CYS A 28 -3.33 8.07 9.07
N LYS A 29 -3.90 7.10 8.36
CA LYS A 29 -4.62 7.39 7.14
C LYS A 29 -5.62 6.29 6.82
N LYS A 30 -6.90 6.63 6.74
CA LYS A 30 -7.97 5.71 6.37
C LYS A 30 -7.80 5.19 4.94
N TYR A 31 -7.48 6.06 3.98
CA TYR A 31 -7.25 5.79 2.57
C TYR A 31 -6.63 7.04 1.96
N LEU A 32 -5.97 6.93 0.81
CA LEU A 32 -5.49 8.11 0.07
C LEU A 32 -6.54 8.59 -0.93
N SER A 33 -6.63 9.90 -1.12
CA SER A 33 -7.46 10.57 -2.12
C SER A 33 -6.73 10.58 -3.48
N LEU A 34 -7.36 11.13 -4.52
CA LEU A 34 -6.81 11.18 -5.87
C LEU A 34 -5.57 12.07 -5.95
N THR A 35 -5.52 13.18 -5.19
CA THR A 35 -4.28 13.96 -5.07
C THR A 35 -3.25 13.09 -4.33
N GLU A 36 -3.61 12.60 -3.13
CA GLU A 36 -2.65 12.03 -2.20
C GLU A 36 -1.88 10.90 -2.85
N ARG A 37 -2.60 9.95 -3.46
CA ARG A 37 -1.99 8.78 -4.09
C ARG A 37 -1.08 9.18 -5.25
N SER A 38 -1.38 10.28 -5.94
CA SER A 38 -0.52 10.86 -6.96
C SER A 38 0.77 11.38 -6.31
N GLN A 39 0.70 12.08 -5.18
CA GLN A 39 1.85 12.65 -4.50
C GLN A 39 2.82 11.57 -4.07
N ILE A 40 2.34 10.50 -3.42
CA ILE A 40 3.19 9.41 -2.94
C ILE A 40 3.81 8.65 -4.13
N ALA A 41 3.10 8.65 -5.25
CA ALA A 41 3.50 7.96 -6.47
C ALA A 41 4.63 8.74 -7.14
N HIS A 42 4.45 10.06 -7.32
CA HIS A 42 5.48 10.95 -7.83
C HIS A 42 6.69 10.98 -6.91
N ALA A 43 6.47 10.94 -5.59
CA ALA A 43 7.55 11.01 -4.61
C ALA A 43 8.53 9.84 -4.75
N LEU A 44 8.10 8.76 -5.41
CA LEU A 44 8.79 7.48 -5.47
C LEU A 44 8.93 6.99 -6.91
N LYS A 45 8.67 7.83 -7.92
CA LYS A 45 8.80 7.50 -9.35
C LYS A 45 7.94 6.32 -9.80
N LEU A 46 6.91 5.98 -9.02
CA LEU A 46 6.05 4.83 -9.23
C LEU A 46 4.75 5.25 -9.89
N SER A 47 4.05 4.28 -10.47
CA SER A 47 2.70 4.47 -11.00
C SER A 47 1.71 4.47 -9.84
N GLU A 48 0.60 5.22 -9.91
CA GLU A 48 -0.38 5.28 -8.86
C GLU A 48 -1.01 3.91 -8.55
N VAL A 49 -1.22 3.09 -9.58
CA VAL A 49 -1.71 1.73 -9.43
C VAL A 49 -0.71 0.88 -8.62
N GLN A 50 0.59 1.05 -8.82
CA GLN A 50 1.60 0.33 -8.06
C GLN A 50 1.43 0.68 -6.58
N VAL A 51 1.27 1.97 -6.25
CA VAL A 51 1.04 2.44 -4.88
C VAL A 51 -0.23 1.82 -4.32
N LYS A 52 -1.37 1.85 -5.04
CA LYS A 52 -2.63 1.34 -4.50
C LYS A 52 -2.54 -0.16 -4.22
N ILE A 53 -1.71 -0.91 -4.96
CA ILE A 53 -1.47 -2.34 -4.73
C ILE A 53 -0.56 -2.52 -3.52
N TRP A 54 0.42 -1.64 -3.27
CA TRP A 54 1.27 -1.78 -2.10
C TRP A 54 0.45 -1.55 -0.84
N PHE A 55 -0.29 -0.44 -0.77
CA PHE A 55 -1.06 -0.05 0.39
C PHE A 55 -2.01 -1.19 0.80
N GLN A 56 -2.79 -1.76 -0.13
CA GLN A 56 -3.67 -2.90 0.18
C GLN A 56 -2.91 -4.10 0.77
N ASN A 57 -1.70 -4.37 0.27
CA ASN A 57 -0.95 -5.56 0.61
C ASN A 57 -0.48 -5.46 2.05
N GLU A 58 -0.10 -4.25 2.45
CA GLU A 58 0.39 -3.97 3.78
C GLU A 58 -0.79 -3.91 4.75
N ARG A 59 -1.89 -3.27 4.34
CA ARG A 59 -3.07 -3.12 5.19
C ARG A 59 -3.67 -4.46 5.59
N ALA A 60 -3.45 -5.52 4.80
CA ALA A 60 -3.83 -6.88 5.17
C ALA A 60 -2.77 -7.49 6.09
N LYS A 61 -1.49 -7.38 5.74
CA LYS A 61 -0.42 -7.99 6.53
C LYS A 61 -0.34 -7.41 7.94
N TRP A 62 -0.84 -6.19 8.15
CA TRP A 62 -1.06 -5.66 9.48
C TRP A 62 -2.37 -6.20 10.07
N LYS A 63 -3.52 -6.08 9.39
CA LYS A 63 -4.79 -6.50 9.99
C LYS A 63 -4.82 -7.98 10.39
N ARG A 64 -4.04 -8.85 9.78
CA ARG A 64 -3.96 -10.25 10.21
C ARG A 64 -3.49 -10.42 11.67
N ILE A 65 -2.70 -9.45 12.15
CA ILE A 65 -2.12 -9.36 13.49
C ILE A 65 -3.17 -8.98 14.55
N LYS A 66 -4.43 -8.76 14.18
CA LYS A 66 -5.54 -8.63 15.16
C LYS A 66 -5.86 -9.96 15.88
N ALA A 67 -4.84 -10.57 16.49
CA ALA A 67 -4.88 -11.86 17.16
C ALA A 67 -5.95 -11.88 18.24
N GLY A 68 -5.83 -10.94 19.19
CA GLY A 68 -6.66 -10.76 20.37
C GLY A 68 -8.07 -10.34 19.98
N ASN A 69 -8.76 -11.26 19.33
CA ASN A 69 -10.06 -11.13 18.71
C ASN A 69 -10.55 -12.53 18.36
N VAL A 70 -10.13 -13.54 19.11
CA VAL A 70 -10.50 -14.94 18.88
C VAL A 70 -12.02 -15.11 19.04
N SER A 71 -12.71 -14.17 19.69
CA SER A 71 -13.52 -14.46 20.86
C SER A 71 -12.63 -15.29 21.77
N GLY A 1 1.23 -21.52 7.29
CA GLY A 1 1.80 -20.60 6.29
C GLY A 1 3.08 -19.96 6.80
N ALA A 2 4.12 -20.75 7.01
CA ALA A 2 5.40 -20.31 7.56
C ALA A 2 6.03 -19.24 6.64
N PRO A 3 6.94 -18.40 7.16
CA PRO A 3 7.71 -17.49 6.33
C PRO A 3 8.53 -18.32 5.34
N GLY A 4 8.19 -18.22 4.06
CA GLY A 4 8.83 -18.94 2.98
C GLY A 4 8.25 -18.43 1.68
N GLY A 5 7.16 -19.04 1.25
CA GLY A 5 6.57 -18.72 -0.05
C GLY A 5 5.89 -17.36 -0.04
N LYS A 6 5.80 -16.75 -1.22
CA LYS A 6 5.13 -15.47 -1.47
C LYS A 6 3.84 -15.75 -2.25
N SER A 7 3.08 -14.72 -2.59
CA SER A 7 1.87 -14.85 -3.39
C SER A 7 2.21 -14.59 -4.85
N ARG A 8 2.90 -13.47 -5.15
CA ARG A 8 3.19 -12.99 -6.52
C ARG A 8 1.92 -12.83 -7.38
N ARG A 9 0.71 -12.75 -6.80
CA ARG A 9 -0.55 -12.75 -7.56
C ARG A 9 -1.33 -11.43 -7.50
N ARG A 10 -1.21 -10.62 -6.44
CA ARG A 10 -2.08 -9.44 -6.28
C ARG A 10 -1.28 -8.20 -5.87
N ARG A 11 -0.59 -7.58 -6.83
CA ARG A 11 0.27 -6.40 -6.66
C ARG A 11 0.87 -6.02 -8.03
N THR A 12 1.10 -4.73 -8.27
CA THR A 12 1.79 -4.22 -9.46
C THR A 12 3.32 -4.40 -9.30
N ALA A 13 4.12 -3.75 -10.14
CA ALA A 13 5.58 -3.76 -10.15
C ALA A 13 6.24 -2.87 -9.10
N PHE A 14 5.62 -2.75 -7.92
CA PHE A 14 6.23 -2.01 -6.84
C PHE A 14 7.33 -2.88 -6.25
N THR A 15 8.56 -2.38 -6.28
CA THR A 15 9.69 -3.00 -5.61
C THR A 15 9.55 -2.85 -4.09
N SER A 16 10.41 -3.53 -3.34
CA SER A 16 10.42 -3.53 -1.90
C SER A 16 10.46 -2.14 -1.29
N GLU A 17 11.21 -1.23 -1.92
CA GLU A 17 11.41 0.14 -1.48
C GLU A 17 10.07 0.85 -1.52
N GLN A 18 9.42 0.76 -2.67
CA GLN A 18 8.12 1.34 -2.92
C GLN A 18 7.07 0.68 -2.01
N LEU A 19 7.28 -0.58 -1.64
CA LEU A 19 6.38 -1.29 -0.74
C LEU A 19 6.67 -0.97 0.73
N LEU A 20 7.82 -0.38 1.07
CA LEU A 20 8.21 -0.17 2.45
C LEU A 20 7.45 1.03 2.99
N GLU A 21 7.60 2.17 2.33
CA GLU A 21 7.08 3.47 2.74
C GLU A 21 5.55 3.43 2.73
N LEU A 22 4.98 2.73 1.74
CA LEU A 22 3.55 2.48 1.60
C LEU A 22 3.03 1.65 2.77
N ARG A 23 3.81 0.67 3.23
CA ARG A 23 3.41 -0.19 4.34
C ARG A 23 3.73 0.48 5.67
N LYS A 24 4.37 1.65 5.64
CA LYS A 24 4.47 2.58 6.75
C LYS A 24 3.20 3.44 6.78
N GLU A 25 3.00 4.30 5.77
CA GLU A 25 1.95 5.33 5.74
C GLU A 25 0.58 4.73 6.00
N PHE A 26 0.27 3.57 5.42
CA PHE A 26 -1.07 3.01 5.57
C PHE A 26 -1.40 2.63 7.02
N HIS A 27 -0.40 2.34 7.85
CA HIS A 27 -0.63 1.98 9.24
C HIS A 27 -0.63 3.21 10.16
N CYS A 28 -0.28 4.40 9.66
CA CYS A 28 -0.24 5.61 10.47
C CYS A 28 -1.25 6.67 10.04
N LYS A 29 -1.94 6.49 8.91
CA LYS A 29 -3.02 7.34 8.42
C LYS A 29 -4.33 6.56 8.36
N LYS A 30 -5.45 7.27 8.23
CA LYS A 30 -6.71 6.72 7.70
C LYS A 30 -6.73 6.83 6.18
N TYR A 31 -6.40 8.00 5.65
CA TYR A 31 -6.38 8.32 4.23
C TYR A 31 -5.33 9.40 4.01
N LEU A 32 -5.06 9.73 2.74
CA LEU A 32 -4.06 10.71 2.35
C LEU A 32 -4.70 11.80 1.51
N SER A 33 -3.97 12.88 1.31
CA SER A 33 -4.37 14.09 0.57
C SER A 33 -3.34 14.33 -0.54
N LEU A 34 -3.55 15.32 -1.43
CA LEU A 34 -2.60 15.64 -2.48
C LEU A 34 -1.22 15.94 -1.89
N THR A 35 -1.14 16.75 -0.83
CA THR A 35 0.12 17.09 -0.20
C THR A 35 0.81 15.88 0.43
N GLU A 36 0.06 14.85 0.84
CA GLU A 36 0.67 13.63 1.34
C GLU A 36 1.30 12.89 0.15
N ARG A 37 0.49 12.60 -0.88
CA ARG A 37 0.94 11.86 -2.06
C ARG A 37 2.09 12.56 -2.75
N SER A 38 2.10 13.89 -2.78
CA SER A 38 3.18 14.71 -3.32
C SER A 38 4.55 14.26 -2.83
N GLN A 39 4.64 13.86 -1.56
CA GLN A 39 5.86 13.43 -0.92
C GLN A 39 6.13 11.99 -1.33
N ILE A 40 5.28 11.04 -0.97
CA ILE A 40 5.54 9.60 -1.12
C ILE A 40 5.61 9.18 -2.59
N ALA A 41 5.05 9.96 -3.51
CA ALA A 41 5.15 9.74 -4.95
C ALA A 41 6.52 10.19 -5.43
N HIS A 42 6.99 11.32 -4.92
CA HIS A 42 8.35 11.75 -5.20
C HIS A 42 9.32 10.74 -4.61
N ALA A 43 9.07 10.35 -3.35
CA ALA A 43 10.06 9.67 -2.52
C ALA A 43 10.41 8.29 -3.09
N LEU A 44 9.47 7.70 -3.82
CA LEU A 44 9.58 6.37 -4.42
C LEU A 44 9.66 6.46 -5.94
N LYS A 45 9.88 7.68 -6.46
CA LYS A 45 10.10 8.00 -7.86
C LYS A 45 8.95 7.57 -8.77
N LEU A 46 7.75 7.50 -8.22
CA LEU A 46 6.53 7.09 -8.91
C LEU A 46 5.85 8.31 -9.55
N SER A 47 4.70 8.11 -10.21
CA SER A 47 3.74 9.19 -10.47
C SER A 47 2.68 9.11 -9.37
N GLU A 48 2.06 10.24 -9.03
CA GLU A 48 1.00 10.35 -8.02
C GLU A 48 -0.12 9.32 -8.25
N VAL A 49 -0.41 9.03 -9.53
CA VAL A 49 -1.38 8.04 -9.97
C VAL A 49 -0.99 6.64 -9.51
N GLN A 50 0.24 6.19 -9.74
CA GLN A 50 0.64 4.84 -9.38
C GLN A 50 0.43 4.61 -7.89
N VAL A 51 0.76 5.61 -7.07
CA VAL A 51 0.58 5.58 -5.62
C VAL A 51 -0.90 5.51 -5.28
N LYS A 52 -1.73 6.38 -5.86
CA LYS A 52 -3.16 6.44 -5.52
C LYS A 52 -3.85 5.12 -5.85
N ILE A 53 -3.35 4.38 -6.84
CA ILE A 53 -3.90 3.07 -7.18
C ILE A 53 -3.44 2.01 -6.16
N TRP A 54 -2.26 2.12 -5.55
CA TRP A 54 -1.85 1.15 -4.52
C TRP A 54 -2.75 1.32 -3.29
N PHE A 55 -2.80 2.52 -2.71
CA PHE A 55 -3.49 2.75 -1.43
C PHE A 55 -5.01 2.48 -1.51
N GLN A 56 -5.64 2.61 -2.67
CA GLN A 56 -7.06 2.25 -2.82
C GLN A 56 -7.27 0.74 -2.90
N ASN A 57 -6.31 0.03 -3.50
CA ASN A 57 -6.36 -1.39 -3.71
C ASN A 57 -6.05 -2.09 -2.41
N GLU A 58 -5.23 -1.46 -1.59
CA GLU A 58 -4.81 -2.02 -0.33
C GLU A 58 -5.90 -1.80 0.71
N ARG A 59 -6.61 -0.64 0.72
CA ARG A 59 -7.62 -0.37 1.73
C ARG A 59 -8.63 -1.51 1.71
N ALA A 60 -8.99 -1.96 0.51
CA ALA A 60 -9.90 -3.08 0.31
C ALA A 60 -9.26 -4.40 0.77
N LYS A 61 -8.06 -4.71 0.31
CA LYS A 61 -7.38 -5.97 0.59
C LYS A 61 -7.04 -6.10 2.08
N TRP A 62 -6.84 -4.99 2.79
CA TRP A 62 -6.64 -4.97 4.23
C TRP A 62 -7.99 -5.08 4.94
N LYS A 63 -9.04 -4.40 4.46
CA LYS A 63 -10.37 -4.54 5.05
C LYS A 63 -10.88 -5.97 5.07
N ARG A 64 -10.37 -6.89 4.25
CA ARG A 64 -10.73 -8.31 4.38
C ARG A 64 -10.01 -9.01 5.53
N ILE A 65 -8.88 -8.47 5.97
CA ILE A 65 -8.08 -8.97 7.10
C ILE A 65 -8.71 -8.57 8.44
N LYS A 66 -9.82 -7.82 8.46
CA LYS A 66 -10.52 -7.49 9.70
C LYS A 66 -10.83 -8.71 10.58
N ALA A 67 -10.74 -9.94 10.06
CA ALA A 67 -10.89 -11.18 10.80
C ALA A 67 -9.60 -11.95 11.08
N GLY A 68 -8.49 -11.58 10.44
CA GLY A 68 -7.22 -12.30 10.53
C GLY A 68 -6.43 -11.88 11.77
N ASN A 69 -7.09 -11.59 12.89
CA ASN A 69 -6.47 -10.97 14.05
C ASN A 69 -7.09 -11.43 15.36
N VAL A 70 -7.89 -12.50 15.31
CA VAL A 70 -8.40 -13.23 16.47
C VAL A 70 -7.28 -14.07 17.12
N SER A 71 -6.02 -13.85 16.75
CA SER A 71 -4.82 -14.39 17.39
C SER A 71 -3.72 -13.34 17.32
N GLY A 1 -12.36 -14.46 10.02
CA GLY A 1 -12.73 -15.75 9.44
C GLY A 1 -12.24 -15.87 8.01
N ALA A 2 -11.98 -17.09 7.55
CA ALA A 2 -11.17 -17.44 6.40
C ALA A 2 -9.74 -16.86 6.53
N PRO A 3 -8.87 -17.49 7.36
CA PRO A 3 -7.47 -17.14 7.47
C PRO A 3 -6.71 -17.61 6.22
N GLY A 4 -6.87 -16.89 5.10
CA GLY A 4 -6.38 -17.34 3.81
C GLY A 4 -6.68 -16.30 2.76
N GLY A 5 -5.63 -15.61 2.30
CA GLY A 5 -5.65 -14.63 1.23
C GLY A 5 -4.24 -14.16 0.93
N LYS A 6 -3.32 -15.08 0.64
CA LYS A 6 -1.91 -14.77 0.37
C LYS A 6 -1.74 -14.46 -1.12
N SER A 7 -1.42 -13.21 -1.49
CA SER A 7 -1.22 -12.80 -2.87
C SER A 7 0.01 -11.90 -2.99
N ARG A 8 0.92 -12.16 -3.93
CA ARG A 8 2.14 -11.36 -4.10
C ARG A 8 2.50 -11.23 -5.58
N ARG A 9 1.55 -10.82 -6.41
CA ARG A 9 1.74 -10.64 -7.86
C ARG A 9 0.91 -9.43 -8.32
N ARG A 10 0.87 -9.15 -9.62
CA ARG A 10 0.07 -8.08 -10.23
C ARG A 10 0.48 -6.68 -9.74
N ARG A 11 1.78 -6.45 -9.49
CA ARG A 11 2.33 -5.23 -8.91
C ARG A 11 3.19 -4.51 -9.94
N THR A 12 3.84 -3.42 -9.55
CA THR A 12 4.88 -2.73 -10.30
C THR A 12 6.20 -2.90 -9.53
N ALA A 13 7.31 -2.43 -10.10
CA ALA A 13 8.65 -2.56 -9.53
C ALA A 13 8.90 -1.50 -8.45
N PHE A 14 8.26 -1.65 -7.30
CA PHE A 14 8.52 -0.81 -6.11
C PHE A 14 9.57 -1.54 -5.27
N THR A 15 10.76 -0.98 -5.13
CA THR A 15 11.81 -1.53 -4.25
C THR A 15 11.36 -1.46 -2.79
N SER A 16 12.04 -2.16 -1.90
CA SER A 16 11.70 -2.19 -0.48
C SER A 16 11.91 -0.84 0.21
N GLU A 17 12.63 0.08 -0.43
CA GLU A 17 12.72 1.46 0.04
C GLU A 17 11.39 2.15 -0.15
N GLN A 18 10.79 1.95 -1.32
CA GLN A 18 9.55 2.56 -1.73
C GLN A 18 8.42 1.95 -0.92
N LEU A 19 8.50 0.64 -0.64
CA LEU A 19 7.54 -0.05 0.21
C LEU A 19 7.60 0.43 1.67
N LEU A 20 8.69 1.06 2.10
CA LEU A 20 8.92 1.39 3.51
C LEU A 20 7.96 2.53 3.89
N GLU A 21 8.01 3.60 3.09
CA GLU A 21 7.27 4.83 3.31
C GLU A 21 5.80 4.66 2.95
N LEU A 22 5.48 3.73 2.05
CA LEU A 22 4.11 3.34 1.77
C LEU A 22 3.46 2.71 3.01
N ARG A 23 4.21 1.93 3.80
CA ARG A 23 3.63 1.15 4.89
C ARG A 23 3.43 2.03 6.10
N LYS A 24 4.25 3.07 6.29
CA LYS A 24 4.09 3.95 7.44
C LYS A 24 2.80 4.76 7.27
N GLU A 25 2.61 5.33 6.09
CA GLU A 25 1.50 6.20 5.76
C GLU A 25 0.19 5.42 5.66
N PHE A 26 0.24 4.16 5.21
CA PHE A 26 -0.94 3.32 5.10
C PHE A 26 -1.76 3.31 6.39
N HIS A 27 -1.04 3.21 7.51
CA HIS A 27 -1.56 3.11 8.85
C HIS A 27 -2.01 4.50 9.35
N CYS A 28 -1.45 5.57 8.80
CA CYS A 28 -1.73 6.95 9.16
C CYS A 28 -3.05 7.44 8.56
N LYS A 29 -3.28 7.23 7.26
CA LYS A 29 -4.55 7.56 6.61
C LYS A 29 -5.01 6.39 5.77
N LYS A 30 -6.20 5.87 6.07
CA LYS A 30 -6.93 4.92 5.24
C LYS A 30 -7.08 5.36 3.77
N TYR A 31 -7.04 6.67 3.49
CA TYR A 31 -7.07 7.23 2.13
C TYR A 31 -6.20 8.47 2.14
N LEU A 32 -5.08 8.48 1.42
CA LEU A 32 -4.26 9.68 1.29
C LEU A 32 -4.98 10.66 0.37
N SER A 33 -5.12 11.91 0.83
CA SER A 33 -5.55 13.06 0.05
C SER A 33 -4.50 13.40 -1.03
N LEU A 34 -4.81 14.37 -1.88
CA LEU A 34 -4.05 14.75 -3.07
C LEU A 34 -2.60 15.03 -2.69
N THR A 35 -2.41 15.98 -1.77
CA THR A 35 -1.10 16.41 -1.35
C THR A 35 -0.42 15.29 -0.56
N GLU A 36 -1.16 14.57 0.29
CA GLU A 36 -0.61 13.55 1.17
C GLU A 36 0.19 12.57 0.31
N ARG A 37 -0.45 11.89 -0.66
CA ARG A 37 0.27 10.92 -1.48
C ARG A 37 1.36 11.55 -2.33
N SER A 38 1.12 12.75 -2.82
CA SER A 38 1.98 13.46 -3.76
C SER A 38 3.43 13.48 -3.27
N GLN A 39 3.61 13.70 -1.96
CA GLN A 39 4.92 13.80 -1.34
C GLN A 39 5.60 12.45 -1.51
N ILE A 40 4.95 11.38 -1.07
CA ILE A 40 5.43 10.00 -1.11
C ILE A 40 5.57 9.46 -2.55
N ALA A 41 5.10 10.17 -3.58
CA ALA A 41 5.48 9.86 -4.96
C ALA A 41 6.85 10.47 -5.23
N HIS A 42 6.95 11.78 -5.07
CA HIS A 42 8.15 12.55 -5.31
C HIS A 42 9.32 12.04 -4.45
N ALA A 43 9.07 11.74 -3.18
CA ALA A 43 10.03 11.25 -2.20
C ALA A 43 10.47 9.82 -2.48
N LEU A 44 9.83 9.12 -3.42
CA LEU A 44 10.15 7.76 -3.81
C LEU A 44 10.38 7.66 -5.31
N LYS A 45 10.58 8.79 -6.03
CA LYS A 45 10.87 8.79 -7.45
C LYS A 45 9.78 8.14 -8.32
N LEU A 46 8.56 8.00 -7.79
CA LEU A 46 7.41 7.37 -8.45
C LEU A 46 6.44 8.44 -8.92
N SER A 47 5.50 8.07 -9.78
CA SER A 47 4.41 8.94 -10.19
C SER A 47 3.26 8.85 -9.18
N GLU A 48 2.40 9.87 -9.15
CA GLU A 48 1.25 9.93 -8.24
C GLU A 48 0.33 8.73 -8.47
N VAL A 49 0.07 8.43 -9.74
CA VAL A 49 -0.82 7.34 -10.11
C VAL A 49 -0.27 6.01 -9.60
N GLN A 50 1.04 5.78 -9.70
CA GLN A 50 1.64 4.55 -9.20
C GLN A 50 1.36 4.43 -7.69
N VAL A 51 1.63 5.48 -6.91
CA VAL A 51 1.38 5.46 -5.47
C VAL A 51 -0.11 5.24 -5.18
N LYS A 52 -1.02 5.94 -5.89
CA LYS A 52 -2.45 5.80 -5.60
C LYS A 52 -2.88 4.35 -5.83
N ILE A 53 -2.25 3.65 -6.77
CA ILE A 53 -2.58 2.27 -7.11
C ILE A 53 -1.97 1.32 -6.08
N TRP A 54 -0.77 1.57 -5.55
CA TRP A 54 -0.22 0.70 -4.52
C TRP A 54 -1.12 0.73 -3.28
N PHE A 55 -1.35 1.91 -2.70
CA PHE A 55 -2.08 2.03 -1.44
C PHE A 55 -3.45 1.35 -1.54
N GLN A 56 -4.18 1.59 -2.63
CA GLN A 56 -5.50 0.98 -2.80
C GLN A 56 -5.42 -0.55 -2.87
N ASN A 57 -4.41 -1.09 -3.57
CA ASN A 57 -4.24 -2.51 -3.74
C ASN A 57 -3.93 -3.11 -2.38
N GLU A 58 -3.13 -2.39 -1.60
CA GLU A 58 -2.63 -2.88 -0.33
C GLU A 58 -3.76 -2.89 0.69
N ARG A 59 -4.63 -1.87 0.70
CA ARG A 59 -5.78 -1.81 1.60
C ARG A 59 -6.61 -3.08 1.46
N ALA A 60 -6.84 -3.52 0.23
CA ALA A 60 -7.69 -4.68 -0.02
C ALA A 60 -6.99 -5.97 0.36
N LYS A 61 -5.69 -6.06 0.10
CA LYS A 61 -4.85 -7.16 0.51
C LYS A 61 -4.82 -7.26 2.03
N TRP A 62 -4.58 -6.17 2.74
CA TRP A 62 -4.48 -6.18 4.19
C TRP A 62 -5.84 -6.49 4.79
N LYS A 63 -6.95 -6.10 4.16
CA LYS A 63 -8.26 -6.58 4.62
C LYS A 63 -8.44 -8.10 4.48
N ARG A 64 -7.55 -8.85 3.83
CA ARG A 64 -7.53 -10.32 3.80
C ARG A 64 -6.59 -10.88 4.90
N ILE A 65 -6.10 -10.04 5.82
CA ILE A 65 -5.18 -10.37 6.91
C ILE A 65 -5.82 -10.07 8.28
N LYS A 66 -6.93 -9.31 8.32
CA LYS A 66 -7.72 -9.08 9.54
C LYS A 66 -8.38 -10.40 9.96
N ALA A 67 -7.61 -11.29 10.57
CA ALA A 67 -8.05 -12.64 10.88
C ALA A 67 -9.25 -12.66 11.82
N GLY A 68 -9.24 -11.76 12.80
CA GLY A 68 -10.30 -11.56 13.78
C GLY A 68 -9.95 -12.11 15.15
N ASN A 69 -9.03 -13.07 15.25
CA ASN A 69 -8.66 -13.77 16.47
C ASN A 69 -7.23 -14.20 16.28
N VAL A 70 -6.50 -14.20 17.39
CA VAL A 70 -5.33 -15.04 17.56
C VAL A 70 -5.85 -16.48 17.64
N SER A 71 -6.10 -17.08 16.48
CA SER A 71 -6.08 -18.52 16.32
C SER A 71 -4.61 -18.84 16.18
#